data_7PY4
#
_entry.id   7PY4
#
_cell.length_a   1.00
_cell.length_b   1.00
_cell.length_c   1.00
_cell.angle_alpha   90.00
_cell.angle_beta   90.00
_cell.angle_gamma   90.00
#
_symmetry.space_group_name_H-M   'P 1'
#
loop_
_entity.id
_entity.type
_entity.pdbx_description
1 polymer 'Phospholipid-transporting ATPase IC'
2 polymer 'Cell cycle control protein 50A'
3 branched beta-D-mannopyranose-(1-4)-2-acetamido-2-deoxy-beta-D-glucopyranose-(1-4)-2-acetamido-2-deoxy-beta-D-glucopyranose
4 non-polymer 'MAGNESIUM ION'
5 non-polymer 'BERYLLIUM TRIFLUORIDE ION'
6 non-polymer 'CHOLESTEROL HEMISUCCINATE'
7 non-polymer 2-acetamido-2-deoxy-beta-D-glucopyranose
#
loop_
_entity_poly.entity_id
_entity_poly.type
_entity_poly.pdbx_seq_one_letter_code
_entity_poly.pdbx_strand_id
1 'polypeptide(L)'
;GGGGGMSTERDSETTFDEDSQPNDEVVPYSDDETEDELDDQGSAVEPEQNRVNREAEENREPFRKECTWQVKANDRKYHE
QPHFMNTKFLCIKESKYANNAIKTYKYNAFTFIPMNLFEQFKRAANLYFLALLILQAVPQISTLAWYTTLVPLLVVLGVT
AIKDLVDDVARHKMDKEINNRTCEVIKDGRFKVAKWKEIQVGDVIRLKKNDFVPADILLLSSSEPNSLCYVETAELDGET
NLKFKMSLEITDQYLQREDTLATFDGFIECEEPNNRLDKFTGTLFWRNTSFPLDADKILLRGCVIRNTDFCHGLVIFAGA
DTKIMKNSGKTRFKRTKIDYLMNYMVYTIFVVLILLSAGLAIGHAYWEAQVGNSSWYLYDGEDDTPSYRGFLIFWGYIIV
LNTMVPISLYVSVEVIRLGQSHFINWDLQMYYAEKDTPAKARTTTLNEQLGQIHYIFSDKTGTLTQNIMTFKKCCINGQI
YGDHRDASQHNHNKIEQVDFSWNTYADGKLAFYDHYLIEQIQSGKEPEVRQFFFLLAVCHTVMVDRTDGQLNYQAASPDE
GALVNAARNFGFAFLARTQNTITISELGTERTYNVLAILDFNSDRKRMSIIVRTPEGNIKLYCKGADTVIYERLHRMNPT
KQETQDALDIFANETLRTLCLCYKEIEEKEFTEWNKKFMAASVASTNRDEALDKVYEEIEKDLILLGATAIEDKLQDGVP
ETISKLAKADIKIWVLTGDKKETAENIGFACELLTEDTTICYGEDINSLLHARMENQRNRGGVYAKFAPPVQESFFPPGG
NRALIITGSWLNEILLEKKTKRNKILKLKFPRTEEERRMRTQSKRRLEAKKEQRQKNFVDLACECSAVICCRVTPKQKAM
VVDLVKRYKKAITLAIGDGANDVNMIKTAHIGVGISGQEGMQAVMSSDYSFAQFRYLQRLLLVHGRWSYIRMCKFLRYFF
YKNFAFTLVHFWYSFFNGYSAQTAYEDWFITLYNVLYTSLPVLLMGLLDQDVSDKLSLRFPGLYIVGQRDLLFNYKRFFV
SLLHGVLTSMILFFIPLGAYLQTVGQDGEAPSDYQSFAVTIASALVITVNFQIGLDTSYWTFVNAFSIFGSIALYFGIMF
DFHSAGIHVLFPSAFQFTGTASNALRQPYIWLTIILTVAVCLLPVVAIRFLSMTIWPSESDKIQKHRKRLKAEEQWQRRQ
QVFRRGVSTRRSAYAFSHQRGYADLISSGRSIRKKRSPLDAIVADGTAEYRRTGDS
;
A
2 'polypeptide(L)'
;TRRPDNTAFKQQRLPAWQPILTAGTVLPIFFIIGLIFIPIGIGIFVTSNNIREIEIDYTGTEPSSPCNKCLSPDVTPCFC
TINFTLEKSFEGNVFMYYGLSNFYQNHRRYVKSRDDSQLNGDSSALLNPSKECEPYRRNEDKPIAPCGAIANSMFNDTLE
LFLIGNDSYPIPIALKKKGIAWWTDKNVKFRNPPGGDNLEERFKGTTKPVNWLKPVYMLDSDPDNNGFINEDFIVWMRTA
ALPTFRKLYRLIERKSDLHPTLPAGRYSLNVTYNYPVHYFDGRKRMILSTISWMGGKNPFLGIAYIAVGSISFLLGVVLL
VINHKYR
;
B
#
loop_
_chem_comp.id
_chem_comp.type
_chem_comp.name
_chem_comp.formula
BEF non-polymer 'BERYLLIUM TRIFLUORIDE ION' 'Be F3 -1'
BMA D-saccharide, beta linking beta-D-mannopyranose 'C6 H12 O6'
MG non-polymer 'MAGNESIUM ION' 'Mg 2'
NAG D-saccharide, beta linking 2-acetamido-2-deoxy-beta-D-glucopyranose 'C8 H15 N O6'
Y01 non-polymer 'CHOLESTEROL HEMISUCCINATE' 'C31 H50 O4'
#
# COMPACT_ATOMS: atom_id res chain seq x y z
N GLN A 21 38.81 -25.97 -7.20
CA GLN A 21 37.67 -26.73 -7.71
C GLN A 21 36.59 -25.82 -8.29
N PRO A 22 36.09 -24.85 -7.52
CA PRO A 22 35.05 -23.97 -8.06
C PRO A 22 35.56 -23.19 -9.27
N ASN A 23 34.68 -23.00 -10.24
CA ASN A 23 35.01 -22.34 -11.49
C ASN A 23 34.29 -21.00 -11.58
N ASP A 24 35.02 -19.97 -12.00
CA ASP A 24 34.50 -18.61 -12.07
C ASP A 24 33.95 -18.24 -13.45
N GLU A 25 33.91 -19.19 -14.38
CA GLU A 25 33.52 -18.91 -15.75
C GLU A 25 32.30 -19.70 -16.22
N VAL A 26 31.66 -20.46 -15.33
CA VAL A 26 30.50 -21.25 -15.69
C VAL A 26 29.43 -21.06 -14.62
N VAL A 27 28.20 -20.84 -15.07
CA VAL A 27 27.05 -20.78 -14.16
C VAL A 27 26.71 -22.20 -13.71
N PRO A 28 26.47 -22.45 -12.41
CA PRO A 28 26.21 -23.83 -11.97
C PRO A 28 24.78 -24.29 -12.17
N TYR A 29 24.46 -24.73 -13.39
CA TYR A 29 23.13 -25.27 -13.65
C TYR A 29 22.94 -26.63 -13.00
N SER A 30 24.02 -27.42 -12.88
CA SER A 30 23.89 -28.76 -12.32
C SER A 30 23.44 -28.71 -10.87
N ASP A 31 23.95 -27.74 -10.10
CA ASP A 31 23.64 -27.64 -8.67
C ASP A 31 22.34 -26.88 -8.43
N ASP A 32 21.27 -27.34 -9.09
CA ASP A 32 19.95 -26.71 -8.96
C ASP A 32 18.85 -27.76 -9.02
N THR A 68 10.64 -41.44 -22.85
CA THR A 68 11.34 -40.21 -23.21
C THR A 68 10.46 -39.33 -24.11
N TRP A 69 10.77 -38.03 -24.12
CA TRP A 69 10.04 -37.10 -24.96
C TRP A 69 10.17 -37.50 -26.42
N GLN A 70 9.05 -37.52 -27.13
CA GLN A 70 9.00 -37.95 -28.53
C GLN A 70 8.37 -36.86 -29.37
N VAL A 71 9.01 -36.52 -30.48
CA VAL A 71 8.56 -35.45 -31.37
C VAL A 71 8.52 -35.98 -32.79
N LYS A 72 7.41 -35.73 -33.48
CA LYS A 72 7.25 -36.09 -34.88
C LYS A 72 7.04 -34.83 -35.69
N ALA A 73 7.72 -34.73 -36.83
CA ALA A 73 7.65 -33.53 -37.65
C ALA A 73 6.37 -33.51 -38.48
N ASN A 74 5.76 -32.33 -38.57
CA ASN A 74 4.57 -32.12 -39.40
C ASN A 74 3.45 -33.09 -39.04
N ASP A 75 3.32 -33.38 -37.74
CA ASP A 75 2.28 -34.28 -37.24
C ASP A 75 1.67 -33.71 -35.96
N ARG A 76 1.35 -32.42 -35.97
CA ARG A 76 0.71 -31.79 -34.82
C ARG A 76 -0.69 -32.35 -34.60
N THR A 111 -19.92 -14.94 -12.94
CA THR A 111 -18.80 -14.01 -12.83
C THR A 111 -18.82 -13.29 -11.49
N PHE A 112 -20.01 -13.16 -10.90
CA PHE A 112 -20.18 -12.47 -9.63
C PHE A 112 -20.28 -13.41 -8.44
N ILE A 113 -20.89 -14.59 -8.61
CA ILE A 113 -21.00 -15.53 -7.49
C ILE A 113 -19.64 -15.95 -6.95
N PRO A 114 -18.63 -16.25 -7.78
CA PRO A 114 -17.37 -16.71 -7.19
C PRO A 114 -16.64 -15.60 -6.44
N MET A 115 -16.73 -14.35 -6.90
CA MET A 115 -16.15 -13.25 -6.17
C MET A 115 -16.82 -13.07 -4.82
N ASN A 116 -18.15 -13.17 -4.78
CA ASN A 116 -18.87 -13.06 -3.52
C ASN A 116 -18.48 -14.17 -2.57
N LEU A 117 -18.40 -15.41 -3.07
CA LEU A 117 -18.00 -16.52 -2.22
C LEU A 117 -16.58 -16.33 -1.69
N PHE A 118 -15.67 -15.89 -2.55
CA PHE A 118 -14.29 -15.68 -2.14
C PHE A 118 -14.21 -14.64 -1.03
N GLU A 119 -14.89 -13.50 -1.22
CA GLU A 119 -14.82 -12.44 -0.22
C GLU A 119 -15.51 -12.86 1.07
N GLN A 120 -16.60 -13.61 0.98
CA GLN A 120 -17.27 -14.08 2.19
C GLN A 120 -16.38 -15.01 2.99
N PHE A 121 -15.83 -16.04 2.34
CA PHE A 121 -15.07 -17.04 3.07
C PHE A 121 -13.72 -16.48 3.53
N LYS A 122 -12.93 -15.93 2.61
CA LYS A 122 -11.60 -15.46 2.98
C LYS A 122 -11.67 -14.36 4.02
N ARG A 123 -12.60 -13.42 3.86
CA ARG A 123 -12.75 -12.31 4.79
C ARG A 123 -13.75 -12.71 5.88
N ALA A 124 -13.22 -12.97 7.09
CA ALA A 124 -14.08 -13.40 8.19
C ALA A 124 -15.10 -12.33 8.58
N ALA A 125 -14.85 -11.07 8.23
CA ALA A 125 -15.77 -10.01 8.60
C ALA A 125 -17.14 -10.21 7.95
N ASN A 126 -17.16 -10.63 6.69
CA ASN A 126 -18.43 -10.84 6.01
C ASN A 126 -19.23 -11.97 6.64
N LEU A 127 -18.57 -13.07 6.99
CA LEU A 127 -19.26 -14.15 7.70
C LEU A 127 -19.76 -13.67 9.06
N TYR A 128 -18.96 -12.85 9.74
CA TYR A 128 -19.38 -12.28 11.02
C TYR A 128 -20.66 -11.46 10.85
N PHE A 129 -20.71 -10.63 9.80
CA PHE A 129 -21.89 -9.80 9.59
C PHE A 129 -23.10 -10.64 9.19
N LEU A 130 -22.89 -11.71 8.43
CA LEU A 130 -23.99 -12.62 8.10
C LEU A 130 -24.51 -13.30 9.36
N ALA A 131 -23.60 -13.69 10.27
CA ALA A 131 -24.02 -14.26 11.54
C ALA A 131 -24.81 -13.24 12.37
N LEU A 132 -24.37 -11.98 12.35
CA LEU A 132 -25.14 -10.94 13.03
C LEU A 132 -26.54 -10.81 12.43
N LEU A 133 -26.64 -10.90 11.11
CA LEU A 133 -27.95 -10.87 10.47
C LEU A 133 -28.82 -12.02 10.97
N ILE A 134 -28.26 -13.23 10.99
CA ILE A 134 -29.02 -14.39 11.46
C ILE A 134 -29.49 -14.18 12.89
N LEU A 135 -28.61 -13.64 13.74
CA LEU A 135 -29.00 -13.36 15.12
C LEU A 135 -30.14 -12.34 15.17
N GLN A 136 -30.04 -11.29 14.35
CA GLN A 136 -31.09 -10.27 14.30
C GLN A 136 -32.41 -10.85 13.83
N ALA A 137 -32.39 -11.95 13.06
CA ALA A 137 -33.63 -12.57 12.63
C ALA A 137 -34.44 -13.07 13.82
N VAL A 138 -33.78 -13.69 14.79
CA VAL A 138 -34.49 -14.26 15.94
C VAL A 138 -35.16 -13.15 16.73
N PRO A 139 -36.44 -13.29 17.12
CA PRO A 139 -37.10 -12.22 17.88
C PRO A 139 -36.80 -12.21 19.36
N GLN A 140 -36.47 -13.36 19.96
CA GLN A 140 -36.22 -13.41 21.39
C GLN A 140 -34.95 -12.66 21.79
N ILE A 141 -34.02 -12.48 20.86
CA ILE A 141 -32.75 -11.84 21.17
C ILE A 141 -32.53 -10.54 20.39
N SER A 142 -33.24 -10.31 19.29
CA SER A 142 -32.98 -9.15 18.45
C SER A 142 -33.10 -7.86 19.26
N THR A 143 -32.10 -6.98 19.09
CA THR A 143 -32.14 -5.64 19.66
C THR A 143 -32.07 -4.55 18.62
N LEU A 144 -31.83 -4.89 17.35
CA LEU A 144 -31.78 -3.93 16.25
C LEU A 144 -32.50 -4.51 15.05
N ALA A 145 -33.04 -3.62 14.22
CA ALA A 145 -33.79 -4.05 13.05
C ALA A 145 -32.86 -4.67 12.02
N TRP A 146 -33.46 -5.44 11.10
CA TRP A 146 -32.72 -6.09 10.04
C TRP A 146 -32.16 -5.13 9.00
N TYR A 147 -32.64 -3.88 8.98
CA TYR A 147 -32.09 -2.90 8.06
C TYR A 147 -30.64 -2.58 8.39
N THR A 148 -30.29 -2.61 9.68
CA THR A 148 -29.04 -2.02 10.14
C THR A 148 -27.83 -2.70 9.50
N THR A 149 -27.85 -4.03 9.42
CA THR A 149 -26.70 -4.78 8.95
C THR A 149 -26.74 -5.08 7.46
N LEU A 150 -27.89 -4.95 6.79
CA LEU A 150 -27.93 -5.13 5.35
C LEU A 150 -27.67 -3.85 4.58
N VAL A 151 -28.29 -2.74 4.98
CA VAL A 151 -28.18 -1.50 4.22
C VAL A 151 -26.71 -1.17 3.99
N PRO A 152 -25.83 -1.30 4.99
CA PRO A 152 -24.40 -1.09 4.73
C PRO A 152 -23.74 -2.28 4.02
N LEU A 153 -24.17 -3.50 4.36
CA LEU A 153 -23.52 -4.68 3.81
C LEU A 153 -23.74 -4.79 2.31
N LEU A 154 -24.95 -4.46 1.83
CA LEU A 154 -25.20 -4.49 0.40
C LEU A 154 -24.33 -3.48 -0.34
N VAL A 155 -24.15 -2.30 0.26
CA VAL A 155 -23.27 -1.28 -0.35
C VAL A 155 -21.84 -1.80 -0.40
N VAL A 156 -21.38 -2.43 0.69
CA VAL A 156 -20.03 -3.00 0.70
C VAL A 156 -19.88 -4.03 -0.41
N LEU A 157 -20.86 -4.92 -0.54
CA LEU A 157 -20.79 -5.96 -1.56
C LEU A 157 -20.77 -5.35 -2.96
N GLY A 158 -21.61 -4.35 -3.20
CA GLY A 158 -21.65 -3.73 -4.51
C GLY A 158 -20.34 -3.05 -4.86
N VAL A 159 -19.78 -2.30 -3.92
CA VAL A 159 -18.52 -1.61 -4.18
C VAL A 159 -17.41 -2.62 -4.46
N THR A 160 -17.33 -3.67 -3.64
CA THR A 160 -16.28 -4.67 -3.85
C THR A 160 -16.45 -5.35 -5.20
N ALA A 161 -17.68 -5.69 -5.58
CA ALA A 161 -17.91 -6.33 -6.87
C ALA A 161 -17.52 -5.40 -8.03
N ILE A 162 -17.85 -4.12 -7.91
CA ILE A 162 -17.50 -3.17 -8.98
C ILE A 162 -15.99 -3.08 -9.11
N LYS A 163 -15.28 -2.96 -7.98
CA LYS A 163 -13.82 -2.89 -8.06
C LYS A 163 -13.24 -4.16 -8.66
N ASP A 164 -13.78 -5.32 -8.27
CA ASP A 164 -13.26 -6.57 -8.82
C ASP A 164 -13.49 -6.63 -10.33
N LEU A 165 -14.66 -6.20 -10.79
CA LEU A 165 -14.92 -6.20 -12.23
C LEU A 165 -13.96 -5.27 -12.96
N VAL A 166 -13.72 -4.08 -12.41
CA VAL A 166 -12.79 -3.15 -13.06
C VAL A 166 -11.39 -3.75 -13.12
N ASP A 167 -10.95 -4.37 -12.03
CA ASP A 167 -9.61 -4.97 -12.02
C ASP A 167 -9.52 -6.10 -13.03
N ASP A 168 -10.56 -6.92 -13.13
CA ASP A 168 -10.55 -8.00 -14.12
C ASP A 168 -10.47 -7.44 -15.54
N VAL A 169 -11.24 -6.39 -15.81
CA VAL A 169 -11.21 -5.78 -17.13
C VAL A 169 -9.80 -5.26 -17.45
N ALA A 170 -9.20 -4.57 -16.49
CA ALA A 170 -7.85 -4.03 -16.72
C ALA A 170 -6.84 -5.14 -16.95
N ARG A 171 -6.91 -6.21 -16.16
CA ARG A 171 -5.99 -7.33 -16.33
C ARG A 171 -6.16 -7.98 -17.69
N HIS A 172 -7.40 -8.22 -18.10
CA HIS A 172 -7.65 -8.81 -19.41
C HIS A 172 -7.13 -7.91 -20.52
N LYS A 173 -7.32 -6.60 -20.38
CA LYS A 173 -6.74 -5.67 -21.34
C LYS A 173 -5.24 -5.85 -21.42
N MET A 174 -4.53 -5.55 -20.33
CA MET A 174 -3.08 -5.72 -20.33
C MET A 174 -2.67 -7.01 -21.03
N ASP A 175 -3.31 -8.13 -20.67
CA ASP A 175 -2.94 -9.41 -21.27
C ASP A 175 -3.14 -9.39 -22.78
N LYS A 176 -4.27 -8.85 -23.24
CA LYS A 176 -4.59 -8.90 -24.67
C LYS A 176 -3.65 -8.00 -25.48
N GLU A 177 -3.45 -6.76 -25.02
CA GLU A 177 -2.64 -5.80 -25.76
C GLU A 177 -1.14 -5.92 -25.49
N ILE A 178 -0.69 -6.87 -24.67
CA ILE A 178 0.74 -7.15 -24.59
C ILE A 178 1.12 -8.51 -25.19
N ASN A 179 0.15 -9.34 -25.56
CA ASN A 179 0.40 -10.67 -26.10
C ASN A 179 0.32 -10.71 -27.63
N ASN A 180 0.76 -9.64 -28.30
CA ASN A 180 0.71 -9.55 -29.76
C ASN A 180 2.08 -9.91 -30.33
N ARG A 181 2.25 -11.19 -30.67
CA ARG A 181 3.48 -11.69 -31.28
C ARG A 181 3.13 -12.77 -32.29
N THR A 182 3.88 -12.83 -33.38
CA THR A 182 3.58 -13.74 -34.48
C THR A 182 4.86 -14.39 -34.98
N CYS A 183 4.69 -15.53 -35.67
CA CYS A 183 5.80 -16.25 -36.26
C CYS A 183 5.28 -17.06 -37.45
N GLU A 184 6.21 -17.45 -38.32
CA GLU A 184 5.85 -18.25 -39.48
C GLU A 184 5.94 -19.73 -39.14
N VAL A 185 4.91 -20.48 -39.55
CA VAL A 185 4.79 -21.89 -39.20
C VAL A 185 4.36 -22.66 -40.45
N ILE A 186 4.63 -23.96 -40.44
CA ILE A 186 4.20 -24.85 -41.52
C ILE A 186 3.03 -25.65 -40.96
N LYS A 187 1.82 -25.14 -41.17
CA LYS A 187 0.60 -25.86 -40.84
C LYS A 187 -0.24 -26.17 -42.06
N ASP A 188 0.22 -25.79 -43.25
CA ASP A 188 -0.47 -26.05 -44.50
C ASP A 188 0.60 -26.26 -45.58
N GLY A 189 0.21 -26.17 -46.85
CA GLY A 189 1.15 -26.40 -47.93
C GLY A 189 2.38 -25.53 -47.87
N ARG A 190 2.27 -24.32 -47.34
CA ARG A 190 3.40 -23.40 -47.24
C ARG A 190 3.32 -22.64 -45.93
N PHE A 191 4.26 -21.72 -45.74
CA PHE A 191 4.36 -20.99 -44.48
C PHE A 191 3.15 -20.09 -44.27
N LYS A 192 2.72 -19.98 -43.01
CA LYS A 192 1.59 -19.15 -42.62
C LYS A 192 1.96 -18.39 -41.36
N VAL A 193 1.44 -17.17 -41.24
CA VAL A 193 1.60 -16.41 -40.01
C VAL A 193 0.69 -17.00 -38.94
N ALA A 194 1.20 -17.09 -37.71
CA ALA A 194 0.43 -17.65 -36.61
C ALA A 194 0.97 -17.10 -35.30
N LYS A 195 0.08 -16.89 -34.34
CA LYS A 195 0.51 -16.39 -33.04
C LYS A 195 1.30 -17.46 -32.31
N TRP A 196 2.05 -17.03 -31.29
CA TRP A 196 2.87 -17.96 -30.53
C TRP A 196 2.05 -19.01 -29.82
N LYS A 197 0.75 -18.78 -29.62
CA LYS A 197 -0.08 -19.76 -28.95
C LYS A 197 -0.44 -20.94 -29.85
N GLU A 198 -0.42 -20.77 -31.16
CA GLU A 198 -0.73 -21.85 -32.09
C GLU A 198 0.53 -22.60 -32.52
N ILE A 199 1.32 -23.06 -31.55
CA ILE A 199 2.53 -23.83 -31.80
C ILE A 199 2.38 -25.18 -31.14
N GLN A 200 2.63 -26.25 -31.90
CA GLN A 200 2.52 -27.62 -31.42
C GLN A 200 3.88 -28.28 -31.53
N VAL A 201 4.28 -28.98 -30.47
CA VAL A 201 5.57 -29.67 -30.45
C VAL A 201 5.66 -30.59 -31.67
N GLY A 202 6.65 -30.34 -32.51
CA GLY A 202 6.85 -31.11 -33.72
C GLY A 202 6.42 -30.45 -35.00
N ASP A 203 6.35 -29.12 -35.04
CA ASP A 203 5.97 -28.37 -36.23
C ASP A 203 7.10 -27.44 -36.62
N VAL A 204 7.50 -27.49 -37.88
CA VAL A 204 8.64 -26.71 -38.36
C VAL A 204 8.23 -25.25 -38.53
N ILE A 205 9.18 -24.35 -38.33
CA ILE A 205 8.94 -22.92 -38.33
C ILE A 205 10.15 -22.21 -38.95
N ARG A 206 9.94 -20.93 -39.28
CA ARG A 206 10.98 -20.07 -39.85
C ARG A 206 11.04 -18.77 -39.07
N LEU A 207 12.26 -18.29 -38.82
CA LEU A 207 12.49 -17.04 -38.11
C LEU A 207 13.38 -16.15 -38.95
N LYS A 208 13.29 -14.84 -38.69
CA LYS A 208 14.06 -13.82 -39.40
C LYS A 208 15.01 -13.13 -38.43
N LYS A 209 15.72 -12.13 -38.94
CA LYS A 209 16.67 -11.38 -38.10
C LYS A 209 15.93 -10.71 -36.95
N ASN A 210 16.56 -10.71 -35.78
CA ASN A 210 16.06 -9.97 -34.62
C ASN A 210 14.69 -10.47 -34.17
N ASP A 211 14.35 -11.71 -34.51
CA ASP A 211 13.07 -12.29 -34.15
C ASP A 211 13.26 -13.20 -32.95
N PHE A 212 12.58 -12.88 -31.85
CA PHE A 212 12.67 -13.71 -30.65
C PHE A 212 12.21 -15.13 -30.96
N VAL A 213 12.94 -16.10 -30.43
CA VAL A 213 12.60 -17.50 -30.69
C VAL A 213 11.34 -17.87 -29.91
N PRO A 214 10.32 -18.43 -30.54
CA PRO A 214 9.08 -18.73 -29.79
C PRO A 214 9.25 -19.86 -28.80
N ALA A 215 9.91 -20.94 -29.19
CA ALA A 215 10.10 -22.09 -28.32
C ALA A 215 11.39 -22.79 -28.72
N ASP A 216 11.77 -23.79 -27.92
CA ASP A 216 13.00 -24.52 -28.19
C ASP A 216 12.95 -25.12 -29.60
N ILE A 217 14.02 -24.93 -30.35
CA ILE A 217 14.07 -25.28 -31.76
C ILE A 217 15.31 -26.12 -32.04
N LEU A 218 15.16 -27.11 -32.90
CA LEU A 218 16.30 -27.84 -33.45
C LEU A 218 16.62 -27.21 -34.80
N LEU A 219 17.67 -26.40 -34.83
CA LEU A 219 18.00 -25.65 -36.04
C LEU A 219 18.22 -26.61 -37.20
N LEU A 220 17.43 -26.45 -38.26
CA LEU A 220 17.50 -27.34 -39.41
C LEU A 220 18.23 -26.73 -40.60
N SER A 221 18.09 -25.43 -40.82
CA SER A 221 18.74 -24.80 -41.97
C SER A 221 18.83 -23.30 -41.73
N SER A 222 19.72 -22.65 -42.47
CA SER A 222 19.88 -21.21 -42.40
C SER A 222 20.53 -20.72 -43.68
N SER A 223 20.40 -19.42 -43.93
CA SER A 223 21.00 -18.83 -45.12
C SER A 223 22.52 -18.77 -45.02
N GLU A 224 23.05 -18.69 -43.81
CA GLU A 224 24.49 -18.62 -43.63
C GLU A 224 25.17 -19.90 -44.11
N PRO A 225 26.43 -19.83 -44.50
CA PRO A 225 27.13 -21.06 -44.92
C PRO A 225 27.19 -22.07 -43.77
N ASN A 226 27.07 -23.34 -44.13
CA ASN A 226 27.05 -24.44 -43.16
C ASN A 226 25.91 -24.30 -42.16
N SER A 227 24.87 -23.54 -42.51
CA SER A 227 23.68 -23.39 -41.66
C SER A 227 24.05 -22.91 -40.26
N LEU A 228 24.99 -21.98 -40.18
CA LEU A 228 25.30 -21.32 -38.92
C LEU A 228 24.22 -20.31 -38.56
N CYS A 229 24.09 -20.04 -37.27
CA CYS A 229 23.15 -19.03 -36.81
C CYS A 229 23.67 -18.42 -35.53
N TYR A 230 23.70 -17.09 -35.48
CA TYR A 230 24.20 -16.36 -34.31
C TYR A 230 23.01 -15.88 -33.48
N VAL A 231 23.09 -16.11 -32.18
CA VAL A 231 22.01 -15.80 -31.25
C VAL A 231 22.55 -14.99 -30.09
N GLU A 232 21.81 -13.96 -29.69
CA GLU A 232 22.10 -13.18 -28.51
C GLU A 232 21.19 -13.66 -27.38
N THR A 233 21.80 -13.98 -26.24
CA THR A 233 21.09 -14.51 -25.08
C THR A 233 21.22 -13.56 -23.89
N ALA A 234 21.07 -12.25 -24.14
CA ALA A 234 21.23 -11.28 -23.08
C ALA A 234 20.14 -11.39 -22.02
N GLU A 235 19.05 -12.11 -22.32
CA GLU A 235 17.94 -12.23 -21.37
C GLU A 235 17.87 -13.60 -20.71
N LEU A 236 18.32 -14.66 -21.39
CA LEU A 236 18.51 -15.94 -20.70
C LEU A 236 19.59 -15.81 -19.64
N ASP A 237 20.67 -15.10 -19.96
CA ASP A 237 21.69 -14.74 -18.99
C ASP A 237 22.24 -13.38 -19.37
N GLY A 238 22.86 -12.72 -18.40
CA GLY A 238 23.34 -11.37 -18.63
C GLY A 238 24.62 -11.28 -19.44
N GLU A 239 24.65 -11.96 -20.58
CA GLU A 239 25.83 -11.98 -21.44
C GLU A 239 25.52 -11.23 -22.73
N THR A 240 26.37 -10.26 -23.05
CA THR A 240 26.14 -9.35 -24.16
C THR A 240 26.85 -9.77 -25.45
N ASN A 241 27.53 -10.90 -25.46
CA ASN A 241 28.19 -11.40 -26.66
C ASN A 241 27.30 -12.42 -27.36
N LEU A 242 27.58 -12.65 -28.63
CA LEU A 242 26.76 -13.49 -29.49
C LEU A 242 27.33 -14.90 -29.55
N LYS A 243 26.49 -15.89 -29.29
CA LYS A 243 26.87 -17.29 -29.45
C LYS A 243 26.50 -17.76 -30.84
N PHE A 244 27.08 -18.90 -31.25
CA PHE A 244 26.83 -19.46 -32.56
C PHE A 244 26.37 -20.90 -32.43
N LYS A 245 25.36 -21.26 -33.22
CA LYS A 245 24.78 -22.59 -33.25
C LYS A 245 24.88 -23.14 -34.67
N MET A 246 25.13 -24.44 -34.77
CA MET A 246 25.23 -25.13 -36.05
C MET A 246 24.33 -26.35 -36.03
N SER A 247 23.85 -26.74 -37.20
CA SER A 247 22.95 -27.87 -37.35
C SER A 247 23.69 -29.09 -37.89
N LEU A 248 22.97 -30.19 -37.99
CA LEU A 248 23.53 -31.42 -38.52
C LEU A 248 23.87 -31.25 -39.99
N GLU A 249 24.92 -31.95 -40.44
CA GLU A 249 25.25 -31.93 -41.86
C GLU A 249 24.14 -32.53 -42.70
N ILE A 250 23.44 -33.53 -42.16
CA ILE A 250 22.39 -34.20 -42.92
C ILE A 250 21.23 -33.26 -43.17
N THR A 251 20.76 -32.57 -42.13
CA THR A 251 19.66 -31.63 -42.28
C THR A 251 20.08 -30.33 -42.94
N ASP A 252 21.38 -30.06 -43.01
CA ASP A 252 21.85 -28.82 -43.64
C ASP A 252 21.78 -28.91 -45.16
N GLN A 253 22.09 -30.07 -45.73
CA GLN A 253 22.21 -30.23 -47.16
C GLN A 253 20.93 -30.73 -47.83
N TYR A 254 19.85 -30.90 -47.07
CA TYR A 254 18.59 -31.38 -47.63
C TYR A 254 17.37 -30.54 -47.24
N LEU A 255 17.47 -29.67 -46.23
CA LEU A 255 16.34 -28.85 -45.79
C LEU A 255 16.62 -27.37 -46.05
N GLN A 256 17.18 -27.05 -47.21
CA GLN A 256 17.45 -25.68 -47.58
C GLN A 256 16.26 -24.98 -48.23
N ARG A 257 15.17 -25.71 -48.47
CA ARG A 257 14.00 -25.17 -49.16
C ARG A 257 12.74 -25.53 -48.40
N GLU A 258 11.74 -24.65 -48.49
CA GLU A 258 10.45 -24.92 -47.85
C GLU A 258 9.78 -26.14 -48.46
N ASP A 259 10.10 -26.47 -49.71
CA ASP A 259 9.49 -27.61 -50.36
C ASP A 259 9.78 -28.90 -49.61
N THR A 260 11.04 -29.09 -49.19
CA THR A 260 11.40 -30.27 -48.42
C THR A 260 10.94 -30.16 -46.98
N LEU A 261 10.92 -28.95 -46.42
CA LEU A 261 10.46 -28.77 -45.04
C LEU A 261 9.00 -29.20 -44.91
N ALA A 262 8.17 -28.85 -45.88
CA ALA A 262 6.76 -29.21 -45.82
C ALA A 262 6.59 -30.73 -45.74
N THR A 263 7.37 -31.47 -46.50
CA THR A 263 7.33 -32.92 -46.49
C THR A 263 8.28 -33.54 -45.48
N PHE A 264 8.99 -32.73 -44.71
CA PHE A 264 9.93 -33.26 -43.72
C PHE A 264 9.18 -34.13 -42.71
N ASP A 265 9.71 -35.34 -42.47
CA ASP A 265 9.11 -36.29 -41.55
C ASP A 265 10.25 -37.01 -40.83
N GLY A 266 10.63 -36.50 -39.66
CA GLY A 266 11.69 -37.10 -38.88
C GLY A 266 11.27 -37.27 -37.43
N PHE A 267 11.75 -38.34 -36.84
CA PHE A 267 11.46 -38.67 -35.45
C PHE A 267 12.55 -38.12 -34.55
N ILE A 268 12.18 -37.71 -33.34
CA ILE A 268 13.14 -37.22 -32.36
C ILE A 268 12.79 -37.82 -31.00
N GLU A 269 13.77 -38.39 -30.32
CA GLU A 269 13.62 -38.85 -28.95
C GLU A 269 14.62 -38.12 -28.09
N CYS A 270 14.13 -37.37 -27.10
CA CYS A 270 14.99 -36.52 -26.29
C CYS A 270 14.55 -36.59 -24.84
N GLU A 271 15.35 -35.96 -23.98
CA GLU A 271 15.06 -35.94 -22.56
C GLU A 271 13.77 -35.18 -22.27
N GLU A 272 13.15 -35.50 -21.14
CA GLU A 272 11.95 -34.79 -20.73
C GLU A 272 12.30 -33.35 -20.37
N PRO A 273 11.31 -32.45 -20.40
CA PRO A 273 11.60 -31.05 -20.12
C PRO A 273 12.26 -30.86 -18.76
N ASN A 274 13.23 -29.96 -18.71
CA ASN A 274 13.99 -29.70 -17.49
C ASN A 274 14.50 -28.27 -17.53
N ASN A 275 15.11 -27.86 -16.42
CA ASN A 275 15.57 -26.48 -16.23
C ASN A 275 17.08 -26.36 -16.37
N ARG A 276 17.68 -27.11 -17.30
CA ARG A 276 19.12 -27.10 -17.54
C ARG A 276 19.36 -26.52 -18.93
N LEU A 277 19.81 -25.27 -18.98
CA LEU A 277 19.92 -24.53 -20.23
C LEU A 277 21.24 -24.76 -20.96
N ASP A 278 22.15 -25.56 -20.42
CA ASP A 278 23.48 -25.72 -21.01
C ASP A 278 23.63 -26.99 -21.83
N LYS A 279 22.96 -28.08 -21.44
CA LYS A 279 23.12 -29.36 -22.10
C LYS A 279 21.77 -29.89 -22.58
N PHE A 280 21.83 -30.74 -23.60
CA PHE A 280 20.63 -31.36 -24.15
C PHE A 280 21.03 -32.65 -24.84
N THR A 281 20.57 -33.78 -24.31
CA THR A 281 20.88 -35.10 -24.85
C THR A 281 19.66 -35.66 -25.57
N GLY A 282 19.85 -36.13 -26.78
CA GLY A 282 18.75 -36.67 -27.54
C GLY A 282 19.24 -37.41 -28.77
N THR A 283 18.31 -37.68 -29.68
CA THR A 283 18.63 -38.38 -30.90
C THR A 283 17.56 -38.07 -31.95
N LEU A 284 18.00 -37.93 -33.20
CA LEU A 284 17.11 -37.68 -34.33
C LEU A 284 17.21 -38.87 -35.29
N PHE A 285 16.08 -39.51 -35.55
CA PHE A 285 16.00 -40.60 -36.49
C PHE A 285 15.38 -40.09 -37.79
N TRP A 286 16.11 -40.21 -38.89
CA TRP A 286 15.66 -39.77 -40.19
C TRP A 286 16.43 -40.51 -41.25
N ARG A 287 15.78 -40.74 -42.40
CA ARG A 287 16.40 -41.44 -43.52
C ARG A 287 16.94 -42.79 -43.06
N ASN A 288 16.22 -43.44 -42.15
CA ASN A 288 16.60 -44.75 -41.62
C ASN A 288 17.98 -44.72 -40.97
N THR A 289 18.33 -43.59 -40.34
CA THR A 289 19.60 -43.45 -39.65
C THR A 289 19.42 -42.58 -38.42
N SER A 290 20.28 -42.81 -37.43
CA SER A 290 20.23 -42.12 -36.15
C SER A 290 21.37 -41.13 -36.04
N PHE A 291 21.09 -39.93 -35.54
CA PHE A 291 22.08 -38.89 -35.37
C PHE A 291 21.96 -38.31 -33.97
N PRO A 292 23.04 -38.28 -33.18
CA PRO A 292 22.95 -37.67 -31.84
C PRO A 292 22.81 -36.16 -31.93
N LEU A 293 22.21 -35.59 -30.90
CA LEU A 293 22.01 -34.16 -30.78
C LEU A 293 22.84 -33.59 -29.64
N ASP A 294 23.01 -32.28 -29.65
CA ASP A 294 23.80 -31.60 -28.64
C ASP A 294 23.26 -30.19 -28.45
N ALA A 295 23.67 -29.54 -27.35
CA ALA A 295 23.16 -28.22 -27.03
C ALA A 295 23.49 -27.21 -28.13
N ASP A 296 24.55 -27.45 -28.90
CA ASP A 296 24.96 -26.53 -29.95
C ASP A 296 24.05 -26.57 -31.17
N LYS A 297 22.95 -27.30 -31.11
CA LYS A 297 21.98 -27.31 -32.20
C LYS A 297 20.61 -26.82 -31.77
N ILE A 298 20.43 -26.44 -30.51
CA ILE A 298 19.13 -26.08 -29.95
C ILE A 298 19.13 -24.60 -29.60
N LEU A 299 18.14 -23.88 -30.09
CA LEU A 299 17.93 -22.48 -29.75
C LEU A 299 16.83 -22.39 -28.69
N LEU A 300 17.11 -21.66 -27.61
CA LEU A 300 16.17 -21.55 -26.51
C LEU A 300 15.13 -20.46 -26.81
N ARG A 301 14.21 -20.26 -25.87
CA ARG A 301 13.10 -19.35 -26.10
C ARG A 301 13.51 -17.88 -25.99
N GLY A 302 14.40 -17.56 -25.06
CA GLY A 302 14.81 -16.18 -24.88
C GLY A 302 15.84 -15.68 -25.87
N CYS A 303 16.38 -16.55 -26.71
CA CYS A 303 17.39 -16.16 -27.68
C CYS A 303 16.80 -15.21 -28.72
N VAL A 304 17.64 -14.31 -29.23
CA VAL A 304 17.29 -13.42 -30.33
C VAL A 304 18.24 -13.70 -31.48
N ILE A 305 17.68 -14.02 -32.65
CA ILE A 305 18.49 -14.35 -33.81
C ILE A 305 19.06 -13.07 -34.40
N ARG A 306 20.37 -13.04 -34.64
CA ARG A 306 21.03 -11.88 -35.20
C ARG A 306 22.02 -12.33 -36.26
N ASN A 307 22.32 -11.42 -37.18
CA ASN A 307 23.30 -11.67 -38.24
C ASN A 307 22.95 -12.94 -39.03
N THR A 308 21.65 -13.12 -39.27
CA THR A 308 21.18 -14.29 -40.02
C THR A 308 19.85 -13.93 -40.67
N ASP A 309 19.81 -13.92 -42.00
CA ASP A 309 18.61 -13.46 -42.69
C ASP A 309 17.39 -14.29 -42.30
N PHE A 310 17.50 -15.61 -42.38
CA PHE A 310 16.39 -16.48 -41.99
C PHE A 310 16.95 -17.80 -41.49
N CYS A 311 16.12 -18.50 -40.71
CA CYS A 311 16.54 -19.72 -40.04
C CYS A 311 15.33 -20.64 -39.90
N HIS A 312 15.40 -21.82 -40.49
CA HIS A 312 14.32 -22.81 -40.41
C HIS A 312 14.68 -23.84 -39.34
N GLY A 313 13.72 -24.14 -38.47
CA GLY A 313 13.94 -25.08 -37.39
C GLY A 313 12.68 -25.89 -37.08
N LEU A 314 12.80 -26.76 -36.09
CA LEU A 314 11.72 -27.64 -35.66
C LEU A 314 11.50 -27.47 -34.17
N VAL A 315 10.26 -27.22 -33.78
CA VAL A 315 9.94 -26.96 -32.37
C VAL A 315 10.06 -28.26 -31.59
N ILE A 316 10.81 -28.21 -30.49
CA ILE A 316 11.03 -29.36 -29.61
C ILE A 316 10.18 -29.26 -28.35
N PHE A 317 10.27 -28.15 -27.63
CA PHE A 317 9.41 -27.85 -26.49
C PHE A 317 8.45 -26.73 -26.86
N ALA A 318 7.53 -26.45 -25.95
CA ALA A 318 6.56 -25.40 -26.18
C ALA A 318 5.90 -25.02 -24.87
N GLY A 319 5.39 -23.79 -24.83
CA GLY A 319 4.67 -23.34 -23.65
C GLY A 319 5.55 -23.38 -22.41
N ALA A 320 5.00 -23.93 -21.33
CA ALA A 320 5.71 -23.96 -20.05
C ALA A 320 6.81 -25.01 -20.02
N ASP A 321 6.93 -25.86 -21.04
CA ASP A 321 7.96 -26.89 -21.05
C ASP A 321 9.31 -26.37 -21.51
N THR A 322 9.39 -25.14 -22.00
CA THR A 322 10.66 -24.60 -22.47
C THR A 322 11.64 -24.45 -21.30
N LYS A 323 12.92 -24.59 -21.61
CA LYS A 323 13.96 -24.60 -20.57
C LYS A 323 13.98 -23.30 -19.77
N ILE A 324 13.49 -22.19 -20.34
CA ILE A 324 13.47 -20.94 -19.60
C ILE A 324 12.19 -20.75 -18.79
N MET A 325 11.11 -21.44 -19.16
CA MET A 325 9.88 -21.35 -18.38
C MET A 325 9.91 -22.26 -17.15
N LYS A 326 10.70 -23.32 -17.19
CA LYS A 326 10.88 -24.17 -16.01
C LYS A 326 11.74 -23.51 -14.95
N ASN A 327 12.39 -22.39 -15.28
CA ASN A 327 13.19 -21.65 -14.31
C ASN A 327 12.40 -20.53 -13.64
N SER A 328 11.11 -20.42 -13.90
CA SER A 328 10.26 -19.42 -13.27
C SER A 328 9.67 -20.02 -11.99
N GLY A 329 9.86 -19.33 -10.88
CA GLY A 329 9.32 -19.80 -9.61
C GLY A 329 7.81 -19.91 -9.65
N LYS A 330 7.22 -20.34 -8.54
CA LYS A 330 5.77 -20.50 -8.45
C LYS A 330 5.14 -19.21 -7.95
N THR A 331 4.17 -18.70 -8.70
CA THR A 331 3.48 -17.48 -8.30
C THR A 331 2.79 -17.68 -6.96
N ARG A 332 2.93 -16.70 -6.07
CA ARG A 332 2.35 -16.74 -4.75
C ARG A 332 1.49 -15.50 -4.52
N PHE A 333 0.57 -15.62 -3.57
CA PHE A 333 -0.30 -14.51 -3.21
C PHE A 333 0.47 -13.57 -2.27
N LYS A 334 0.62 -12.32 -2.69
CA LYS A 334 1.42 -11.34 -1.95
C LYS A 334 0.51 -10.49 -1.08
N ARG A 335 0.85 -10.39 0.20
CA ARG A 335 0.10 -9.61 1.18
C ARG A 335 1.03 -8.66 1.90
N THR A 336 0.57 -7.44 2.12
CA THR A 336 1.39 -6.41 2.74
C THR A 336 1.60 -6.71 4.22
N LYS A 337 2.60 -6.06 4.81
CA LYS A 337 2.86 -6.22 6.23
C LYS A 337 1.75 -5.62 7.09
N ILE A 338 0.99 -4.66 6.56
CA ILE A 338 -0.08 -4.05 7.34
C ILE A 338 -1.33 -4.92 7.35
N ASP A 339 -1.51 -5.81 6.37
CA ASP A 339 -2.70 -6.67 6.38
C ASP A 339 -2.72 -7.58 7.59
N TYR A 340 -1.58 -8.16 7.95
CA TYR A 340 -1.54 -9.04 9.11
C TYR A 340 -1.78 -8.26 10.40
N LEU A 341 -1.26 -7.04 10.47
CA LEU A 341 -1.58 -6.19 11.62
C LEU A 341 -3.07 -5.92 11.70
N MET A 342 -3.70 -5.64 10.56
CA MET A 342 -5.14 -5.40 10.56
C MET A 342 -5.91 -6.63 11.03
N ASN A 343 -5.46 -7.82 10.61
CA ASN A 343 -6.13 -9.04 11.04
C ASN A 343 -6.02 -9.22 12.56
N TYR A 344 -4.82 -9.00 13.11
CA TYR A 344 -4.66 -9.11 14.56
C TYR A 344 -5.50 -8.07 15.28
N MET A 345 -5.58 -6.86 14.72
CA MET A 345 -6.43 -5.80 15.26
C MET A 345 -7.90 -6.24 15.30
N VAL A 346 -8.38 -6.85 14.22
CA VAL A 346 -9.78 -7.25 14.16
C VAL A 346 -10.05 -8.36 15.17
N TYR A 347 -9.11 -9.29 15.32
CA TYR A 347 -9.28 -10.34 16.32
C TYR A 347 -9.33 -9.75 17.74
N THR A 348 -8.46 -8.77 18.01
CA THR A 348 -8.49 -8.12 19.32
C THR A 348 -9.83 -7.43 19.55
N ILE A 349 -10.38 -6.79 18.52
CA ILE A 349 -11.69 -6.15 18.66
C ILE A 349 -12.76 -7.19 18.93
N PHE A 350 -12.69 -8.35 18.25
CA PHE A 350 -13.62 -9.43 18.56
C PHE A 350 -13.57 -9.79 20.03
N VAL A 351 -12.35 -9.98 20.56
CA VAL A 351 -12.21 -10.39 21.96
C VAL A 351 -12.78 -9.32 22.88
N VAL A 352 -12.48 -8.05 22.60
CA VAL A 352 -12.96 -6.96 23.45
C VAL A 352 -14.47 -6.92 23.44
N LEU A 353 -15.08 -7.08 22.26
CA LEU A 353 -16.53 -7.09 22.16
C LEU A 353 -17.13 -8.23 22.96
N ILE A 354 -16.53 -9.41 22.88
CA ILE A 354 -17.03 -10.56 23.64
C ILE A 354 -16.98 -10.27 25.14
N LEU A 355 -15.86 -9.72 25.60
CA LEU A 355 -15.72 -9.43 27.03
C LEU A 355 -16.74 -8.40 27.48
N LEU A 356 -16.92 -7.32 26.71
CA LEU A 356 -17.88 -6.30 27.09
C LEU A 356 -19.29 -6.86 27.14
N SER A 357 -19.67 -7.65 26.13
CA SER A 357 -21.00 -8.24 26.10
C SER A 357 -21.22 -9.13 27.32
N ALA A 358 -20.24 -9.97 27.65
CA ALA A 358 -20.39 -10.85 28.80
C ALA A 358 -20.55 -10.03 30.09
N GLY A 359 -19.71 -9.00 30.25
CA GLY A 359 -19.81 -8.19 31.46
C GLY A 359 -21.17 -7.55 31.60
N LEU A 360 -21.67 -6.93 30.52
CA LEU A 360 -22.99 -6.33 30.56
C LEU A 360 -24.08 -7.37 30.77
N ALA A 361 -23.85 -8.61 30.32
CA ALA A 361 -24.83 -9.67 30.54
C ALA A 361 -24.95 -10.03 32.01
N ILE A 362 -23.82 -10.24 32.69
CA ILE A 362 -23.89 -10.45 34.14
C ILE A 362 -24.49 -9.25 34.83
N GLY A 363 -24.17 -8.04 34.37
CA GLY A 363 -24.78 -6.86 34.95
C GLY A 363 -26.28 -6.87 34.87
N HIS A 364 -26.82 -7.18 33.68
CA HIS A 364 -28.27 -7.23 33.53
C HIS A 364 -28.89 -8.36 34.34
N ALA A 365 -28.21 -9.50 34.43
CA ALA A 365 -28.74 -10.59 35.24
C ALA A 365 -28.89 -10.14 36.69
N TYR A 366 -27.86 -9.51 37.25
CA TYR A 366 -27.95 -9.05 38.62
C TYR A 366 -29.02 -7.97 38.78
N TRP A 367 -29.11 -7.04 37.82
CA TRP A 367 -30.12 -6.00 37.91
C TRP A 367 -31.53 -6.59 37.91
N GLU A 368 -31.79 -7.54 37.01
CA GLU A 368 -33.09 -8.18 36.98
C GLU A 368 -33.37 -8.92 38.28
N ALA A 369 -32.34 -9.56 38.85
CA ALA A 369 -32.53 -10.23 40.13
C ALA A 369 -32.92 -9.24 41.22
N GLN A 370 -32.28 -8.08 41.25
CA GLN A 370 -32.52 -7.11 42.33
C GLN A 370 -33.75 -6.25 42.06
N VAL A 371 -33.75 -5.51 40.96
CA VAL A 371 -34.76 -4.49 40.71
C VAL A 371 -35.77 -4.89 39.64
N GLY A 372 -35.46 -5.87 38.79
CA GLY A 372 -36.36 -6.19 37.70
C GLY A 372 -37.68 -6.76 38.16
N ASN A 373 -37.65 -7.63 39.18
CA ASN A 373 -38.87 -8.28 39.64
C ASN A 373 -39.76 -7.33 40.43
N SER A 374 -39.16 -6.43 41.22
CA SER A 374 -39.96 -5.49 41.99
C SER A 374 -40.71 -4.52 41.09
N SER A 375 -40.14 -4.18 39.94
CA SER A 375 -40.77 -3.22 39.03
C SER A 375 -42.03 -3.83 38.45
N TRP A 376 -43.19 -3.36 38.90
CA TRP A 376 -44.48 -3.87 38.42
C TRP A 376 -44.82 -3.39 37.02
N TYR A 377 -44.09 -2.41 36.47
CA TYR A 377 -44.37 -1.91 35.14
C TYR A 377 -43.57 -2.62 34.05
N LEU A 378 -42.49 -3.30 34.42
CA LEU A 378 -41.70 -4.09 33.47
C LEU A 378 -42.17 -5.54 33.44
N TYR A 379 -43.47 -5.73 33.21
CA TYR A 379 -44.07 -7.06 33.18
C TYR A 379 -44.27 -7.47 31.72
N ASP A 380 -43.67 -8.60 31.34
CA ASP A 380 -43.78 -9.12 29.99
C ASP A 380 -44.48 -10.46 29.92
N GLY A 381 -44.92 -11.02 31.04
CA GLY A 381 -45.64 -12.27 31.02
C GLY A 381 -44.81 -13.47 30.63
N GLU A 382 -43.48 -13.37 30.74
CA GLU A 382 -42.58 -14.46 30.42
C GLU A 382 -41.90 -14.95 31.70
N ASP A 383 -42.02 -16.25 31.98
CA ASP A 383 -41.43 -16.83 33.18
C ASP A 383 -39.95 -17.12 32.89
N ASP A 384 -39.15 -16.06 32.99
CA ASP A 384 -37.71 -16.12 32.78
C ASP A 384 -36.99 -15.72 34.05
N THR A 385 -36.10 -16.59 34.53
CA THR A 385 -35.29 -16.25 35.69
C THR A 385 -34.21 -15.24 35.29
N PRO A 386 -33.64 -14.53 36.26
CA PRO A 386 -32.63 -13.52 35.91
C PRO A 386 -31.47 -14.05 35.09
N SER A 387 -31.01 -15.27 35.40
CA SER A 387 -29.90 -15.84 34.65
C SER A 387 -30.27 -16.05 33.19
N TYR A 388 -31.50 -16.52 32.93
CA TYR A 388 -31.93 -16.70 31.55
C TYR A 388 -32.00 -15.37 30.82
N ARG A 389 -32.47 -14.32 31.50
CA ARG A 389 -32.50 -13.00 30.88
C ARG A 389 -31.10 -12.51 30.55
N GLY A 390 -30.15 -12.71 31.46
CA GLY A 390 -28.78 -12.31 31.18
C GLY A 390 -28.20 -13.06 30.00
N PHE A 391 -28.42 -14.37 29.95
CA PHE A 391 -27.94 -15.16 28.81
C PHE A 391 -28.57 -14.68 27.52
N LEU A 392 -29.88 -14.40 27.55
CA LEU A 392 -30.57 -13.97 26.35
C LEU A 392 -30.07 -12.61 25.87
N ILE A 393 -29.75 -11.71 26.80
CA ILE A 393 -29.32 -10.37 26.42
C ILE A 393 -27.83 -10.30 26.10
N PHE A 394 -27.07 -11.35 26.41
CA PHE A 394 -25.70 -11.42 25.89
C PHE A 394 -25.69 -11.22 24.38
N TRP A 395 -26.58 -11.93 23.67
CA TRP A 395 -26.65 -11.78 22.23
C TRP A 395 -27.19 -10.42 21.82
N GLY A 396 -28.11 -9.85 22.59
CA GLY A 396 -28.60 -8.52 22.30
C GLY A 396 -27.48 -7.49 22.35
N TYR A 397 -26.62 -7.59 23.35
CA TYR A 397 -25.50 -6.65 23.44
C TYR A 397 -24.45 -6.93 22.37
N ILE A 398 -24.26 -8.20 22.00
CA ILE A 398 -23.42 -8.50 20.84
C ILE A 398 -23.94 -7.76 19.62
N ILE A 399 -25.24 -7.84 19.38
CA ILE A 399 -25.82 -7.16 18.22
C ILE A 399 -25.65 -5.65 18.34
N VAL A 400 -25.88 -5.10 19.52
CA VAL A 400 -25.80 -3.64 19.69
C VAL A 400 -24.38 -3.15 19.43
N LEU A 401 -23.38 -3.85 19.96
CA LEU A 401 -21.99 -3.42 19.84
C LEU A 401 -21.27 -4.02 18.63
N ASN A 402 -21.98 -4.71 17.75
CA ASN A 402 -21.35 -5.22 16.53
C ASN A 402 -20.60 -4.13 15.79
N THR A 403 -21.16 -2.92 15.75
CA THR A 403 -20.55 -1.85 14.98
C THR A 403 -19.14 -1.51 15.43
N MET A 404 -18.67 -2.08 16.54
CA MET A 404 -17.29 -1.87 16.96
C MET A 404 -16.32 -2.37 15.90
N VAL A 405 -16.59 -3.54 15.33
CA VAL A 405 -15.82 -4.05 14.20
C VAL A 405 -16.31 -3.34 12.95
N PRO A 406 -15.46 -2.67 12.18
CA PRO A 406 -15.95 -1.89 11.05
C PRO A 406 -16.56 -2.77 9.96
N ILE A 407 -17.52 -2.19 9.24
CA ILE A 407 -18.14 -2.87 8.11
C ILE A 407 -17.62 -2.34 6.76
N SER A 408 -17.02 -1.15 6.73
CA SER A 408 -16.53 -0.55 5.50
C SER A 408 -15.02 -0.34 5.53
N LEU A 409 -14.32 -1.13 6.35
CA LEU A 409 -12.87 -1.01 6.42
C LEU A 409 -12.22 -1.45 5.11
N TYR A 410 -12.60 -2.63 4.64
CA TYR A 410 -11.91 -3.21 3.48
C TYR A 410 -12.22 -2.44 2.20
N VAL A 411 -13.46 -1.99 2.03
CA VAL A 411 -13.77 -1.21 0.84
C VAL A 411 -12.98 0.09 0.83
N SER A 412 -12.88 0.75 1.99
CA SER A 412 -12.10 1.97 2.07
C SER A 412 -10.63 1.71 1.74
N VAL A 413 -10.07 0.63 2.28
CA VAL A 413 -8.67 0.32 1.99
C VAL A 413 -8.47 0.05 0.51
N GLU A 414 -9.37 -0.73 -0.10
CA GLU A 414 -9.25 -1.04 -1.51
C GLU A 414 -9.36 0.20 -2.38
N VAL A 415 -10.30 1.10 -2.05
CA VAL A 415 -10.43 2.33 -2.83
C VAL A 415 -9.17 3.18 -2.68
N ILE A 416 -8.63 3.26 -1.48
CA ILE A 416 -7.39 4.01 -1.25
C ILE A 416 -6.28 3.47 -2.13
N ARG A 417 -6.10 2.15 -2.11
CA ARG A 417 -5.02 1.54 -2.88
C ARG A 417 -5.23 1.71 -4.38
N LEU A 418 -6.47 1.58 -4.84
CA LEU A 418 -6.75 1.78 -6.26
C LEU A 418 -6.42 3.20 -6.69
N GLY A 419 -6.82 4.19 -5.88
CA GLY A 419 -6.50 5.56 -6.20
C GLY A 419 -5.02 5.83 -6.23
N GLN A 420 -4.28 5.30 -5.25
CA GLN A 420 -2.84 5.50 -5.22
C GLN A 420 -2.15 4.84 -6.42
N SER A 421 -2.59 3.64 -6.79
CA SER A 421 -2.02 2.97 -7.95
C SER A 421 -2.29 3.77 -9.22
N HIS A 422 -3.51 4.30 -9.36
CA HIS A 422 -3.81 5.13 -10.52
C HIS A 422 -2.98 6.41 -10.51
N PHE A 423 -2.67 6.94 -9.34
CA PHE A 423 -1.74 8.05 -9.25
C PHE A 423 -0.38 7.66 -9.80
N ILE A 424 0.08 6.45 -9.46
CA ILE A 424 1.35 5.96 -10.00
C ILE A 424 1.29 5.89 -11.52
N ASN A 425 0.19 5.38 -12.06
CA ASN A 425 0.06 5.25 -13.51
C ASN A 425 0.14 6.62 -14.19
N TRP A 426 -0.56 7.61 -13.65
CA TRP A 426 -0.66 8.93 -14.27
C TRP A 426 0.60 9.77 -14.10
N ASP A 427 1.56 9.30 -13.31
CA ASP A 427 2.75 10.12 -13.04
C ASP A 427 3.44 10.49 -14.34
N LEU A 428 3.80 11.77 -14.46
CA LEU A 428 4.45 12.28 -15.66
C LEU A 428 5.96 12.39 -15.53
N GLN A 429 6.49 12.39 -14.31
CA GLN A 429 7.93 12.30 -14.13
C GLN A 429 8.43 10.89 -14.38
N MET A 430 7.59 9.89 -14.17
CA MET A 430 7.90 8.50 -14.51
C MET A 430 7.43 8.14 -15.92
N TYR A 431 7.83 8.95 -16.90
CA TYR A 431 7.42 8.74 -18.28
C TYR A 431 8.65 8.86 -19.17
N TYR A 432 8.97 7.78 -19.88
CA TYR A 432 10.11 7.74 -20.78
C TYR A 432 9.64 8.13 -22.17
N ALA A 433 9.99 9.35 -22.60
CA ALA A 433 9.47 9.88 -23.85
C ALA A 433 10.02 9.13 -25.06
N GLU A 434 11.31 8.77 -25.02
CA GLU A 434 11.93 8.16 -26.20
C GLU A 434 11.21 6.89 -26.61
N LYS A 435 11.00 5.97 -25.67
CA LYS A 435 10.26 4.76 -25.97
C LYS A 435 8.76 4.90 -25.77
N ASP A 436 8.29 6.03 -25.24
CA ASP A 436 6.87 6.27 -25.01
C ASP A 436 6.28 5.17 -24.14
N THR A 437 6.87 4.99 -22.96
CA THR A 437 6.52 3.90 -22.05
C THR A 437 6.17 4.50 -20.68
N PRO A 438 4.90 4.79 -20.43
CA PRO A 438 4.51 5.28 -19.10
C PRO A 438 4.63 4.19 -18.05
N ALA A 439 4.78 4.63 -16.80
CA ALA A 439 4.81 3.69 -15.70
C ALA A 439 3.49 2.93 -15.63
N LYS A 440 3.50 1.86 -14.85
CA LYS A 440 2.32 1.01 -14.72
C LYS A 440 2.34 0.33 -13.35
N ALA A 441 1.18 0.30 -12.71
CA ALA A 441 0.98 -0.41 -11.46
C ALA A 441 0.01 -1.54 -11.75
N ARG A 442 0.55 -2.68 -12.19
CA ARG A 442 -0.26 -3.80 -12.62
C ARG A 442 -0.77 -4.65 -11.47
N THR A 443 -0.36 -4.35 -10.23
CA THR A 443 -0.99 -4.90 -9.05
C THR A 443 -1.41 -3.73 -8.16
N THR A 444 -2.69 -3.66 -7.83
CA THR A 444 -3.24 -2.54 -7.07
C THR A 444 -3.51 -2.91 -5.62
N THR A 445 -2.64 -3.74 -5.03
CA THR A 445 -2.78 -4.14 -3.64
C THR A 445 -1.48 -4.00 -2.85
N LEU A 446 -0.36 -3.70 -3.49
CA LEU A 446 0.94 -3.56 -2.82
C LEU A 446 1.38 -2.12 -3.01
N ASN A 447 0.90 -1.23 -2.14
CA ASN A 447 1.20 0.20 -2.26
C ASN A 447 1.97 0.74 -1.06
N GLU A 448 1.45 0.54 0.16
CA GLU A 448 2.15 1.06 1.32
C GLU A 448 3.49 0.36 1.53
N GLN A 449 3.61 -0.89 1.05
CA GLN A 449 4.86 -1.62 1.24
C GLN A 449 6.02 -0.97 0.49
N LEU A 450 5.74 -0.15 -0.52
CA LEU A 450 6.82 0.60 -1.18
C LEU A 450 7.50 1.56 -0.23
N GLY A 451 6.82 1.95 0.86
CA GLY A 451 7.38 2.83 1.86
C GLY A 451 8.09 2.12 3.00
N GLN A 452 8.31 0.81 2.89
CA GLN A 452 8.95 0.03 3.94
C GLN A 452 10.10 -0.81 3.41
N ILE A 453 10.64 -0.48 2.24
CA ILE A 453 11.66 -1.30 1.62
C ILE A 453 12.94 -1.27 2.45
N HIS A 454 13.58 -2.42 2.62
CA HIS A 454 14.85 -2.55 3.32
C HIS A 454 16.01 -2.88 2.39
N TYR A 455 15.78 -3.73 1.39
CA TYR A 455 16.81 -4.15 0.45
C TYR A 455 16.27 -4.06 -0.97
N ILE A 456 17.17 -3.80 -1.91
CA ILE A 456 16.87 -3.84 -3.34
C ILE A 456 17.85 -4.80 -3.99
N PHE A 457 17.35 -5.66 -4.88
CA PHE A 457 18.15 -6.60 -5.63
C PHE A 457 17.94 -6.32 -7.11
N SER A 458 19.03 -6.02 -7.81
CA SER A 458 18.95 -5.51 -9.17
C SER A 458 19.79 -6.33 -10.12
N ASP A 459 19.26 -6.60 -11.30
CA ASP A 459 20.06 -7.13 -12.39
C ASP A 459 21.06 -6.07 -12.85
N LYS A 460 21.98 -6.47 -13.72
CA LYS A 460 23.01 -5.58 -14.23
C LYS A 460 22.83 -5.29 -15.73
N THR A 461 22.77 -6.32 -16.56
CA THR A 461 22.70 -6.14 -18.00
C THR A 461 21.27 -5.80 -18.40
N GLY A 462 21.05 -4.57 -18.86
CA GLY A 462 19.75 -4.11 -19.27
C GLY A 462 19.01 -3.31 -18.21
N THR A 463 19.40 -3.46 -16.94
CA THR A 463 18.83 -2.69 -15.85
C THR A 463 19.69 -1.49 -15.49
N LEU A 464 20.98 -1.72 -15.19
CA LEU A 464 21.92 -0.66 -14.89
C LEU A 464 22.72 -0.22 -16.09
N THR A 465 22.50 -0.81 -17.27
CA THR A 465 23.30 -0.52 -18.44
C THR A 465 22.40 -0.43 -19.66
N GLN A 466 22.89 0.29 -20.68
CA GLN A 466 22.19 0.48 -21.93
C GLN A 466 22.61 -0.52 -23.00
N ASN A 467 23.50 -1.46 -22.68
CA ASN A 467 24.05 -2.39 -23.66
C ASN A 467 24.80 -1.65 -24.77
N ILE A 468 25.42 -0.52 -24.43
CA ILE A 468 26.20 0.28 -25.37
C ILE A 468 27.54 0.58 -24.73
N MET A 469 28.62 0.37 -25.47
CA MET A 469 29.95 0.74 -25.01
C MET A 469 30.72 1.40 -26.15
N THR A 470 31.58 2.34 -25.79
CA THR A 470 32.27 3.17 -26.76
C THR A 470 33.73 3.36 -26.37
N PHE A 471 34.57 3.59 -27.38
CA PHE A 471 36.00 3.79 -27.19
C PHE A 471 36.25 5.22 -26.74
N LYS A 472 36.71 5.39 -25.50
CA LYS A 472 36.84 6.73 -24.91
C LYS A 472 38.25 7.30 -25.06
N LYS A 473 39.25 6.64 -24.49
CA LYS A 473 40.59 7.19 -24.44
C LYS A 473 41.60 6.10 -24.81
N CYS A 474 42.85 6.51 -24.97
CA CYS A 474 43.92 5.58 -25.30
C CYS A 474 45.23 6.13 -24.78
N CYS A 475 46.26 5.28 -24.76
CA CYS A 475 47.60 5.67 -24.38
C CYS A 475 48.57 5.12 -25.42
N ILE A 476 49.37 6.01 -26.02
CA ILE A 476 50.32 5.63 -27.05
C ILE A 476 51.69 6.18 -26.65
N ASN A 477 52.67 5.29 -26.54
CA ASN A 477 54.04 5.68 -26.17
C ASN A 477 54.06 6.51 -24.90
N GLY A 478 53.18 6.16 -23.96
CA GLY A 478 53.13 6.84 -22.68
C GLY A 478 52.37 8.14 -22.67
N GLN A 479 51.83 8.58 -23.80
CA GLN A 479 51.03 9.79 -23.89
C GLN A 479 49.56 9.42 -23.92
N ILE A 480 48.77 10.03 -23.03
CA ILE A 480 47.35 9.72 -22.92
C ILE A 480 46.59 10.66 -23.87
N TYR A 481 45.95 10.06 -24.86
CA TYR A 481 45.14 10.79 -25.82
C TYR A 481 43.66 10.50 -25.57
N GLY A 482 42.84 11.51 -25.82
CA GLY A 482 41.41 11.44 -25.58
C GLY A 482 40.87 12.55 -24.70
N ASP A 483 41.72 13.16 -23.87
CA ASP A 483 41.27 14.26 -23.04
C ASP A 483 41.06 15.51 -23.89
N HIS A 484 40.25 16.43 -23.37
CA HIS A 484 39.85 17.60 -24.14
C HIS A 484 41.07 18.43 -24.52
N ARG A 485 41.20 18.75 -25.80
CA ARG A 485 42.29 19.59 -26.28
C ARG A 485 41.88 20.18 -27.63
N ASP A 486 42.62 21.20 -28.05
CA ASP A 486 42.42 21.85 -29.33
C ASP A 486 43.76 22.03 -30.03
N ALA A 487 43.73 21.91 -31.36
CA ALA A 487 44.94 22.03 -32.19
C ALA A 487 45.99 21.08 -31.63
N SER A 488 47.21 21.55 -31.34
CA SER A 488 48.26 20.70 -30.81
C SER A 488 48.56 20.96 -29.34
N GLN A 489 47.99 22.02 -28.75
CA GLN A 489 48.21 22.37 -27.36
C GLN A 489 46.88 22.65 -26.69
N HIS A 490 46.76 22.24 -25.43
CA HIS A 490 45.53 22.47 -24.67
C HIS A 490 45.27 23.97 -24.52
N ASN A 491 44.05 24.38 -24.82
CA ASN A 491 43.64 25.79 -24.71
C ASN A 491 42.50 25.98 -23.73
N HIS A 492 41.41 25.23 -23.88
CA HIS A 492 40.23 25.44 -23.06
C HIS A 492 39.43 24.14 -22.98
N ASN A 493 38.55 24.07 -21.98
CA ASN A 493 37.71 22.88 -21.83
C ASN A 493 36.56 22.86 -22.83
N LYS A 494 36.00 24.03 -23.14
CA LYS A 494 34.84 24.14 -24.04
C LYS A 494 35.35 24.06 -25.47
N ILE A 495 35.61 22.82 -25.93
CA ILE A 495 36.11 22.57 -27.27
C ILE A 495 35.02 21.85 -28.06
N GLU A 496 35.08 22.01 -29.38
CA GLU A 496 34.08 21.42 -30.27
C GLU A 496 34.40 19.94 -30.51
N GLN A 497 33.71 19.34 -31.47
CA GLN A 497 33.91 17.95 -31.85
C GLN A 497 34.69 17.88 -33.15
N VAL A 498 35.76 17.08 -33.17
CA VAL A 498 36.59 16.98 -34.35
C VAL A 498 35.77 16.40 -35.50
N ASP A 499 35.94 16.98 -36.69
CA ASP A 499 35.24 16.52 -37.88
C ASP A 499 36.08 15.46 -38.58
N PHE A 500 35.42 14.36 -38.96
CA PHE A 500 36.07 13.26 -39.66
C PHE A 500 35.86 13.34 -41.18
N SER A 501 35.76 14.56 -41.72
CA SER A 501 35.57 14.72 -43.15
C SER A 501 36.74 14.15 -43.94
N TRP A 502 37.97 14.36 -43.44
CA TRP A 502 39.14 13.87 -44.15
C TRP A 502 39.05 12.37 -44.40
N ASN A 503 38.41 11.63 -43.50
CA ASN A 503 38.22 10.20 -43.69
C ASN A 503 37.08 9.94 -44.67
N THR A 504 37.12 8.78 -45.31
CA THR A 504 36.11 8.38 -46.28
C THR A 504 35.07 7.44 -45.69
N TYR A 505 35.48 6.48 -44.86
CA TYR A 505 34.57 5.53 -44.26
C TYR A 505 33.98 6.02 -42.94
N ALA A 506 34.46 7.15 -42.43
CA ALA A 506 34.01 7.64 -41.14
C ALA A 506 32.55 8.09 -41.20
N ASP A 507 31.87 7.96 -40.06
CA ASP A 507 30.50 8.44 -39.89
C ASP A 507 30.36 9.04 -38.49
N GLY A 508 29.13 9.34 -38.11
CA GLY A 508 28.84 10.05 -36.88
C GLY A 508 28.72 9.19 -35.64
N LYS A 509 29.00 7.89 -35.72
CA LYS A 509 28.85 7.03 -34.55
C LYS A 509 29.82 7.43 -33.45
N LEU A 510 31.06 7.76 -33.81
CA LEU A 510 32.10 8.06 -32.84
C LEU A 510 32.11 9.55 -32.53
N ALA A 511 31.90 9.89 -31.27
CA ALA A 511 31.96 11.27 -30.80
C ALA A 511 33.25 11.44 -30.02
N PHE A 512 34.26 12.01 -30.68
CA PHE A 512 35.60 12.16 -30.11
C PHE A 512 35.95 13.63 -30.06
N TYR A 513 36.36 14.11 -28.88
CA TYR A 513 36.75 15.51 -28.70
C TYR A 513 38.24 15.53 -28.36
N ASP A 514 39.07 15.47 -29.39
CA ASP A 514 40.51 15.64 -29.23
C ASP A 514 41.17 15.88 -30.59
N HIS A 515 41.77 17.05 -30.77
CA HIS A 515 42.37 17.40 -32.05
C HIS A 515 43.82 16.93 -32.17
N TYR A 516 44.58 16.92 -31.06
CA TYR A 516 45.98 16.55 -31.15
C TYR A 516 46.15 15.17 -31.78
N LEU A 517 45.21 14.26 -31.52
CA LEU A 517 45.28 12.93 -32.13
C LEU A 517 45.16 13.02 -33.64
N ILE A 518 44.25 13.85 -34.14
CA ILE A 518 44.04 13.93 -35.58
C ILE A 518 45.29 14.46 -36.28
N GLU A 519 45.90 15.52 -35.73
CA GLU A 519 47.13 16.03 -36.30
C GLU A 519 48.26 15.01 -36.19
N GLN A 520 48.34 14.31 -35.06
CA GLN A 520 49.38 13.30 -34.90
C GLN A 520 49.26 12.21 -35.96
N ILE A 521 48.03 11.76 -36.23
CA ILE A 521 47.82 10.73 -37.24
C ILE A 521 48.13 11.27 -38.63
N GLN A 522 47.62 12.47 -38.94
CA GLN A 522 47.78 13.02 -40.29
C GLN A 522 49.24 13.27 -40.61
N SER A 523 49.99 13.85 -39.67
CA SER A 523 51.38 14.20 -39.94
C SER A 523 52.22 12.97 -40.23
N GLY A 524 52.01 11.90 -39.46
CA GLY A 524 52.81 10.70 -39.62
C GLY A 524 54.19 10.76 -39.01
N LYS A 525 54.50 11.83 -38.27
CA LYS A 525 55.82 11.96 -37.65
C LYS A 525 56.08 10.84 -36.65
N GLU A 526 55.04 10.17 -36.16
CA GLU A 526 55.15 9.10 -35.17
C GLU A 526 54.47 7.86 -35.75
N PRO A 527 55.21 6.99 -36.43
CA PRO A 527 54.55 5.84 -37.08
C PRO A 527 53.81 4.91 -36.14
N GLU A 528 54.30 4.76 -34.90
CA GLU A 528 53.62 3.88 -33.96
C GLU A 528 52.19 4.33 -33.69
N VAL A 529 51.89 5.61 -33.89
CA VAL A 529 50.51 6.07 -33.75
C VAL A 529 49.62 5.37 -34.76
N ARG A 530 50.08 5.23 -35.99
CA ARG A 530 49.32 4.49 -37.00
C ARG A 530 49.40 2.99 -36.77
N GLN A 531 50.52 2.50 -36.24
CA GLN A 531 50.63 1.08 -35.94
C GLN A 531 49.62 0.65 -34.88
N PHE A 532 49.35 1.53 -33.92
CA PHE A 532 48.35 1.24 -32.89
C PHE A 532 47.00 0.92 -33.52
N PHE A 533 46.51 1.78 -34.41
CA PHE A 533 45.21 1.56 -35.01
C PHE A 533 45.24 0.45 -36.04
N PHE A 534 46.39 0.22 -36.69
CA PHE A 534 46.52 -0.94 -37.56
C PHE A 534 46.35 -2.22 -36.75
N LEU A 535 46.96 -2.29 -35.57
CA LEU A 535 46.75 -3.43 -34.68
C LEU A 535 45.28 -3.54 -34.31
N LEU A 536 44.65 -2.42 -33.93
CA LEU A 536 43.24 -2.47 -33.57
C LEU A 536 42.39 -3.04 -34.71
N ALA A 537 42.78 -2.74 -35.95
CA ALA A 537 42.01 -3.17 -37.11
C ALA A 537 42.43 -4.53 -37.65
N VAL A 538 43.49 -5.13 -37.14
CA VAL A 538 43.94 -6.45 -37.58
C VAL A 538 43.59 -7.53 -36.56
N CYS A 539 43.90 -7.30 -35.29
CA CYS A 539 43.82 -8.35 -34.28
C CYS A 539 42.40 -8.83 -34.03
N HIS A 540 41.39 -8.11 -34.50
CA HIS A 540 40.02 -8.48 -34.23
C HIS A 540 39.67 -9.80 -34.93
N THR A 541 38.43 -10.25 -34.73
CA THR A 541 37.90 -11.43 -35.40
C THR A 541 36.47 -11.20 -35.87
N VAL A 542 36.13 -9.96 -36.22
CA VAL A 542 34.77 -9.61 -36.62
C VAL A 542 34.57 -9.94 -38.09
N MET A 543 33.32 -9.91 -38.55
CA MET A 543 32.99 -10.11 -39.94
C MET A 543 32.49 -8.80 -40.54
N VAL A 544 32.51 -8.73 -41.87
CA VAL A 544 32.12 -7.54 -42.60
C VAL A 544 31.10 -7.92 -43.66
N ASP A 545 30.01 -7.16 -43.75
CA ASP A 545 28.99 -7.36 -44.75
C ASP A 545 28.88 -6.09 -45.59
N ARG A 546 28.94 -6.24 -46.91
CA ARG A 546 28.87 -5.12 -47.83
C ARG A 546 27.73 -5.32 -48.82
N THR A 547 26.56 -5.73 -48.33
CA THR A 547 25.42 -5.98 -49.21
C THR A 547 25.02 -4.70 -49.95
N ASP A 548 25.00 -3.57 -49.25
CA ASP A 548 24.67 -2.29 -49.85
C ASP A 548 25.89 -1.39 -50.02
N GLY A 549 27.09 -1.92 -49.79
CA GLY A 549 28.29 -1.13 -49.91
C GLY A 549 28.55 -0.19 -48.74
N GLN A 550 27.78 -0.31 -47.66
CA GLN A 550 27.93 0.56 -46.50
C GLN A 550 28.98 0.07 -45.50
N LEU A 551 29.58 -1.10 -45.75
CA LEU A 551 30.64 -1.62 -44.89
C LEU A 551 30.14 -1.79 -43.46
N ASN A 552 29.17 -2.68 -43.30
CA ASN A 552 28.60 -2.97 -41.99
C ASN A 552 29.47 -4.00 -41.28
N TYR A 553 29.67 -3.80 -39.97
CA TYR A 553 30.53 -4.65 -39.17
C TYR A 553 29.69 -5.52 -38.25
N GLN A 554 29.80 -6.83 -38.42
CA GLN A 554 29.10 -7.81 -37.58
C GLN A 554 30.13 -8.39 -36.61
N ALA A 555 30.07 -7.93 -35.36
CA ALA A 555 31.02 -8.32 -34.33
C ALA A 555 30.33 -9.18 -33.29
N ALA A 556 30.97 -10.29 -32.92
CA ALA A 556 30.45 -11.16 -31.89
C ALA A 556 30.79 -10.70 -30.49
N SER A 557 31.64 -9.68 -30.36
CA SER A 557 32.03 -9.13 -29.07
C SER A 557 31.83 -7.62 -29.10
N PRO A 558 31.11 -7.04 -28.12
CA PRO A 558 30.96 -5.57 -28.13
C PRO A 558 32.28 -4.83 -28.09
N ASP A 559 33.26 -5.32 -27.33
CA ASP A 559 34.56 -4.66 -27.27
C ASP A 559 35.23 -4.64 -28.64
N GLU A 560 35.20 -5.78 -29.34
CA GLU A 560 35.80 -5.83 -30.67
C GLU A 560 35.08 -4.90 -31.62
N GLY A 561 33.76 -4.87 -31.57
CA GLY A 561 33.02 -3.96 -32.42
C GLY A 561 33.39 -2.51 -32.18
N ALA A 562 33.47 -2.12 -30.90
CA ALA A 562 33.83 -0.75 -30.56
C ALA A 562 35.23 -0.41 -31.05
N LEU A 563 36.19 -1.31 -30.83
CA LEU A 563 37.57 -1.04 -31.23
C LEU A 563 37.70 -0.97 -32.74
N VAL A 564 37.02 -1.86 -33.46
CA VAL A 564 37.09 -1.84 -34.92
C VAL A 564 36.44 -0.58 -35.47
N ASN A 565 35.32 -0.16 -34.87
CA ASN A 565 34.70 1.09 -35.30
C ASN A 565 35.63 2.28 -35.05
N ALA A 566 36.29 2.31 -33.89
CA ALA A 566 37.21 3.40 -33.60
C ALA A 566 38.37 3.41 -34.60
N ALA A 567 38.92 2.23 -34.91
CA ALA A 567 40.00 2.17 -35.89
C ALA A 567 39.53 2.62 -37.26
N ARG A 568 38.33 2.20 -37.67
CA ARG A 568 37.81 2.60 -38.97
C ARG A 568 37.62 4.10 -39.07
N ASN A 569 37.08 4.72 -38.00
CA ASN A 569 36.88 6.16 -38.03
C ASN A 569 38.20 6.91 -38.13
N PHE A 570 39.29 6.33 -37.62
CA PHE A 570 40.60 6.96 -37.66
C PHE A 570 41.39 6.62 -38.92
N GLY A 571 40.71 6.17 -39.98
CA GLY A 571 41.32 5.98 -41.28
C GLY A 571 41.70 4.55 -41.59
N PHE A 572 41.82 3.69 -40.58
CA PHE A 572 42.17 2.28 -40.78
C PHE A 572 40.90 1.46 -40.75
N ALA A 573 40.35 1.17 -41.92
CA ALA A 573 39.09 0.47 -42.05
C ALA A 573 39.35 -0.97 -42.47
N PHE A 574 38.71 -1.91 -41.76
CA PHE A 574 38.80 -3.33 -42.08
C PHE A 574 37.76 -3.64 -43.16
N LEU A 575 38.20 -3.74 -44.41
CA LEU A 575 37.26 -3.80 -45.52
C LEU A 575 36.71 -5.21 -45.73
N ALA A 576 37.58 -6.17 -46.05
CA ALA A 576 37.16 -7.50 -46.42
C ALA A 576 38.06 -8.54 -45.80
N ARG A 577 37.52 -9.74 -45.62
CA ARG A 577 38.26 -10.87 -45.09
C ARG A 577 37.94 -12.11 -45.92
N THR A 578 38.91 -13.01 -46.01
CA THR A 578 38.71 -14.31 -46.64
C THR A 578 39.43 -15.34 -45.79
N GLN A 579 39.59 -16.55 -46.33
CA GLN A 579 40.19 -17.63 -45.56
C GLN A 579 41.63 -17.31 -45.18
N ASN A 580 42.39 -16.70 -46.09
CA ASN A 580 43.82 -16.52 -45.90
C ASN A 580 44.29 -15.08 -46.12
N THR A 581 43.38 -14.10 -46.10
CA THR A 581 43.79 -12.73 -46.32
C THR A 581 42.90 -11.77 -45.52
N ILE A 582 43.42 -10.57 -45.30
CA ILE A 582 42.65 -9.42 -44.82
C ILE A 582 43.02 -8.24 -45.69
N THR A 583 42.07 -7.31 -45.84
CA THR A 583 42.16 -6.25 -46.84
C THR A 583 41.97 -4.88 -46.19
N ILE A 584 42.70 -4.62 -45.10
CA ILE A 584 42.62 -3.32 -44.46
C ILE A 584 43.09 -2.22 -45.41
N SER A 585 42.46 -1.07 -45.31
CA SER A 585 42.83 0.12 -46.09
C SER A 585 43.42 1.16 -45.15
N GLU A 586 44.70 1.47 -45.35
CA GLU A 586 45.44 2.36 -44.47
C GLU A 586 45.50 3.75 -45.09
N LEU A 587 44.74 4.68 -44.51
CA LEU A 587 44.74 6.08 -44.93
C LEU A 587 44.51 6.19 -46.44
N GLY A 588 43.52 5.45 -46.93
CA GLY A 588 43.15 5.49 -48.33
C GLY A 588 43.90 4.53 -49.22
N THR A 589 44.92 3.84 -48.71
CA THR A 589 45.67 2.87 -49.48
C THR A 589 45.23 1.46 -49.06
N GLU A 590 44.75 0.68 -50.03
CA GLU A 590 44.23 -0.65 -49.76
C GLU A 590 45.37 -1.66 -49.90
N ARG A 591 45.74 -2.28 -48.78
CA ARG A 591 46.81 -3.29 -48.74
C ARG A 591 46.21 -4.60 -48.29
N THR A 592 46.40 -5.65 -49.09
CA THR A 592 45.84 -6.97 -48.83
C THR A 592 46.92 -7.82 -48.18
N TYR A 593 46.82 -8.01 -46.87
CA TYR A 593 47.78 -8.82 -46.14
C TYR A 593 47.48 -10.31 -46.37
N ASN A 594 48.23 -11.16 -45.65
CA ASN A 594 48.10 -12.61 -45.80
C ASN A 594 48.14 -13.22 -44.40
N VAL A 595 46.97 -13.51 -43.85
CA VAL A 595 46.90 -14.04 -42.49
C VAL A 595 47.54 -15.42 -42.46
N LEU A 596 48.46 -15.62 -41.52
CA LEU A 596 49.14 -16.89 -41.36
C LEU A 596 48.61 -17.71 -40.20
N ALA A 597 48.16 -17.07 -39.13
CA ALA A 597 47.58 -17.80 -38.01
C ALA A 597 46.79 -16.84 -37.13
N ILE A 598 45.77 -17.38 -36.47
CA ILE A 598 44.97 -16.62 -35.51
C ILE A 598 45.01 -17.36 -34.18
N LEU A 599 45.53 -16.70 -33.15
CA LEU A 599 45.73 -17.31 -31.84
C LEU A 599 44.53 -16.92 -30.99
N ASP A 600 43.65 -17.89 -30.72
CA ASP A 600 42.29 -17.61 -30.30
C ASP A 600 42.24 -17.13 -28.85
N PHE A 601 41.06 -16.66 -28.46
CA PHE A 601 40.78 -16.15 -27.12
C PHE A 601 39.92 -17.13 -26.33
N ASN A 602 40.28 -17.34 -25.07
CA ASN A 602 39.44 -18.05 -24.13
C ASN A 602 39.71 -17.50 -22.73
N SER A 603 38.77 -17.73 -21.82
CA SER A 603 38.80 -17.06 -20.53
C SER A 603 40.13 -17.24 -19.82
N ASP A 604 40.73 -18.43 -19.93
CA ASP A 604 42.00 -18.67 -19.25
C ASP A 604 43.15 -17.96 -19.94
N ARG A 605 43.15 -17.94 -21.27
CA ARG A 605 44.24 -17.30 -22.01
C ARG A 605 44.22 -15.79 -21.83
N LYS A 606 43.03 -15.20 -21.79
CA LYS A 606 42.80 -13.78 -21.49
C LYS A 606 43.31 -12.84 -22.58
N ARG A 607 43.77 -13.37 -23.71
CA ARG A 607 44.31 -12.53 -24.76
C ARG A 607 44.08 -13.18 -26.12
N MET A 608 44.20 -12.36 -27.17
CA MET A 608 44.06 -12.82 -28.54
C MET A 608 45.26 -12.33 -29.33
N SER A 609 45.60 -13.05 -30.39
CA SER A 609 46.75 -12.65 -31.21
C SER A 609 46.53 -13.10 -32.64
N ILE A 610 47.39 -12.61 -33.52
CA ILE A 610 47.32 -12.94 -34.94
C ILE A 610 48.70 -12.77 -35.55
N ILE A 611 49.15 -13.77 -36.31
CA ILE A 611 50.43 -13.74 -37.02
C ILE A 611 50.12 -13.58 -38.50
N VAL A 612 50.64 -12.50 -39.09
CA VAL A 612 50.34 -12.14 -40.47
C VAL A 612 51.62 -11.75 -41.19
N ARG A 613 51.65 -12.01 -42.50
CA ARG A 613 52.76 -11.64 -43.34
C ARG A 613 52.39 -10.38 -44.12
N THR A 614 53.23 -9.35 -44.02
CA THR A 614 52.99 -8.12 -44.75
C THR A 614 53.19 -8.34 -46.24
N PRO A 615 52.65 -7.46 -47.08
CA PRO A 615 52.87 -7.62 -48.53
C PRO A 615 54.33 -7.65 -48.91
N GLU A 616 55.17 -6.88 -48.21
CA GLU A 616 56.60 -6.90 -48.51
C GLU A 616 57.21 -8.26 -48.27
N GLY A 617 56.85 -8.91 -47.15
CA GLY A 617 57.39 -10.21 -46.83
C GLY A 617 57.65 -10.42 -45.35
N ASN A 618 57.63 -9.34 -44.58
CA ASN A 618 57.85 -9.43 -43.15
C ASN A 618 56.70 -10.18 -42.47
N ILE A 619 57.03 -10.84 -41.36
CA ILE A 619 56.06 -11.60 -40.58
C ILE A 619 55.98 -10.96 -39.21
N LYS A 620 54.76 -10.56 -38.82
CA LYS A 620 54.54 -9.85 -37.56
C LYS A 620 53.41 -10.49 -36.79
N LEU A 621 53.57 -10.54 -35.47
CA LEU A 621 52.56 -11.03 -34.56
C LEU A 621 52.00 -9.85 -33.76
N TYR A 622 50.68 -9.67 -33.82
CA TYR A 622 49.99 -8.62 -33.08
C TYR A 622 49.09 -9.27 -32.04
N CYS A 623 49.22 -8.83 -30.78
CA CYS A 623 48.42 -9.39 -29.70
C CYS A 623 47.80 -8.28 -28.87
N LYS A 624 46.64 -8.58 -28.28
CA LYS A 624 45.98 -7.67 -27.36
C LYS A 624 45.27 -8.50 -26.30
N GLY A 625 45.33 -8.03 -25.06
CA GLY A 625 44.71 -8.78 -23.98
C GLY A 625 44.85 -8.09 -22.65
N ALA A 626 44.61 -8.87 -21.60
CA ALA A 626 44.67 -8.33 -20.25
C ALA A 626 46.08 -7.85 -19.93
N ASP A 627 46.16 -6.78 -19.15
CA ASP A 627 47.47 -6.22 -18.80
C ASP A 627 48.29 -7.21 -17.97
N THR A 628 47.63 -7.93 -17.06
CA THR A 628 48.37 -8.82 -16.18
C THR A 628 49.09 -9.92 -16.96
N VAL A 629 48.39 -10.53 -17.94
CA VAL A 629 48.98 -11.63 -18.70
C VAL A 629 49.93 -11.16 -19.78
N ILE A 630 49.98 -9.85 -20.06
CA ILE A 630 50.87 -9.33 -21.09
C ILE A 630 52.13 -8.68 -20.51
N TYR A 631 52.08 -8.22 -19.25
CA TYR A 631 53.26 -7.64 -18.63
C TYR A 631 54.25 -8.69 -18.12
N GLU A 632 53.87 -9.97 -18.16
CA GLU A 632 54.81 -11.05 -17.86
C GLU A 632 55.53 -11.55 -19.08
N ARG A 633 55.18 -11.08 -20.27
CA ARG A 633 55.77 -11.54 -21.52
C ARG A 633 56.42 -10.41 -22.31
N LEU A 634 56.73 -9.29 -21.65
CA LEU A 634 57.30 -8.15 -22.34
C LEU A 634 58.80 -8.32 -22.51
N HIS A 635 59.31 -7.88 -23.66
CA HIS A 635 60.74 -7.92 -23.93
C HIS A 635 61.49 -7.15 -22.85
N ARG A 636 62.79 -7.42 -22.74
CA ARG A 636 63.61 -6.77 -21.72
C ARG A 636 63.64 -5.27 -21.89
N MET A 637 63.61 -4.78 -23.13
CA MET A 637 63.73 -3.36 -23.43
C MET A 637 62.34 -2.80 -23.73
N ASN A 638 61.87 -1.89 -22.87
CA ASN A 638 60.57 -1.25 -23.04
C ASN A 638 60.54 0.06 -22.26
N PRO A 639 61.05 1.16 -22.82
CA PRO A 639 61.07 2.41 -22.05
C PRO A 639 59.69 2.91 -21.66
N THR A 640 58.66 2.56 -22.42
CA THR A 640 57.32 3.08 -22.20
C THR A 640 56.53 2.26 -21.18
N LYS A 641 57.17 1.30 -20.52
CA LYS A 641 56.43 0.43 -19.60
C LYS A 641 55.80 1.23 -18.46
N GLN A 642 56.59 2.10 -17.82
CA GLN A 642 56.07 2.84 -16.68
C GLN A 642 54.97 3.83 -17.09
N GLU A 643 55.15 4.52 -18.21
CA GLU A 643 54.15 5.47 -18.66
C GLU A 643 52.84 4.76 -19.00
N THR A 644 52.93 3.62 -19.69
CA THR A 644 51.72 2.86 -19.98
C THR A 644 51.08 2.32 -18.71
N GLN A 645 51.89 1.96 -17.72
CA GLN A 645 51.33 1.52 -16.43
C GLN A 645 50.56 2.66 -15.77
N ASP A 646 51.12 3.87 -15.80
CA ASP A 646 50.41 5.01 -15.25
C ASP A 646 49.11 5.26 -15.99
N ALA A 647 49.14 5.14 -17.33
CA ALA A 647 47.92 5.32 -18.11
C ALA A 647 46.87 4.28 -17.74
N LEU A 648 47.29 3.03 -17.57
CA LEU A 648 46.36 1.98 -17.16
C LEU A 648 45.78 2.29 -15.78
N ASP A 649 46.61 2.77 -14.86
CA ASP A 649 46.09 3.14 -13.54
C ASP A 649 45.05 4.24 -13.65
N ILE A 650 45.31 5.26 -14.48
CA ILE A 650 44.36 6.34 -14.63
C ILE A 650 43.05 5.84 -15.24
N PHE A 651 43.15 4.98 -16.26
CA PHE A 651 41.95 4.45 -16.89
C PHE A 651 41.13 3.63 -15.88
N ALA A 652 41.80 2.79 -15.10
CA ALA A 652 41.09 2.06 -14.05
C ALA A 652 40.49 3.00 -13.03
N ASN A 653 41.14 4.15 -12.79
CA ASN A 653 40.60 5.15 -11.88
C ASN A 653 39.32 5.78 -12.44
N GLU A 654 39.23 5.91 -13.76
CA GLU A 654 38.05 6.48 -14.41
C GLU A 654 36.98 5.44 -14.69
N THR A 655 37.14 4.20 -14.21
CA THR A 655 36.16 3.14 -14.39
C THR A 655 35.95 2.83 -15.88
N LEU A 656 37.03 2.40 -16.51
CA LEU A 656 37.01 2.01 -17.91
C LEU A 656 37.63 0.63 -18.08
N ARG A 657 37.26 -0.04 -19.17
CA ARG A 657 37.74 -1.38 -19.47
C ARG A 657 39.03 -1.27 -20.26
N THR A 658 40.13 -1.76 -19.68
CA THR A 658 41.46 -1.56 -20.24
C THR A 658 41.98 -2.82 -20.90
N LEU A 659 42.64 -2.65 -22.05
CA LEU A 659 43.35 -3.72 -22.73
C LEU A 659 44.74 -3.22 -23.09
N CYS A 660 45.70 -4.14 -23.17
CA CYS A 660 47.08 -3.84 -23.50
C CYS A 660 47.41 -4.46 -24.84
N LEU A 661 48.19 -3.73 -25.65
CA LEU A 661 48.49 -4.10 -27.02
C LEU A 661 50.00 -4.26 -27.20
N CYS A 662 50.40 -5.27 -27.97
CA CYS A 662 51.81 -5.53 -28.20
C CYS A 662 51.99 -6.13 -29.60
N TYR A 663 53.22 -6.05 -30.09
CA TYR A 663 53.56 -6.66 -31.38
C TYR A 663 54.99 -7.17 -31.32
N LYS A 664 55.32 -8.03 -32.27
CA LYS A 664 56.69 -8.52 -32.42
C LYS A 664 56.92 -8.95 -33.85
N GLU A 665 58.20 -9.05 -34.21
CA GLU A 665 58.64 -9.48 -35.53
C GLU A 665 59.18 -10.90 -35.44
N ILE A 666 58.85 -11.73 -36.44
CA ILE A 666 59.25 -13.14 -36.45
C ILE A 666 60.17 -13.38 -37.63
N GLU A 667 61.25 -14.12 -37.39
CA GLU A 667 62.17 -14.50 -38.45
C GLU A 667 61.62 -15.68 -39.23
N GLU A 668 62.17 -15.89 -40.42
CA GLU A 668 61.67 -16.95 -41.31
C GLU A 668 61.85 -18.32 -40.67
N LYS A 669 63.04 -18.59 -40.13
CA LYS A 669 63.31 -19.92 -39.57
C LYS A 669 62.43 -20.19 -38.36
N GLU A 670 62.35 -19.21 -37.44
CA GLU A 670 61.51 -19.39 -36.26
C GLU A 670 60.06 -19.57 -36.67
N PHE A 671 59.60 -18.79 -37.65
CA PHE A 671 58.21 -18.91 -38.09
C PHE A 671 57.94 -20.29 -38.67
N THR A 672 58.86 -20.82 -39.49
CA THR A 672 58.59 -22.11 -40.11
C THR A 672 58.62 -23.23 -39.07
N GLU A 673 59.53 -23.17 -38.11
CA GLU A 673 59.53 -24.19 -37.05
C GLU A 673 58.24 -24.12 -36.23
N TRP A 674 57.83 -22.91 -35.84
CA TRP A 674 56.60 -22.78 -35.08
C TRP A 674 55.39 -23.22 -35.90
N ASN A 675 55.40 -22.96 -37.20
CA ASN A 675 54.30 -23.39 -38.06
C ASN A 675 54.25 -24.91 -38.16
N LYS A 676 55.41 -25.55 -38.26
CA LYS A 676 55.44 -27.01 -38.24
C LYS A 676 54.81 -27.53 -36.95
N LYS A 677 55.23 -26.98 -35.81
CA LYS A 677 54.69 -27.43 -34.54
C LYS A 677 53.18 -27.17 -34.45
N PHE A 678 52.74 -26.01 -34.92
CA PHE A 678 51.33 -25.66 -34.86
C PHE A 678 50.48 -26.60 -35.70
N MET A 679 50.92 -26.86 -36.94
CA MET A 679 50.20 -27.79 -37.79
C MET A 679 50.22 -29.20 -37.20
N ALA A 680 51.30 -29.55 -36.50
CA ALA A 680 51.30 -30.82 -35.78
C ALA A 680 50.24 -30.84 -34.69
N ALA A 681 50.07 -29.71 -33.98
CA ALA A 681 49.08 -29.62 -32.92
C ALA A 681 47.69 -29.25 -33.44
N SER A 682 47.55 -28.93 -34.72
CA SER A 682 46.27 -28.55 -35.30
C SER A 682 45.53 -29.72 -35.94
N VAL A 683 46.05 -30.93 -35.83
CA VAL A 683 45.42 -32.10 -36.45
C VAL A 683 45.07 -33.11 -35.36
N ALA A 684 45.77 -33.07 -34.24
CA ALA A 684 45.53 -33.99 -33.13
C ALA A 684 44.26 -33.57 -32.42
N SER A 685 43.13 -34.13 -32.84
CA SER A 685 41.84 -33.77 -32.28
C SER A 685 41.56 -34.41 -30.93
N THR A 686 42.34 -35.41 -30.53
CA THR A 686 42.10 -36.07 -29.25
C THR A 686 42.27 -35.10 -28.09
N ASN A 687 43.35 -34.30 -28.12
CA ASN A 687 43.65 -33.30 -27.10
C ASN A 687 44.05 -32.00 -27.76
N ARG A 688 43.26 -31.57 -28.74
CA ARG A 688 43.63 -30.41 -29.55
C ARG A 688 43.79 -29.16 -28.68
N ASP A 689 42.94 -29.02 -27.67
CA ASP A 689 42.94 -27.78 -26.87
C ASP A 689 44.28 -27.57 -26.18
N GLU A 690 44.79 -28.59 -25.50
CA GLU A 690 46.03 -28.42 -24.75
C GLU A 690 47.22 -28.23 -25.67
N ALA A 691 47.30 -28.99 -26.75
CA ALA A 691 48.40 -28.82 -27.69
C ALA A 691 48.37 -27.42 -28.30
N LEU A 692 47.19 -26.94 -28.67
CA LEU A 692 47.06 -25.58 -29.19
C LEU A 692 47.49 -24.56 -28.15
N ASP A 693 47.09 -24.75 -26.89
CA ASP A 693 47.46 -23.79 -25.85
C ASP A 693 48.98 -23.74 -25.68
N LYS A 694 49.63 -24.90 -25.67
CA LYS A 694 51.08 -24.92 -25.51
C LYS A 694 51.77 -24.27 -26.70
N VAL A 695 51.29 -24.55 -27.91
CA VAL A 695 51.87 -23.89 -29.09
C VAL A 695 51.69 -22.39 -28.99
N TYR A 696 50.51 -21.93 -28.59
CA TYR A 696 50.28 -20.50 -28.44
C TYR A 696 51.24 -19.89 -27.43
N GLU A 697 51.42 -20.55 -26.28
CA GLU A 697 52.33 -20.04 -25.26
C GLU A 697 53.76 -19.96 -25.78
N GLU A 698 54.17 -20.92 -26.61
CA GLU A 698 55.56 -20.98 -27.03
C GLU A 698 56.00 -19.74 -27.79
N ILE A 699 55.12 -19.13 -28.58
CA ILE A 699 55.54 -18.02 -29.45
C ILE A 699 55.46 -16.67 -28.75
N GLU A 700 54.44 -16.43 -27.93
CA GLU A 700 54.24 -15.14 -27.28
C GLU A 700 55.17 -15.03 -26.08
N LYS A 701 56.44 -14.76 -26.37
CA LYS A 701 57.48 -14.65 -25.35
C LYS A 701 58.06 -13.24 -25.26
N ASP A 702 58.56 -12.70 -26.36
CA ASP A 702 59.17 -11.38 -26.38
C ASP A 702 58.27 -10.44 -27.18
N LEU A 703 57.61 -9.52 -26.46
CA LEU A 703 56.63 -8.63 -27.06
C LEU A 703 57.01 -7.17 -26.79
N ILE A 704 56.78 -6.32 -27.78
CA ILE A 704 57.04 -4.89 -27.67
C ILE A 704 55.70 -4.17 -27.48
N LEU A 705 55.65 -3.30 -26.47
CA LEU A 705 54.40 -2.65 -26.11
C LEU A 705 53.98 -1.63 -27.17
N LEU A 706 52.69 -1.30 -27.17
CA LEU A 706 52.16 -0.21 -27.99
C LEU A 706 51.36 0.80 -27.18
N GLY A 707 50.59 0.34 -26.20
CA GLY A 707 49.75 1.24 -25.44
C GLY A 707 48.58 0.50 -24.83
N ALA A 708 47.49 1.24 -24.63
CA ALA A 708 46.29 0.69 -24.02
C ALA A 708 45.07 1.37 -24.61
N THR A 709 43.92 0.71 -24.45
CA THR A 709 42.65 1.25 -24.90
C THR A 709 41.66 1.24 -23.74
N ALA A 710 40.75 2.20 -23.75
CA ALA A 710 39.72 2.30 -22.73
C ALA A 710 38.35 2.32 -23.39
N ILE A 711 37.48 1.42 -22.95
CA ILE A 711 36.12 1.31 -23.47
C ILE A 711 35.17 1.54 -22.30
N GLU A 712 34.30 2.54 -22.44
CA GLU A 712 33.30 2.83 -21.41
C GLU A 712 32.01 2.12 -21.76
N ASP A 713 31.49 1.37 -20.79
CA ASP A 713 30.19 0.71 -20.91
C ASP A 713 29.14 1.65 -20.34
N LYS A 714 28.30 2.19 -21.21
CA LYS A 714 27.36 3.22 -20.79
C LYS A 714 26.33 2.68 -19.81
N LEU A 715 26.01 3.49 -18.80
CA LEU A 715 24.95 3.19 -17.84
C LEU A 715 23.70 3.98 -18.20
N GLN A 716 22.58 3.53 -17.64
CA GLN A 716 21.35 4.30 -17.78
C GLN A 716 21.52 5.65 -17.09
N ASP A 717 20.84 6.67 -17.63
CA ASP A 717 20.96 8.00 -17.09
C ASP A 717 20.54 8.03 -15.63
N GLY A 718 21.31 8.72 -14.80
CA GLY A 718 20.96 8.89 -13.40
C GLY A 718 20.96 7.63 -12.58
N VAL A 719 21.86 6.69 -12.88
CA VAL A 719 21.99 5.47 -12.08
C VAL A 719 22.78 5.76 -10.81
N PRO A 720 23.99 6.31 -10.90
CA PRO A 720 24.74 6.61 -9.67
C PRO A 720 24.01 7.58 -8.75
N GLU A 721 23.30 8.57 -9.31
CA GLU A 721 22.53 9.48 -8.48
C GLU A 721 21.44 8.74 -7.73
N THR A 722 20.73 7.83 -8.41
CA THR A 722 19.70 7.05 -7.76
C THR A 722 20.30 6.19 -6.66
N ILE A 723 21.44 5.56 -6.92
CA ILE A 723 22.07 4.70 -5.92
C ILE A 723 22.46 5.52 -4.70
N SER A 724 23.06 6.70 -4.90
CA SER A 724 23.44 7.53 -3.77
C SER A 724 22.22 7.98 -2.98
N LYS A 725 21.16 8.40 -3.66
CA LYS A 725 19.95 8.82 -2.96
C LYS A 725 19.37 7.69 -2.13
N LEU A 726 19.21 6.52 -2.73
CA LEU A 726 18.67 5.39 -1.99
C LEU A 726 19.61 4.91 -0.89
N ALA A 727 20.90 5.22 -0.99
CA ALA A 727 21.81 4.96 0.12
C ALA A 727 21.61 5.94 1.26
N LYS A 728 21.29 7.21 0.94
CA LYS A 728 20.99 8.17 1.98
C LYS A 728 19.70 7.83 2.73
N ALA A 729 18.81 7.04 2.12
CA ALA A 729 17.56 6.63 2.74
C ALA A 729 17.69 5.32 3.50
N ASP A 730 18.91 4.80 3.65
CA ASP A 730 19.15 3.55 4.36
C ASP A 730 18.51 2.37 3.63
N ILE A 731 18.75 2.29 2.33
CA ILE A 731 18.34 1.17 1.50
C ILE A 731 19.59 0.58 0.87
N LYS A 732 19.76 -0.73 1.00
CA LYS A 732 20.97 -1.41 0.53
C LYS A 732 20.69 -2.07 -0.83
N ILE A 733 21.53 -1.75 -1.80
CA ILE A 733 21.39 -2.25 -3.17
C ILE A 733 22.39 -3.37 -3.37
N TRP A 734 21.90 -4.54 -3.75
CA TRP A 734 22.71 -5.68 -4.16
C TRP A 734 22.51 -5.90 -5.64
N VAL A 735 23.58 -6.30 -6.34
CA VAL A 735 23.53 -6.57 -7.76
C VAL A 735 23.67 -8.07 -7.96
N LEU A 736 22.61 -8.69 -8.48
CA LEU A 736 22.58 -10.12 -8.78
C LEU A 736 22.55 -10.26 -10.29
N THR A 737 23.70 -10.51 -10.90
CA THR A 737 23.84 -10.57 -12.35
C THR A 737 24.37 -11.94 -12.76
N GLY A 738 24.04 -12.34 -13.97
CA GLY A 738 24.52 -13.59 -14.52
C GLY A 738 25.71 -13.41 -15.44
N ASP A 739 26.31 -12.23 -15.41
CA ASP A 739 27.40 -11.87 -16.30
C ASP A 739 28.74 -12.20 -15.64
N LYS A 740 29.80 -12.17 -16.45
CA LYS A 740 31.13 -12.53 -15.96
C LYS A 740 31.54 -11.62 -14.81
N LYS A 741 32.65 -11.99 -14.16
CA LYS A 741 33.09 -11.26 -12.97
C LYS A 741 33.70 -9.91 -13.34
N GLU A 742 34.46 -9.85 -14.43
CA GLU A 742 35.11 -8.60 -14.80
C GLU A 742 34.09 -7.51 -15.08
N THR A 743 33.05 -7.84 -15.86
CA THR A 743 32.02 -6.85 -16.17
C THR A 743 31.26 -6.42 -14.92
N ALA A 744 30.94 -7.37 -14.05
CA ALA A 744 30.22 -7.03 -12.83
C ALA A 744 31.03 -6.09 -11.96
N GLU A 745 32.31 -6.38 -11.77
CA GLU A 745 33.16 -5.50 -10.96
C GLU A 745 33.32 -4.14 -11.61
N ASN A 746 33.49 -4.10 -12.94
CA ASN A 746 33.64 -2.83 -13.64
C ASN A 746 32.40 -1.96 -13.45
N ILE A 747 31.22 -2.56 -13.60
CA ILE A 747 29.98 -1.80 -13.43
C ILE A 747 29.83 -1.36 -11.97
N GLY A 748 30.16 -2.24 -11.03
CA GLY A 748 30.11 -1.85 -9.63
C GLY A 748 30.98 -0.63 -9.34
N PHE A 749 32.16 -0.59 -9.96
CA PHE A 749 33.01 0.59 -9.80
C PHE A 749 32.44 1.80 -10.52
N ALA A 750 31.78 1.60 -11.66
CA ALA A 750 31.22 2.71 -12.42
C ALA A 750 29.93 3.26 -11.81
N CYS A 751 29.24 2.49 -11.00
CA CYS A 751 28.03 2.94 -10.33
C CYS A 751 28.32 3.60 -8.98
N GLU A 752 29.59 3.75 -8.61
CA GLU A 752 30.03 4.29 -7.33
C GLU A 752 29.68 3.35 -6.17
N LEU A 753 29.22 2.14 -6.45
CA LEU A 753 29.01 1.16 -5.38
C LEU A 753 30.34 0.81 -4.71
N LEU A 754 31.39 0.64 -5.51
CA LEU A 754 32.72 0.35 -5.00
C LEU A 754 33.62 1.55 -5.27
N THR A 755 34.55 1.80 -4.36
CA THR A 755 35.43 2.96 -4.45
C THR A 755 36.84 2.51 -4.06
N GLU A 756 37.75 3.49 -3.98
CA GLU A 756 39.13 3.17 -3.60
C GLU A 756 39.22 2.71 -2.14
N ASP A 757 38.38 3.27 -1.26
CA ASP A 757 38.40 2.84 0.13
C ASP A 757 37.94 1.40 0.28
N THR A 758 36.92 1.00 -0.47
CA THR A 758 36.33 -0.32 -0.29
C THR A 758 37.37 -1.41 -0.53
N THR A 759 37.41 -2.38 0.37
CA THR A 759 38.23 -3.58 0.21
C THR A 759 37.33 -4.70 -0.30
N ILE A 760 37.75 -5.34 -1.39
CA ILE A 760 36.92 -6.33 -2.06
C ILE A 760 37.30 -7.72 -1.56
N CYS A 761 36.30 -8.50 -1.18
CA CYS A 761 36.47 -9.88 -0.77
C CYS A 761 35.82 -10.78 -1.80
N TYR A 762 36.57 -11.75 -2.31
CA TYR A 762 36.08 -12.67 -3.32
C TYR A 762 35.53 -13.93 -2.63
N GLY A 763 35.20 -14.94 -3.43
CA GLY A 763 34.58 -16.12 -2.87
C GLY A 763 35.47 -16.84 -1.87
N GLU A 764 36.75 -16.97 -2.19
CA GLU A 764 37.65 -17.75 -1.34
C GLU A 764 37.83 -17.10 0.03
N ASP A 765 37.95 -15.78 0.07
CA ASP A 765 38.10 -15.09 1.35
C ASP A 765 36.87 -15.30 2.22
N ILE A 766 35.67 -15.18 1.64
CA ILE A 766 34.45 -15.38 2.40
C ILE A 766 34.37 -16.82 2.89
N ASN A 767 34.73 -17.78 2.05
CA ASN A 767 34.71 -19.17 2.46
C ASN A 767 35.66 -19.40 3.62
N SER A 768 36.87 -18.84 3.55
CA SER A 768 37.82 -18.99 4.64
C SER A 768 37.30 -18.37 5.93
N LEU A 769 36.70 -17.19 5.84
CA LEU A 769 36.14 -16.55 7.03
C LEU A 769 35.05 -17.40 7.66
N LEU A 770 34.15 -17.93 6.83
CA LEU A 770 33.08 -18.76 7.36
C LEU A 770 33.62 -20.06 7.96
N HIS A 771 34.63 -20.65 7.33
CA HIS A 771 35.25 -21.85 7.91
C HIS A 771 35.87 -21.55 9.26
N ALA A 772 36.57 -20.41 9.36
CA ALA A 772 37.18 -20.05 10.64
C ALA A 772 36.12 -19.84 11.72
N ARG A 773 35.03 -19.16 11.37
CA ARG A 773 33.97 -18.94 12.36
C ARG A 773 33.33 -20.26 12.77
N MET A 774 33.09 -21.17 11.81
CA MET A 774 32.52 -22.47 12.15
C MET A 774 33.45 -23.25 13.06
N GLU A 775 34.75 -23.23 12.78
CA GLU A 775 35.70 -23.91 13.66
C GLU A 775 35.69 -23.30 15.05
N ASN A 776 35.60 -21.97 15.13
CA ASN A 776 35.51 -21.32 16.43
C ASN A 776 34.28 -21.77 17.19
N GLN A 777 33.14 -21.88 16.49
CA GLN A 777 31.92 -22.38 17.11
C GLN A 777 31.96 -23.89 17.36
N ARG A 778 32.96 -24.58 16.83
CA ARG A 778 33.06 -26.03 17.02
C ARG A 778 33.58 -26.36 18.41
N GLN A 792 26.28 -11.22 17.72
CA GLN A 792 27.55 -11.90 17.96
C GLN A 792 28.72 -11.02 17.55
N GLU A 793 29.92 -11.57 17.60
CA GLU A 793 31.11 -10.82 17.20
C GLU A 793 31.06 -10.52 15.71
N SER A 794 31.37 -9.28 15.36
CA SER A 794 31.37 -8.87 13.96
C SER A 794 32.51 -9.54 13.22
N PHE A 795 32.24 -9.97 11.98
CA PHE A 795 33.28 -10.60 11.17
C PHE A 795 34.42 -9.62 10.89
N PHE A 796 34.09 -8.35 10.68
CA PHE A 796 35.06 -7.31 10.37
C PHE A 796 34.97 -6.20 11.41
N PRO A 797 36.03 -5.41 11.58
CA PRO A 797 35.95 -4.24 12.47
C PRO A 797 34.87 -3.29 11.99
N PRO A 798 34.10 -2.70 12.91
CA PRO A 798 32.98 -1.85 12.48
C PRO A 798 33.40 -0.65 11.63
N GLY A 799 34.57 -0.08 11.90
CA GLY A 799 34.99 1.14 11.22
C GLY A 799 35.47 0.96 9.80
N GLY A 800 35.63 -0.27 9.34
CA GLY A 800 36.15 -0.52 8.00
C GLY A 800 35.07 -0.39 6.93
N ASN A 801 35.53 -0.51 5.68
CA ASN A 801 34.66 -0.49 4.52
C ASN A 801 35.02 -1.67 3.64
N ARG A 802 34.01 -2.45 3.23
CA ARG A 802 34.28 -3.66 2.47
C ARG A 802 33.12 -3.94 1.52
N ALA A 803 33.41 -4.76 0.51
CA ALA A 803 32.42 -5.21 -0.46
C ALA A 803 32.71 -6.65 -0.81
N LEU A 804 31.69 -7.33 -1.35
CA LEU A 804 31.76 -8.75 -1.67
C LEU A 804 31.52 -8.96 -3.16
N ILE A 805 32.37 -9.78 -3.78
CA ILE A 805 32.18 -10.20 -5.16
C ILE A 805 32.17 -11.73 -5.15
N ILE A 806 30.98 -12.31 -5.26
CA ILE A 806 30.79 -13.75 -5.13
C ILE A 806 30.32 -14.30 -6.47
N THR A 807 31.02 -15.29 -6.98
CA THR A 807 30.58 -16.00 -8.17
C THR A 807 29.53 -17.04 -7.81
N GLY A 808 28.81 -17.51 -8.82
CA GLY A 808 27.77 -18.50 -8.57
C GLY A 808 28.32 -19.80 -8.00
N SER A 809 29.41 -20.29 -8.58
CA SER A 809 30.01 -21.52 -8.07
C SER A 809 30.49 -21.35 -6.64
N TRP A 810 31.12 -20.21 -6.33
CA TRP A 810 31.55 -19.96 -4.96
C TRP A 810 30.35 -19.75 -4.03
N LEU A 811 29.27 -19.14 -4.54
CA LEU A 811 28.07 -19.01 -3.73
C LEU A 811 27.51 -20.38 -3.35
N ASN A 812 27.49 -21.32 -4.30
CA ASN A 812 27.07 -22.67 -3.97
C ASN A 812 28.04 -23.33 -3.00
N GLU A 813 29.35 -23.09 -3.20
CA GLU A 813 30.36 -23.72 -2.34
C GLU A 813 30.21 -23.27 -0.90
N ILE A 814 29.99 -21.97 -0.67
CA ILE A 814 29.95 -21.46 0.70
C ILE A 814 28.63 -21.77 1.40
N LEU A 815 27.57 -22.04 0.65
CA LEU A 815 26.28 -22.38 1.23
C LEU A 815 26.03 -23.88 1.25
N LEU A 816 27.05 -24.69 0.93
CA LEU A 816 26.95 -26.14 1.00
C LEU A 816 25.86 -26.68 0.06
N GLU A 817 25.55 -25.94 -1.00
CA GLU A 817 24.53 -26.35 -1.95
C GLU A 817 25.09 -27.19 -3.09
N LYS A 818 26.39 -27.49 -3.08
CA LYS A 818 27.00 -28.29 -4.13
C LYS A 818 26.54 -29.74 -4.04
N ARG A 838 15.48 -44.21 11.98
CA ARG A 838 16.71 -44.75 11.41
C ARG A 838 17.82 -43.70 11.44
N MET A 839 19.06 -44.15 11.23
CA MET A 839 20.19 -43.23 11.20
C MET A 839 20.07 -42.24 10.04
N ARG A 840 19.33 -42.58 8.99
CA ARG A 840 19.17 -41.66 7.87
C ARG A 840 18.46 -40.38 8.30
N THR A 841 17.43 -40.51 9.14
CA THR A 841 16.72 -39.32 9.62
C THR A 841 17.64 -38.43 10.46
N GLN A 842 18.45 -39.05 11.32
CA GLN A 842 19.39 -38.27 12.12
C GLN A 842 20.40 -37.55 11.23
N SER A 843 20.92 -38.26 10.22
CA SER A 843 21.85 -37.63 9.29
C SER A 843 21.20 -36.46 8.57
N LYS A 844 19.96 -36.64 8.11
CA LYS A 844 19.27 -35.58 7.40
C LYS A 844 19.05 -34.36 8.31
N ARG A 845 18.63 -34.59 9.55
CA ARG A 845 18.36 -33.46 10.43
C ARG A 845 19.64 -32.72 10.80
N ARG A 846 20.73 -33.45 11.08
CA ARG A 846 21.98 -32.77 11.39
C ARG A 846 22.52 -32.00 10.19
N LEU A 847 22.42 -32.59 9.00
CA LEU A 847 22.86 -31.88 7.79
C LEU A 847 22.03 -30.63 7.57
N GLU A 848 20.71 -30.72 7.76
CA GLU A 848 19.86 -29.55 7.60
C GLU A 848 20.21 -28.46 8.61
N ALA A 849 20.47 -28.86 9.86
CA ALA A 849 20.86 -27.88 10.87
C ALA A 849 22.16 -27.19 10.50
N LYS A 850 23.14 -27.96 10.02
CA LYS A 850 24.40 -27.36 9.60
C LYS A 850 24.20 -26.40 8.44
N LYS A 851 23.37 -26.79 7.47
CA LYS A 851 23.11 -25.92 6.33
C LYS A 851 22.42 -24.63 6.77
N GLU A 852 21.47 -24.73 7.71
CA GLU A 852 20.80 -23.54 8.21
C GLU A 852 21.78 -22.63 8.92
N GLN A 853 22.68 -23.19 9.73
CA GLN A 853 23.66 -22.36 10.42
C GLN A 853 24.57 -21.67 9.41
N ARG A 854 25.02 -22.39 8.39
CA ARG A 854 25.89 -21.79 7.39
C ARG A 854 25.17 -20.67 6.65
N GLN A 855 23.90 -20.89 6.29
CA GLN A 855 23.15 -19.86 5.60
C GLN A 855 22.98 -18.62 6.47
N LYS A 856 22.68 -18.80 7.76
CA LYS A 856 22.55 -17.66 8.65
C LYS A 856 23.87 -16.90 8.77
N ASN A 857 24.98 -17.63 8.89
CA ASN A 857 26.28 -16.98 8.97
C ASN A 857 26.57 -16.17 7.71
N PHE A 858 26.30 -16.74 6.54
CA PHE A 858 26.54 -16.01 5.30
C PHE A 858 25.67 -14.77 5.20
N VAL A 859 24.39 -14.88 5.59
CA VAL A 859 23.51 -13.72 5.53
C VAL A 859 24.01 -12.63 6.46
N ASP A 860 24.42 -12.99 7.68
CA ASP A 860 24.93 -12.01 8.61
C ASP A 860 26.19 -11.33 8.08
N LEU A 861 27.09 -12.11 7.48
CA LEU A 861 28.30 -11.53 6.92
C LEU A 861 27.97 -10.58 5.76
N ALA A 862 27.06 -11.00 4.88
CA ALA A 862 26.74 -10.18 3.71
C ALA A 862 26.08 -8.87 4.12
N CYS A 863 25.16 -8.93 5.08
CA CYS A 863 24.45 -7.73 5.50
C CYS A 863 25.35 -6.76 6.28
N GLU A 864 26.56 -7.18 6.64
CA GLU A 864 27.49 -6.32 7.36
C GLU A 864 28.37 -5.49 6.43
N CYS A 865 28.32 -5.72 5.13
CA CYS A 865 29.21 -5.08 4.17
C CYS A 865 28.47 -4.02 3.37
N SER A 866 29.25 -3.08 2.81
CA SER A 866 28.67 -1.95 2.11
C SER A 866 27.89 -2.39 0.88
N ALA A 867 28.50 -3.24 0.05
CA ALA A 867 27.87 -3.70 -1.19
C ALA A 867 28.17 -5.16 -1.40
N VAL A 868 27.25 -5.85 -2.07
CA VAL A 868 27.41 -7.26 -2.42
C VAL A 868 27.05 -7.41 -3.89
N ILE A 869 27.90 -8.08 -4.65
CA ILE A 869 27.68 -8.33 -6.07
C ILE A 869 27.78 -9.83 -6.31
N CYS A 870 26.75 -10.41 -6.93
CA CYS A 870 26.73 -11.82 -7.26
C CYS A 870 26.76 -11.96 -8.77
N CYS A 871 27.74 -12.70 -9.27
CA CYS A 871 27.95 -12.89 -10.70
C CYS A 871 27.94 -14.37 -11.04
N ARG A 872 27.59 -14.69 -12.28
CA ARG A 872 27.57 -16.08 -12.76
C ARG A 872 26.54 -16.90 -12.00
N VAL A 873 25.43 -16.27 -11.61
CA VAL A 873 24.38 -16.91 -10.80
C VAL A 873 23.19 -17.22 -11.70
N THR A 874 22.65 -18.43 -11.56
CA THR A 874 21.46 -18.83 -12.28
C THR A 874 20.22 -18.24 -11.61
N PRO A 875 19.08 -18.21 -12.32
CA PRO A 875 17.87 -17.62 -11.72
C PRO A 875 17.50 -18.24 -10.38
N LYS A 876 17.65 -19.56 -10.25
CA LYS A 876 17.37 -20.21 -8.97
C LYS A 876 18.24 -19.63 -7.87
N GLN A 877 19.48 -19.27 -8.19
CA GLN A 877 20.35 -18.69 -7.18
C GLN A 877 19.93 -17.27 -6.80
N LYS A 878 19.44 -16.50 -7.77
CA LYS A 878 18.89 -15.18 -7.43
C LYS A 878 17.72 -15.31 -6.47
N ALA A 879 16.80 -16.24 -6.77
CA ALA A 879 15.68 -16.49 -5.87
C ALA A 879 16.19 -16.96 -4.51
N MET A 880 17.21 -17.80 -4.50
CA MET A 880 17.77 -18.30 -3.25
C MET A 880 18.29 -17.15 -2.39
N VAL A 881 19.03 -16.23 -2.99
CA VAL A 881 19.59 -15.12 -2.22
C VAL A 881 18.47 -14.23 -1.68
N VAL A 882 17.49 -13.90 -2.53
CA VAL A 882 16.38 -13.06 -2.08
C VAL A 882 15.65 -13.73 -0.92
N ASP A 883 15.38 -15.03 -1.05
CA ASP A 883 14.67 -15.76 -0.01
C ASP A 883 15.49 -15.82 1.28
N LEU A 884 16.80 -16.03 1.16
CA LEU A 884 17.65 -16.07 2.35
C LEU A 884 17.60 -14.75 3.09
N VAL A 885 17.70 -13.64 2.36
CA VAL A 885 17.63 -12.34 3.02
C VAL A 885 16.27 -12.18 3.71
N LYS A 886 15.19 -12.45 2.97
CA LYS A 886 13.84 -12.31 3.53
C LYS A 886 13.70 -13.09 4.82
N ARG A 887 14.18 -14.34 4.82
CA ARG A 887 13.94 -15.24 5.94
C ARG A 887 14.83 -14.91 7.13
N TYR A 888 16.15 -14.87 6.91
CA TYR A 888 17.08 -14.74 8.01
C TYR A 888 17.31 -13.29 8.44
N LYS A 889 16.72 -12.30 7.77
CA LYS A 889 16.83 -10.92 8.20
C LYS A 889 15.49 -10.24 8.43
N LYS A 890 14.37 -10.89 8.11
CA LYS A 890 13.05 -10.32 8.35
C LYS A 890 12.95 -8.91 7.77
N ALA A 891 13.39 -8.77 6.53
CA ALA A 891 13.46 -7.48 5.86
C ALA A 891 12.54 -7.48 4.65
N ILE A 892 12.00 -6.30 4.34
CA ILE A 892 11.19 -6.12 3.14
C ILE A 892 12.13 -5.92 1.96
N THR A 893 11.96 -6.75 0.93
CA THR A 893 12.87 -6.77 -0.21
C THR A 893 12.14 -6.37 -1.48
N LEU A 894 12.89 -5.74 -2.38
CA LEU A 894 12.41 -5.41 -3.72
C LEU A 894 13.34 -6.03 -4.74
N ALA A 895 12.78 -6.40 -5.90
CA ALA A 895 13.55 -7.00 -6.97
C ALA A 895 13.25 -6.26 -8.27
N ILE A 896 14.30 -5.79 -8.93
CA ILE A 896 14.16 -5.04 -10.17
C ILE A 896 15.06 -5.67 -11.22
N GLY A 897 14.54 -5.87 -12.42
CA GLY A 897 15.34 -6.44 -13.49
C GLY A 897 14.50 -6.65 -14.73
N ASP A 898 15.17 -7.10 -15.78
CA ASP A 898 14.50 -7.43 -17.03
C ASP A 898 14.86 -8.84 -17.48
N GLY A 899 14.45 -9.22 -18.68
CA GLY A 899 14.79 -10.53 -19.21
C GLY A 899 14.03 -11.64 -18.51
N ALA A 900 14.38 -12.87 -18.88
CA ALA A 900 13.69 -14.05 -18.38
C ALA A 900 14.35 -14.63 -17.14
N ASN A 901 15.65 -14.41 -16.93
CA ASN A 901 16.32 -14.96 -15.76
C ASN A 901 15.99 -14.21 -14.49
N ASP A 902 15.48 -12.98 -14.59
CA ASP A 902 15.12 -12.18 -13.43
C ASP A 902 13.68 -12.38 -13.00
N VAL A 903 12.94 -13.28 -13.66
CA VAL A 903 11.53 -13.46 -13.33
C VAL A 903 11.38 -14.12 -11.97
N ASN A 904 12.25 -15.08 -11.64
CA ASN A 904 12.11 -15.82 -10.39
C ASN A 904 12.24 -14.90 -9.19
N MET A 905 13.24 -14.01 -9.18
CA MET A 905 13.40 -13.10 -8.06
C MET A 905 12.37 -11.97 -8.10
N ILE A 906 11.72 -11.76 -9.25
CA ILE A 906 10.62 -10.82 -9.30
C ILE A 906 9.36 -11.45 -8.69
N LYS A 907 9.25 -12.77 -8.76
CA LYS A 907 8.12 -13.48 -8.16
C LYS A 907 8.38 -13.91 -6.72
N THR A 908 9.63 -13.85 -6.26
CA THR A 908 9.95 -14.23 -4.88
C THR A 908 9.99 -13.03 -3.94
N ALA A 909 10.38 -11.86 -4.42
CA ALA A 909 10.52 -10.70 -3.56
C ALA A 909 9.15 -10.17 -3.15
N HIS A 910 9.14 -9.35 -2.10
CA HIS A 910 7.90 -8.72 -1.66
C HIS A 910 7.32 -7.84 -2.75
N ILE A 911 8.17 -7.04 -3.40
CA ILE A 911 7.78 -6.21 -4.52
C ILE A 911 8.69 -6.53 -5.70
N GLY A 912 8.09 -6.66 -6.87
CA GLY A 912 8.85 -6.98 -8.07
C GLY A 912 8.64 -5.95 -9.17
N VAL A 913 9.73 -5.43 -9.72
CA VAL A 913 9.68 -4.39 -10.73
C VAL A 913 10.33 -4.90 -12.00
N GLY A 914 9.70 -4.64 -13.14
CA GLY A 914 10.22 -5.03 -14.44
C GLY A 914 10.52 -3.82 -15.28
N ILE A 915 11.67 -3.84 -15.94
CA ILE A 915 12.11 -2.74 -16.80
C ILE A 915 11.49 -2.94 -18.17
N SER A 916 10.47 -2.16 -18.49
CA SER A 916 9.79 -2.26 -19.76
C SER A 916 10.46 -1.32 -20.77
N GLY A 917 9.83 -1.13 -21.93
CA GLY A 917 10.37 -0.25 -22.95
C GLY A 917 11.11 -1.01 -24.03
N GLN A 918 11.80 -2.07 -23.66
CA GLN A 918 12.51 -2.89 -24.61
C GLN A 918 11.57 -3.92 -25.24
N GLU A 919 12.08 -4.64 -26.24
CA GLU A 919 11.29 -5.68 -26.87
C GLU A 919 11.11 -6.91 -25.99
N GLY A 920 11.88 -7.02 -24.90
CA GLY A 920 11.74 -8.15 -23.99
C GLY A 920 10.72 -7.91 -22.90
N MET A 921 9.54 -8.53 -23.04
CA MET A 921 8.45 -8.38 -22.09
C MET A 921 8.29 -9.62 -21.22
N GLN A 922 9.40 -10.24 -20.84
CA GLN A 922 9.32 -11.44 -19.99
C GLN A 922 9.21 -11.06 -18.51
N ALA A 923 10.08 -10.17 -18.05
CA ALA A 923 10.06 -9.78 -16.64
C ALA A 923 8.86 -8.90 -16.31
N VAL A 924 8.30 -8.21 -17.29
CA VAL A 924 7.16 -7.33 -17.03
C VAL A 924 5.86 -8.11 -16.83
N MET A 925 5.78 -9.34 -17.32
CA MET A 925 4.56 -10.13 -17.17
C MET A 925 4.26 -10.41 -15.70
N SER A 926 5.26 -10.82 -14.94
CA SER A 926 5.09 -11.22 -13.55
C SER A 926 5.43 -10.12 -12.55
N SER A 927 5.78 -8.94 -13.02
CA SER A 927 6.17 -7.86 -12.13
C SER A 927 4.94 -7.27 -11.44
N ASP A 928 5.20 -6.37 -10.49
CA ASP A 928 4.14 -5.63 -9.82
C ASP A 928 4.03 -4.20 -10.35
N TYR A 929 5.17 -3.55 -10.60
CA TYR A 929 5.22 -2.22 -11.16
C TYR A 929 6.22 -2.22 -12.31
N SER A 930 5.90 -1.51 -13.38
CA SER A 930 6.65 -1.60 -14.63
C SER A 930 6.86 -0.20 -15.20
N PHE A 931 8.05 0.37 -14.95
CA PHE A 931 8.49 1.58 -15.62
C PHE A 931 9.66 1.24 -16.53
N ALA A 932 10.16 2.26 -17.24
CA ALA A 932 11.09 2.04 -18.34
C ALA A 932 12.55 2.27 -18.00
N GLN A 933 12.87 2.85 -16.84
CA GLN A 933 14.26 3.16 -16.54
C GLN A 933 14.50 3.04 -15.03
N PHE A 934 15.76 2.74 -14.70
CA PHE A 934 16.15 2.57 -13.30
C PHE A 934 16.05 3.87 -12.52
N ARG A 935 16.17 5.01 -13.20
CA ARG A 935 16.17 6.29 -12.50
C ARG A 935 14.86 6.52 -11.77
N TYR A 936 13.73 6.17 -12.39
CA TYR A 936 12.43 6.43 -11.80
C TYR A 936 12.25 5.78 -10.43
N LEU A 937 13.14 4.87 -10.05
CA LEU A 937 13.09 4.29 -8.72
C LEU A 937 13.19 5.36 -7.64
N GLN A 938 13.73 6.54 -7.97
CA GLN A 938 13.76 7.64 -7.02
C GLN A 938 12.36 8.02 -6.58
N ARG A 939 11.41 8.09 -7.53
CA ARG A 939 10.06 8.54 -7.23
C ARG A 939 9.13 7.43 -6.79
N LEU A 940 9.45 6.18 -7.12
CA LEU A 940 8.59 5.07 -6.69
C LEU A 940 8.63 4.92 -5.17
N LEU A 941 9.80 5.10 -4.56
CA LEU A 941 9.98 4.89 -3.13
C LEU A 941 9.89 6.17 -2.33
N LEU A 942 10.56 7.23 -2.76
CA LEU A 942 10.67 8.44 -1.96
C LEU A 942 9.48 9.38 -2.10
N VAL A 943 8.56 9.12 -3.02
CA VAL A 943 7.37 9.94 -3.15
C VAL A 943 6.12 9.07 -3.04
N HIS A 944 5.97 8.12 -3.96
CA HIS A 944 4.76 7.30 -3.99
C HIS A 944 4.67 6.37 -2.79
N GLY A 945 5.74 5.63 -2.51
CA GLY A 945 5.70 4.68 -1.41
C GLY A 945 5.60 5.35 -0.05
N ARG A 946 6.38 6.40 0.17
CA ARG A 946 6.37 7.09 1.45
C ARG A 946 5.02 7.75 1.71
N TRP A 947 4.49 8.45 0.70
CA TRP A 947 3.17 9.05 0.84
C TRP A 947 2.11 7.99 1.07
N SER A 948 2.19 6.88 0.34
CA SER A 948 1.19 5.83 0.51
C SER A 948 1.22 5.29 1.94
N TYR A 949 2.42 5.06 2.48
CA TYR A 949 2.52 4.56 3.86
C TYR A 949 1.92 5.56 4.83
N ILE A 950 2.28 6.84 4.70
CA ILE A 950 1.77 7.85 5.62
C ILE A 950 0.26 7.91 5.56
N ARG A 951 -0.29 7.92 4.34
CA ARG A 951 -1.74 8.04 4.17
C ARG A 951 -2.47 6.83 4.73
N MET A 952 -1.95 5.62 4.49
CA MET A 952 -2.59 4.43 5.03
C MET A 952 -2.58 4.44 6.56
N CYS A 953 -1.46 4.85 7.16
CA CYS A 953 -1.39 4.90 8.62
C CYS A 953 -2.40 5.90 9.18
N LYS A 954 -2.46 7.11 8.58
CA LYS A 954 -3.43 8.09 9.02
C LYS A 954 -4.85 7.55 8.90
N PHE A 955 -5.16 6.91 7.77
CA PHE A 955 -6.49 6.37 7.54
C PHE A 955 -6.84 5.37 8.62
N LEU A 956 -5.94 4.42 8.89
CA LEU A 956 -6.25 3.39 9.88
C LEU A 956 -6.47 4.00 11.25
N ARG A 957 -5.60 4.92 11.66
CA ARG A 957 -5.72 5.52 12.98
C ARG A 957 -7.07 6.22 13.13
N TYR A 958 -7.40 7.11 12.19
CA TYR A 958 -8.65 7.84 12.30
C TYR A 958 -9.86 6.91 12.20
N PHE A 959 -9.77 5.90 11.35
CA PHE A 959 -10.89 4.98 11.16
C PHE A 959 -11.22 4.25 12.45
N PHE A 960 -10.20 3.67 13.10
CA PHE A 960 -10.46 2.97 14.36
C PHE A 960 -10.93 3.94 15.43
N TYR A 961 -10.33 5.14 15.49
CA TYR A 961 -10.79 6.14 16.45
C TYR A 961 -12.28 6.41 16.30
N LYS A 962 -12.71 6.74 15.08
CA LYS A 962 -14.09 7.18 14.89
C LYS A 962 -15.08 6.03 14.98
N ASN A 963 -14.64 4.79 14.72
CA ASN A 963 -15.55 3.66 14.91
C ASN A 963 -15.69 3.30 16.38
N PHE A 964 -14.62 3.44 17.17
CA PHE A 964 -14.75 3.15 18.60
C PHE A 964 -15.46 4.27 19.35
N ALA A 965 -15.35 5.52 18.90
CA ALA A 965 -16.01 6.63 19.57
C ALA A 965 -17.52 6.60 19.37
N PHE A 966 -18.04 5.77 18.49
CA PHE A 966 -19.46 5.75 18.15
C PHE A 966 -20.23 4.66 18.86
N THR A 967 -19.58 3.55 19.21
CA THR A 967 -20.28 2.40 19.78
C THR A 967 -20.18 2.32 21.30
N LEU A 968 -19.19 2.95 21.92
CA LEU A 968 -19.07 2.93 23.37
C LEU A 968 -20.14 3.75 24.07
N VAL A 969 -20.89 4.56 23.33
CA VAL A 969 -21.98 5.30 23.95
C VAL A 969 -23.05 4.34 24.46
N HIS A 970 -23.30 3.25 23.74
CA HIS A 970 -24.22 2.24 24.23
C HIS A 970 -23.73 1.62 25.53
N PHE A 971 -22.42 1.32 25.60
CA PHE A 971 -21.85 0.77 26.82
C PHE A 971 -22.04 1.74 27.98
N TRP A 972 -21.76 3.02 27.76
CA TRP A 972 -21.92 3.99 28.83
C TRP A 972 -23.38 4.15 29.23
N TYR A 973 -24.29 4.14 28.26
CA TYR A 973 -25.71 4.28 28.55
C TYR A 973 -26.26 3.06 29.29
N SER A 974 -25.62 1.90 29.13
CA SER A 974 -26.14 0.69 29.76
C SER A 974 -26.34 0.85 31.25
N PHE A 975 -25.52 1.68 31.91
CA PHE A 975 -25.63 1.84 33.35
C PHE A 975 -26.88 2.59 33.78
N PHE A 976 -27.57 3.26 32.86
CA PHE A 976 -28.73 4.08 33.20
C PHE A 976 -30.03 3.56 32.58
N ASN A 977 -30.04 2.33 32.09
CA ASN A 977 -31.26 1.74 31.56
C ASN A 977 -31.40 0.27 31.97
N GLY A 978 -30.77 -0.12 33.07
CA GLY A 978 -30.85 -1.49 33.52
C GLY A 978 -30.07 -2.47 32.69
N TYR A 979 -29.05 -2.00 31.97
CA TYR A 979 -28.23 -2.88 31.14
C TYR A 979 -29.10 -3.67 30.16
N SER A 980 -30.09 -3.01 29.59
CA SER A 980 -31.11 -3.67 28.79
C SER A 980 -30.88 -3.55 27.29
N ALA A 981 -29.67 -3.16 26.87
CA ALA A 981 -29.32 -3.12 25.45
C ALA A 981 -30.24 -2.19 24.67
N GLN A 982 -30.40 -0.97 25.17
CA GLN A 982 -31.17 0.06 24.48
C GLN A 982 -30.21 1.01 23.79
N THR A 983 -30.41 1.21 22.49
CA THR A 983 -29.52 2.07 21.73
C THR A 983 -29.72 3.52 22.11
N ALA A 984 -28.62 4.27 22.14
CA ALA A 984 -28.66 5.70 22.41
C ALA A 984 -28.81 6.54 21.15
N TYR A 985 -28.94 5.90 19.99
CA TYR A 985 -29.05 6.58 18.71
C TYR A 985 -30.35 6.17 18.02
N GLU A 986 -30.74 6.95 17.03
CA GLU A 986 -31.91 6.61 16.23
C GLU A 986 -31.65 5.31 15.47
N ASP A 987 -32.75 4.60 15.20
CA ASP A 987 -32.64 3.32 14.50
C ASP A 987 -32.04 3.46 13.11
N TRP A 988 -32.10 4.66 12.52
CA TRP A 988 -31.58 4.89 11.18
C TRP A 988 -30.24 5.61 11.18
N PHE A 989 -29.90 6.33 12.25
CA PHE A 989 -28.56 6.91 12.35
C PHE A 989 -27.50 5.82 12.38
N ILE A 990 -27.77 4.73 13.11
CA ILE A 990 -26.84 3.61 13.17
C ILE A 990 -26.63 3.02 11.78
N THR A 991 -27.65 3.06 10.93
CA THR A 991 -27.53 2.51 9.59
C THR A 991 -26.58 3.33 8.73
N LEU A 992 -26.76 4.66 8.72
CA LEU A 992 -26.06 5.52 7.79
C LEU A 992 -24.77 6.11 8.33
N TYR A 993 -24.44 5.87 9.61
CA TYR A 993 -23.24 6.49 10.17
C TYR A 993 -22.00 6.13 9.38
N ASN A 994 -21.79 4.84 9.13
CA ASN A 994 -20.57 4.37 8.49
C ASN A 994 -20.58 4.53 6.98
N VAL A 995 -21.68 4.96 6.39
CA VAL A 995 -21.84 5.04 4.94
C VAL A 995 -21.83 6.49 4.46
N LEU A 996 -22.58 7.37 5.12
CA LEU A 996 -22.79 8.72 4.65
C LEU A 996 -22.09 9.79 5.48
N TYR A 997 -22.07 9.65 6.81
CA TYR A 997 -21.63 10.76 7.66
C TYR A 997 -20.14 10.76 7.93
N THR A 998 -19.48 9.61 7.90
CA THR A 998 -18.05 9.54 8.20
C THR A 998 -17.33 8.60 7.23
N SER A 999 -17.63 8.72 5.95
CA SER A 999 -17.01 7.89 4.92
C SER A 999 -16.15 8.68 3.95
N LEU A 1000 -16.71 9.74 3.34
CA LEU A 1000 -15.96 10.47 2.32
C LEU A 1000 -14.71 11.15 2.88
N PRO A 1001 -14.77 11.90 3.99
CA PRO A 1001 -13.60 12.69 4.40
C PRO A 1001 -12.35 11.85 4.61
N VAL A 1002 -12.47 10.66 5.21
CA VAL A 1002 -11.28 9.85 5.46
C VAL A 1002 -10.69 9.34 4.16
N LEU A 1003 -11.54 8.95 3.21
CA LEU A 1003 -11.05 8.53 1.91
C LEU A 1003 -10.31 9.68 1.22
N LEU A 1004 -10.89 10.88 1.25
CA LEU A 1004 -10.25 12.02 0.60
C LEU A 1004 -8.91 12.34 1.25
N MET A 1005 -8.85 12.27 2.58
CA MET A 1005 -7.57 12.49 3.27
C MET A 1005 -6.58 11.38 2.94
N GLY A 1006 -7.06 10.16 2.69
CA GLY A 1006 -6.18 9.08 2.31
C GLY A 1006 -5.80 9.05 0.85
N LEU A 1007 -6.37 9.94 0.04
CA LEU A 1007 -5.99 10.06 -1.37
C LEU A 1007 -5.25 11.34 -1.71
N LEU A 1008 -5.39 12.40 -0.91
CA LEU A 1008 -4.87 13.71 -1.27
C LEU A 1008 -4.17 14.36 -0.07
N ASP A 1009 -3.27 13.62 0.58
CA ASP A 1009 -2.53 14.13 1.72
C ASP A 1009 -1.04 14.07 1.45
N GLN A 1010 -0.34 15.17 1.76
CA GLN A 1010 1.10 15.26 1.63
C GLN A 1010 1.65 16.01 2.83
N ASP A 1011 2.75 15.52 3.40
CA ASP A 1011 3.41 16.21 4.50
C ASP A 1011 4.42 17.23 3.98
N VAL A 1012 5.24 16.84 3.00
CA VAL A 1012 6.15 17.75 2.33
C VAL A 1012 6.05 17.52 0.82
N SER A 1013 6.40 18.54 0.06
CA SER A 1013 6.30 18.45 -1.39
C SER A 1013 7.25 17.37 -1.92
N ASP A 1014 6.91 16.85 -3.10
CA ASP A 1014 7.75 15.81 -3.70
C ASP A 1014 9.15 16.33 -3.98
N LYS A 1015 9.27 17.57 -4.46
CA LYS A 1015 10.59 18.15 -4.67
C LYS A 1015 11.35 18.28 -3.37
N LEU A 1016 10.65 18.45 -2.25
CA LEU A 1016 11.26 18.51 -0.93
C LEU A 1016 11.34 17.16 -0.26
N SER A 1017 10.77 16.12 -0.87
CA SER A 1017 10.91 14.76 -0.37
C SER A 1017 12.02 14.00 -1.07
N LEU A 1018 12.35 14.37 -2.31
CA LEU A 1018 13.55 13.84 -2.95
C LEU A 1018 14.81 14.50 -2.40
N ARG A 1019 14.72 15.75 -1.95
CA ARG A 1019 15.87 16.46 -1.42
C ARG A 1019 16.27 15.97 -0.03
N PHE A 1020 15.33 15.36 0.71
CA PHE A 1020 15.59 14.87 2.06
C PHE A 1020 15.19 13.39 2.12
N PRO A 1021 16.00 12.50 1.58
CA PRO A 1021 15.64 11.07 1.62
C PRO A 1021 15.52 10.52 3.03
N GLY A 1022 16.17 11.15 4.01
CA GLY A 1022 16.14 10.65 5.38
C GLY A 1022 14.75 10.46 5.95
N LEU A 1023 13.72 11.02 5.31
CA LEU A 1023 12.36 10.82 5.80
C LEU A 1023 11.90 9.37 5.66
N TYR A 1024 12.45 8.66 4.67
CA TYR A 1024 12.00 7.30 4.39
C TYR A 1024 12.05 6.43 5.64
N ILE A 1025 13.07 6.62 6.47
CA ILE A 1025 13.26 5.75 7.63
C ILE A 1025 12.03 5.75 8.53
N VAL A 1026 11.20 6.78 8.46
CA VAL A 1026 10.01 6.83 9.32
C VAL A 1026 9.13 5.62 9.06
N GLY A 1027 9.01 5.21 7.80
CA GLY A 1027 8.24 4.03 7.47
C GLY A 1027 9.07 2.76 7.52
N GLN A 1028 10.40 2.91 7.54
CA GLN A 1028 11.27 1.76 7.51
C GLN A 1028 11.35 1.03 8.84
N ARG A 1029 10.95 1.68 9.94
CA ARG A 1029 11.01 1.10 11.27
C ARG A 1029 9.64 0.90 11.89
N ASP A 1030 8.57 1.05 11.11
CA ASP A 1030 7.20 0.87 11.60
C ASP A 1030 6.92 1.79 12.78
N LEU A 1031 7.00 3.09 12.52
CA LEU A 1031 6.80 4.11 13.55
C LEU A 1031 5.45 4.80 13.48
N LEU A 1032 4.91 5.00 12.28
CA LEU A 1032 3.65 5.73 12.16
C LEU A 1032 2.45 4.90 12.60
N PHE A 1033 2.55 3.57 12.56
CA PHE A 1033 1.45 2.73 13.03
C PHE A 1033 2.04 1.41 13.54
N ASN A 1034 2.26 1.32 14.85
CA ASN A 1034 2.67 0.09 15.50
C ASN A 1034 1.42 -0.66 15.95
N TYR A 1035 1.63 -1.68 16.78
CA TYR A 1035 0.54 -2.29 17.54
C TYR A 1035 0.26 -1.53 18.83
N LYS A 1036 1.03 -0.48 19.11
CA LYS A 1036 0.79 0.39 20.26
C LYS A 1036 -0.08 1.59 19.89
N ARG A 1037 0.07 2.12 18.68
CA ARG A 1037 -0.78 3.21 18.23
C ARG A 1037 -2.23 2.78 18.15
N PHE A 1038 -2.47 1.50 17.89
CA PHE A 1038 -3.84 0.97 17.86
C PHE A 1038 -4.53 1.18 19.21
N PHE A 1039 -3.85 0.83 20.30
CA PHE A 1039 -4.46 0.97 21.60
C PHE A 1039 -4.56 2.43 22.03
N VAL A 1040 -3.64 3.28 21.56
CA VAL A 1040 -3.77 4.71 21.79
C VAL A 1040 -5.03 5.23 21.12
N SER A 1041 -5.29 4.81 19.89
CA SER A 1041 -6.51 5.24 19.19
C SER A 1041 -7.74 4.71 19.90
N LEU A 1042 -7.69 3.46 20.39
CA LEU A 1042 -8.82 2.92 21.14
C LEU A 1042 -9.09 3.72 22.41
N LEU A 1043 -8.03 4.09 23.13
CA LEU A 1043 -8.21 4.93 24.32
C LEU A 1043 -8.78 6.29 23.95
N HIS A 1044 -8.33 6.87 22.85
CA HIS A 1044 -8.88 8.14 22.39
C HIS A 1044 -10.37 8.02 22.12
N GLY A 1045 -10.77 6.96 21.43
CA GLY A 1045 -12.18 6.75 21.16
C GLY A 1045 -12.98 6.55 22.43
N VAL A 1046 -12.41 5.80 23.40
CA VAL A 1046 -13.10 5.57 24.67
C VAL A 1046 -13.34 6.89 25.39
N LEU A 1047 -12.31 7.74 25.48
CA LEU A 1047 -12.47 9.03 26.15
C LEU A 1047 -13.47 9.91 25.41
N THR A 1048 -13.41 9.91 24.07
CA THR A 1048 -14.34 10.73 23.30
C THR A 1048 -15.78 10.30 23.55
N SER A 1049 -16.06 9.00 23.55
CA SER A 1049 -17.40 8.53 23.84
C SER A 1049 -17.80 8.86 25.27
N MET A 1050 -16.87 8.72 26.22
CA MET A 1050 -17.14 9.09 27.60
C MET A 1050 -17.66 10.51 27.68
N ILE A 1051 -16.93 11.45 27.08
CA ILE A 1051 -17.33 12.86 27.14
C ILE A 1051 -18.66 13.05 26.42
N LEU A 1052 -18.75 12.53 25.19
CA LEU A 1052 -19.95 12.72 24.37
C LEU A 1052 -21.19 12.27 25.11
N PHE A 1053 -21.10 11.21 25.91
CA PHE A 1053 -22.28 10.77 26.63
C PHE A 1053 -22.48 11.56 27.92
N PHE A 1054 -21.41 11.77 28.70
CA PHE A 1054 -21.58 12.25 30.06
C PHE A 1054 -21.79 13.76 30.15
N ILE A 1055 -21.48 14.54 29.11
CA ILE A 1055 -21.77 15.97 29.19
C ILE A 1055 -23.26 16.18 28.91
N PRO A 1056 -23.82 15.61 27.84
CA PRO A 1056 -25.28 15.71 27.66
C PRO A 1056 -26.07 15.11 28.81
N LEU A 1057 -25.58 14.04 29.43
CA LEU A 1057 -26.29 13.46 30.57
C LEU A 1057 -26.39 14.47 31.71
N GLY A 1058 -25.26 15.09 32.06
CA GLY A 1058 -25.28 16.11 33.10
C GLY A 1058 -26.18 17.28 32.74
N ALA A 1059 -26.18 17.66 31.46
CA ALA A 1059 -27.07 18.74 31.03
C ALA A 1059 -28.53 18.35 31.13
N TYR A 1060 -28.85 17.08 30.91
CA TYR A 1060 -30.23 16.62 30.88
C TYR A 1060 -30.78 16.24 32.25
N LEU A 1061 -29.91 15.97 33.23
CA LEU A 1061 -30.41 15.66 34.56
C LEU A 1061 -31.23 16.83 35.11
N GLN A 1062 -30.77 18.05 34.91
CA GLN A 1062 -31.49 19.23 35.35
C GLN A 1062 -32.42 19.72 34.24
N THR A 1063 -32.98 20.91 34.40
CA THR A 1063 -33.87 21.47 33.39
C THR A 1063 -33.11 21.74 32.10
N VAL A 1064 -33.74 21.39 30.98
CA VAL A 1064 -33.23 21.73 29.65
C VAL A 1064 -34.43 22.26 28.86
N GLY A 1065 -34.61 23.58 28.87
CA GLY A 1065 -35.71 24.20 28.16
C GLY A 1065 -37.06 23.67 28.60
N GLN A 1066 -37.29 23.62 29.91
CA GLN A 1066 -38.52 23.03 30.45
C GLN A 1066 -39.67 24.01 30.30
N ASP A 1067 -40.51 23.79 29.30
CA ASP A 1067 -41.77 24.50 29.10
C ASP A 1067 -42.67 23.56 28.30
N GLY A 1068 -43.73 24.11 27.71
CA GLY A 1068 -44.59 23.28 26.88
C GLY A 1068 -43.82 22.50 25.84
N GLU A 1069 -42.88 23.16 25.17
CA GLU A 1069 -42.02 22.52 24.18
C GLU A 1069 -40.67 22.19 24.81
N ALA A 1070 -40.69 21.15 25.66
CA ALA A 1070 -39.51 20.77 26.42
C ALA A 1070 -38.88 19.53 25.80
N PRO A 1071 -37.73 19.64 25.12
CA PRO A 1071 -37.01 18.44 24.65
C PRO A 1071 -36.07 17.85 25.70
N SER A 1072 -36.65 17.11 26.65
CA SER A 1072 -35.88 16.43 27.69
C SER A 1072 -36.17 14.94 27.71
N ASP A 1073 -36.61 14.37 26.60
CA ASP A 1073 -37.00 12.98 26.50
C ASP A 1073 -35.89 12.16 25.84
N TYR A 1074 -36.19 10.89 25.56
CA TYR A 1074 -35.20 10.00 24.97
C TYR A 1074 -34.75 10.46 23.60
N GLN A 1075 -35.69 10.91 22.77
CA GLN A 1075 -35.35 11.26 21.39
C GLN A 1075 -34.48 12.52 21.32
N SER A 1076 -34.77 13.51 22.16
CA SER A 1076 -33.91 14.69 22.22
C SER A 1076 -32.51 14.32 22.68
N PHE A 1077 -32.41 13.44 23.67
CA PHE A 1077 -31.12 12.92 24.11
C PHE A 1077 -30.37 12.29 22.94
N ALA A 1078 -31.05 11.45 22.17
CA ALA A 1078 -30.41 10.75 21.07
C ALA A 1078 -29.92 11.73 20.02
N VAL A 1079 -30.75 12.71 19.64
CA VAL A 1079 -30.34 13.63 18.60
C VAL A 1079 -29.20 14.52 19.08
N THR A 1080 -29.22 14.92 20.35
CA THR A 1080 -28.12 15.72 20.89
C THR A 1080 -26.80 14.95 20.81
N ILE A 1081 -26.81 13.69 21.26
CA ILE A 1081 -25.58 12.91 21.24
C ILE A 1081 -25.11 12.69 19.80
N ALA A 1082 -26.05 12.40 18.89
CA ALA A 1082 -25.67 12.17 17.50
C ALA A 1082 -25.04 13.41 16.88
N SER A 1083 -25.63 14.59 17.12
CA SER A 1083 -25.08 15.82 16.57
C SER A 1083 -23.68 16.08 17.13
N ALA A 1084 -23.51 15.93 18.44
CA ALA A 1084 -22.20 16.15 19.03
C ALA A 1084 -21.17 15.18 18.44
N LEU A 1085 -21.56 13.91 18.30
CA LEU A 1085 -20.65 12.91 17.74
C LEU A 1085 -20.23 13.28 16.32
N VAL A 1086 -21.19 13.64 15.48
CA VAL A 1086 -20.89 13.94 14.08
C VAL A 1086 -19.94 15.15 13.99
N ILE A 1087 -20.25 16.21 14.74
CA ILE A 1087 -19.41 17.40 14.68
C ILE A 1087 -18.01 17.09 15.18
N THR A 1088 -17.91 16.37 16.29
CA THR A 1088 -16.59 16.07 16.85
C THR A 1088 -15.76 15.24 15.87
N VAL A 1089 -16.37 14.23 15.26
CA VAL A 1089 -15.61 13.36 14.35
C VAL A 1089 -15.18 14.13 13.11
N ASN A 1090 -16.08 14.93 12.53
CA ASN A 1090 -15.76 15.66 11.33
C ASN A 1090 -14.85 16.85 11.56
N PHE A 1091 -14.66 17.26 12.82
CA PHE A 1091 -13.61 18.22 13.13
C PHE A 1091 -12.27 17.53 13.45
N GLN A 1092 -12.32 16.33 14.02
CA GLN A 1092 -11.08 15.58 14.20
C GLN A 1092 -10.44 15.24 12.87
N ILE A 1093 -11.25 14.84 11.88
CA ILE A 1093 -10.70 14.55 10.56
C ILE A 1093 -10.00 15.78 10.00
N GLY A 1094 -10.60 16.96 10.20
CA GLY A 1094 -9.96 18.18 9.74
C GLY A 1094 -8.67 18.47 10.48
N LEU A 1095 -8.64 18.19 11.79
CA LEU A 1095 -7.39 18.35 12.54
C LEU A 1095 -6.30 17.43 12.02
N ASP A 1096 -6.66 16.22 11.56
CA ASP A 1096 -5.65 15.29 11.07
C ASP A 1096 -5.02 15.80 9.77
N THR A 1097 -5.84 16.29 8.85
CA THR A 1097 -5.35 16.64 7.52
C THR A 1097 -4.32 17.76 7.58
N SER A 1098 -3.28 17.64 6.76
CA SER A 1098 -2.27 18.69 6.61
C SER A 1098 -2.21 19.24 5.19
N TYR A 1099 -3.01 18.74 4.27
CA TYR A 1099 -3.08 19.22 2.89
C TYR A 1099 -4.55 19.56 2.63
N TRP A 1100 -4.90 20.82 2.82
CA TRP A 1100 -6.31 21.25 2.81
C TRP A 1100 -6.71 21.68 1.40
N THR A 1101 -6.84 20.67 0.52
CA THR A 1101 -7.41 20.92 -0.78
C THR A 1101 -8.86 21.39 -0.63
N PHE A 1102 -9.39 22.00 -1.69
CA PHE A 1102 -10.76 22.48 -1.63
C PHE A 1102 -11.73 21.33 -1.42
N VAL A 1103 -11.52 20.21 -2.09
CA VAL A 1103 -12.42 19.08 -1.96
C VAL A 1103 -12.37 18.51 -0.53
N ASN A 1104 -11.20 18.52 0.10
CA ASN A 1104 -11.13 18.07 1.48
C ASN A 1104 -12.04 18.88 2.39
N ALA A 1105 -11.93 20.21 2.31
CA ALA A 1105 -12.79 21.07 3.13
C ALA A 1105 -14.25 20.88 2.75
N PHE A 1106 -14.54 20.74 1.46
CA PHE A 1106 -15.92 20.56 1.03
C PHE A 1106 -16.52 19.31 1.64
N SER A 1107 -15.78 18.19 1.61
CA SER A 1107 -16.30 16.96 2.18
C SER A 1107 -16.44 17.08 3.70
N ILE A 1108 -15.45 17.69 4.37
CA ILE A 1108 -15.50 17.81 5.82
C ILE A 1108 -16.71 18.62 6.26
N PHE A 1109 -17.00 19.71 5.55
CA PHE A 1109 -18.13 20.56 5.89
C PHE A 1109 -19.44 20.11 5.25
N GLY A 1110 -19.40 19.14 4.35
CA GLY A 1110 -20.61 18.68 3.70
C GLY A 1110 -21.15 17.41 4.30
N SER A 1111 -20.30 16.61 4.96
CA SER A 1111 -20.81 15.43 5.66
C SER A 1111 -21.80 15.83 6.75
N ILE A 1112 -21.46 16.86 7.53
CA ILE A 1112 -22.35 17.33 8.59
C ILE A 1112 -23.64 17.89 8.00
N ALA A 1113 -23.53 18.66 6.91
CA ALA A 1113 -24.73 19.22 6.27
C ALA A 1113 -25.63 18.12 5.75
N LEU A 1114 -25.04 17.08 5.14
CA LEU A 1114 -25.83 15.95 4.67
C LEU A 1114 -26.51 15.24 5.82
N TYR A 1115 -25.80 15.07 6.94
CA TYR A 1115 -26.42 14.46 8.12
C TYR A 1115 -27.63 15.27 8.57
N PHE A 1116 -27.47 16.59 8.68
CA PHE A 1116 -28.59 17.42 9.13
C PHE A 1116 -29.75 17.35 8.15
N GLY A 1117 -29.47 17.40 6.85
CA GLY A 1117 -30.54 17.34 5.87
C GLY A 1117 -31.30 16.03 5.93
N ILE A 1118 -30.57 14.91 5.99
CA ILE A 1118 -31.22 13.61 6.05
C ILE A 1118 -32.02 13.47 7.34
N MET A 1119 -31.49 13.98 8.45
CA MET A 1119 -32.21 13.91 9.71
C MET A 1119 -33.52 14.69 9.61
N PHE A 1120 -33.46 15.93 9.13
CA PHE A 1120 -34.69 16.70 8.96
C PHE A 1120 -35.63 16.05 7.96
N ASP A 1121 -35.11 15.26 7.02
CA ASP A 1121 -35.98 14.55 6.09
C ASP A 1121 -36.71 13.41 6.78
N PHE A 1122 -35.99 12.62 7.58
CA PHE A 1122 -36.63 11.51 8.30
C PHE A 1122 -37.66 12.02 9.30
N HIS A 1123 -37.32 13.09 10.04
CA HIS A 1123 -38.23 13.67 11.01
C HIS A 1123 -39.19 14.64 10.31
N SER A 1124 -39.97 14.07 9.39
CA SER A 1124 -40.91 14.84 8.58
C SER A 1124 -42.29 14.20 8.67
N ALA A 1125 -43.32 15.04 8.54
CA ALA A 1125 -44.69 14.55 8.68
C ALA A 1125 -45.06 13.56 7.58
N GLY A 1126 -44.64 13.84 6.34
CA GLY A 1126 -45.07 13.01 5.22
C GLY A 1126 -44.60 11.57 5.34
N ILE A 1127 -43.32 11.39 5.67
CA ILE A 1127 -42.79 10.03 5.75
C ILE A 1127 -43.46 9.27 6.89
N HIS A 1128 -43.74 9.94 8.00
CA HIS A 1128 -44.49 9.30 9.09
C HIS A 1128 -45.88 8.90 8.63
N VAL A 1129 -46.55 9.78 7.89
CA VAL A 1129 -47.89 9.47 7.41
C VAL A 1129 -47.86 8.25 6.50
N LEU A 1130 -46.85 8.16 5.63
CA LEU A 1130 -46.76 7.02 4.73
C LEU A 1130 -46.72 5.71 5.50
N PHE A 1131 -45.84 5.62 6.49
CA PHE A 1131 -45.78 4.45 7.36
C PHE A 1131 -45.17 4.84 8.71
N PRO A 1132 -45.94 4.80 9.80
CA PRO A 1132 -45.41 5.31 11.08
C PRO A 1132 -44.55 4.31 11.83
N SER A 1133 -44.69 3.00 11.56
CA SER A 1133 -43.93 2.01 12.33
C SER A 1133 -42.44 2.17 12.13
N ALA A 1134 -42.00 2.42 10.89
CA ALA A 1134 -40.57 2.49 10.60
C ALA A 1134 -39.92 3.67 11.32
N PHE A 1135 -40.58 4.82 11.33
CA PHE A 1135 -40.02 6.05 11.90
C PHE A 1135 -40.80 6.42 13.15
N GLN A 1136 -40.08 6.52 14.27
CA GLN A 1136 -40.67 6.95 15.54
C GLN A 1136 -40.19 8.31 16.00
N PHE A 1137 -39.14 8.85 15.38
CA PHE A 1137 -38.53 10.11 15.82
C PHE A 1137 -39.16 11.33 15.15
N THR A 1138 -40.42 11.22 14.71
CA THR A 1138 -41.04 12.30 13.97
C THR A 1138 -41.09 13.58 14.80
N GLY A 1139 -40.59 14.67 14.21
CA GLY A 1139 -40.68 15.97 14.83
C GLY A 1139 -39.68 16.25 15.92
N THR A 1140 -38.75 15.32 16.18
CA THR A 1140 -37.79 15.54 17.26
C THR A 1140 -36.74 16.57 16.88
N ALA A 1141 -36.24 16.51 15.65
CA ALA A 1141 -35.21 17.46 15.23
C ALA A 1141 -35.71 18.89 15.26
N SER A 1142 -36.93 19.12 14.77
CA SER A 1142 -37.45 20.48 14.70
C SER A 1142 -37.62 21.08 16.09
N ASN A 1143 -38.11 20.28 17.05
CA ASN A 1143 -38.41 20.78 18.38
C ASN A 1143 -37.27 20.61 19.37
N ALA A 1144 -36.14 20.02 18.96
CA ALA A 1144 -35.02 19.78 19.86
C ALA A 1144 -33.80 20.64 19.58
N LEU A 1145 -33.63 21.13 18.35
CA LEU A 1145 -32.45 21.90 17.98
C LEU A 1145 -32.71 23.41 17.98
N ARG A 1146 -33.90 23.84 18.40
CA ARG A 1146 -34.22 25.26 18.50
C ARG A 1146 -34.00 25.82 19.90
N GLN A 1147 -33.61 24.98 20.86
CA GLN A 1147 -33.41 25.44 22.23
C GLN A 1147 -31.96 25.87 22.42
N PRO A 1148 -31.70 27.05 22.98
CA PRO A 1148 -30.30 27.47 23.17
C PRO A 1148 -29.50 26.51 24.04
N TYR A 1149 -30.13 25.90 25.04
CA TYR A 1149 -29.39 25.03 25.95
C TYR A 1149 -28.85 23.80 25.22
N ILE A 1150 -29.63 23.26 24.27
CA ILE A 1150 -29.16 22.11 23.52
C ILE A 1150 -27.90 22.46 22.73
N TRP A 1151 -27.91 23.63 22.08
CA TRP A 1151 -26.75 24.04 21.29
C TRP A 1151 -25.56 24.34 22.18
N LEU A 1152 -25.79 24.91 23.37
CA LEU A 1152 -24.70 25.11 24.31
C LEU A 1152 -24.10 23.79 24.75
N THR A 1153 -24.95 22.79 25.00
CA THR A 1153 -24.45 21.45 25.35
C THR A 1153 -23.61 20.87 24.23
N ILE A 1154 -24.08 21.00 22.98
CA ILE A 1154 -23.34 20.46 21.85
C ILE A 1154 -21.99 21.16 21.71
N ILE A 1155 -21.98 22.49 21.84
CA ILE A 1155 -20.75 23.25 21.72
C ILE A 1155 -19.77 22.84 22.81
N LEU A 1156 -20.26 22.70 24.05
CA LEU A 1156 -19.39 22.31 25.15
C LEU A 1156 -18.80 20.92 24.92
N THR A 1157 -19.62 19.98 24.45
CA THR A 1157 -19.11 18.64 24.16
C THR A 1157 -18.01 18.69 23.11
N VAL A 1158 -18.26 19.42 22.02
CA VAL A 1158 -17.28 19.49 20.94
C VAL A 1158 -15.99 20.12 21.45
N ALA A 1159 -16.09 21.22 22.20
CA ALA A 1159 -14.90 21.89 22.68
C ALA A 1159 -14.11 21.00 23.62
N VAL A 1160 -14.79 20.31 24.54
CA VAL A 1160 -14.08 19.44 25.47
C VAL A 1160 -13.42 18.29 24.72
N CYS A 1161 -14.06 17.79 23.66
CA CYS A 1161 -13.48 16.69 22.90
C CYS A 1161 -12.27 17.13 22.09
N LEU A 1162 -12.27 18.36 21.59
CA LEU A 1162 -11.25 18.78 20.64
C LEU A 1162 -10.09 19.56 21.25
N LEU A 1163 -10.30 20.30 22.34
CA LEU A 1163 -9.22 21.10 22.90
C LEU A 1163 -8.04 20.25 23.38
N PRO A 1164 -8.23 19.21 24.18
CA PRO A 1164 -7.07 18.42 24.63
C PRO A 1164 -6.28 17.83 23.48
N VAL A 1165 -6.94 17.43 22.39
CA VAL A 1165 -6.22 16.88 21.25
C VAL A 1165 -5.30 17.94 20.65
N VAL A 1166 -5.80 19.17 20.50
CA VAL A 1166 -4.97 20.25 19.97
C VAL A 1166 -3.79 20.51 20.90
N ALA A 1167 -4.05 20.55 22.21
CA ALA A 1167 -2.97 20.81 23.15
C ALA A 1167 -1.89 19.74 23.06
N ILE A 1168 -2.31 18.46 23.01
CA ILE A 1168 -1.35 17.37 22.98
C ILE A 1168 -0.55 17.39 21.68
N ARG A 1169 -1.22 17.64 20.56
CA ARG A 1169 -0.51 17.71 19.28
C ARG A 1169 0.51 18.83 19.30
N PHE A 1170 0.13 20.01 19.81
CA PHE A 1170 1.06 21.12 19.84
C PHE A 1170 2.24 20.83 20.75
N LEU A 1171 2.00 20.25 21.93
CA LEU A 1171 3.09 19.93 22.82
C LEU A 1171 4.04 18.92 22.20
N SER A 1172 3.49 17.87 21.57
CA SER A 1172 4.33 16.88 20.93
C SER A 1172 5.17 17.50 19.83
N MET A 1173 4.58 18.37 19.02
CA MET A 1173 5.33 19.01 17.94
C MET A 1173 6.43 19.92 18.51
N THR A 1174 6.13 20.65 19.58
CA THR A 1174 7.08 21.62 20.10
C THR A 1174 8.23 20.96 20.84
N ILE A 1175 7.97 19.90 21.58
CA ILE A 1175 9.01 19.28 22.40
C ILE A 1175 9.72 18.16 21.65
N TRP A 1176 8.99 17.37 20.87
CA TRP A 1176 9.56 16.24 20.14
C TRP A 1176 9.17 16.36 18.66
N PRO A 1177 9.67 17.37 17.97
CA PRO A 1177 9.34 17.53 16.55
C PRO A 1177 9.92 16.40 15.72
N SER A 1178 9.20 16.05 14.66
CA SER A 1178 9.65 15.05 13.72
C SER A 1178 10.36 15.70 12.54
N GLU A 1179 10.90 14.86 11.65
CA GLU A 1179 11.66 15.38 10.52
C GLU A 1179 10.79 16.25 9.62
N SER A 1180 9.55 15.82 9.37
CA SER A 1180 8.65 16.61 8.53
C SER A 1180 8.38 17.97 9.16
N ASP A 1181 8.20 18.01 10.49
CA ASP A 1181 7.97 19.29 11.15
C ASP A 1181 9.16 20.23 10.94
N LYS A 1182 10.37 19.74 11.17
CA LYS A 1182 11.54 20.59 11.01
C LYS A 1182 11.68 21.06 9.57
N ILE A 1183 11.44 20.18 8.60
CA ILE A 1183 11.53 20.57 7.20
C ILE A 1183 10.51 21.65 6.88
N GLN A 1184 9.29 21.50 7.39
CA GLN A 1184 8.22 22.45 7.06
C GLN A 1184 8.48 23.81 7.71
N LYS A 1185 8.99 23.81 8.94
CA LYS A 1185 9.22 25.09 9.63
C LYS A 1185 10.24 25.94 8.89
N HIS A 1186 11.31 25.33 8.39
CA HIS A 1186 12.39 26.04 7.72
C HIS A 1186 12.27 25.95 6.20
N ARG A 1187 11.13 25.50 5.68
CA ARG A 1187 10.99 25.28 4.24
C ARG A 1187 11.25 26.55 3.45
N LYS A 1188 11.04 27.72 4.06
CA LYS A 1188 11.16 28.98 3.32
C LYS A 1188 12.61 29.35 3.04
N ARG A 1189 13.55 28.95 3.90
CA ARG A 1189 14.93 29.40 3.80
C ARG A 1189 15.81 28.41 3.04
N LEU A 1190 15.24 27.32 2.52
CA LEU A 1190 16.02 26.28 1.87
C LEU A 1190 16.26 26.66 0.42
N LYS A 1191 17.54 26.89 0.07
CA LYS A 1191 17.92 27.17 -1.31
C LYS A 1191 19.16 26.41 -1.75
N ALA A 1192 19.92 25.82 -0.85
CA ALA A 1192 21.16 25.13 -1.19
C ALA A 1192 20.83 23.71 -1.61
N GLU A 1193 21.04 23.39 -2.89
CA GLU A 1193 20.82 22.05 -3.42
C GLU A 1193 21.89 21.80 -4.48
N GLU A 1194 22.98 21.16 -4.08
CA GLU A 1194 24.10 20.89 -4.97
C GLU A 1194 23.88 19.56 -5.66
N GLN A 1195 23.80 19.58 -6.99
CA GLN A 1195 23.58 18.36 -7.75
C GLN A 1195 24.72 17.38 -7.52
N TRP A 1196 24.38 16.09 -7.49
CA TRP A 1196 25.38 15.06 -7.27
C TRP A 1196 26.44 15.12 -8.36
N GLN A 1197 27.70 15.04 -7.94
CA GLN A 1197 28.84 15.12 -8.85
C GLN A 1197 29.79 13.97 -8.58
N ARG A 1198 30.28 13.35 -9.65
CA ARG A 1198 31.23 12.26 -9.51
C ARG A 1198 32.51 12.76 -8.85
N ARG A 1199 33.09 11.92 -8.00
CA ARG A 1199 34.31 12.29 -7.29
C ARG A 1199 35.43 12.39 -8.32
N GLN A 1200 35.86 13.63 -8.60
CA GLN A 1200 36.61 13.91 -9.82
C GLN A 1200 37.97 13.21 -9.83
N GLN A 1201 38.69 13.26 -8.72
CA GLN A 1201 40.09 12.85 -8.71
C GLN A 1201 40.39 12.06 -7.44
N VAL A 1202 40.94 10.86 -7.59
CA VAL A 1202 41.39 10.06 -6.46
C VAL A 1202 42.81 9.57 -6.74
N PHE A 1203 43.54 10.28 -7.60
CA PHE A 1203 44.88 9.84 -7.97
C PHE A 1203 45.79 9.82 -6.74
N ARG A 1204 46.65 8.80 -6.66
CA ARG A 1204 47.54 8.60 -5.54
C ARG A 1204 48.85 8.04 -6.03
N ARG A 1205 49.82 7.96 -5.11
CA ARG A 1205 51.14 7.42 -5.41
C ARG A 1205 51.57 6.49 -4.29
N GLY A 1206 52.41 5.52 -4.63
CA GLY A 1206 52.94 4.59 -3.64
C GLY A 1206 52.96 3.15 -4.12
N VAL A 1207 52.01 2.80 -4.99
CA VAL A 1207 51.89 1.45 -5.53
C VAL A 1207 51.82 1.55 -7.05
N SER A 1208 52.59 0.72 -7.73
CA SER A 1208 52.59 0.73 -9.19
C SER A 1208 51.22 0.37 -9.75
N THR A 1209 50.56 -0.60 -9.14
CA THR A 1209 49.22 -1.01 -9.57
C THR A 1209 48.43 -1.46 -8.35
N ARG A 1210 47.22 -0.92 -8.21
CA ARG A 1210 46.35 -1.27 -7.10
C ARG A 1210 45.06 -1.96 -7.54
N ARG A 1211 44.81 -2.08 -8.84
CA ARG A 1211 43.65 -2.80 -9.33
C ARG A 1211 43.80 -3.00 -10.83
N SER A 1212 43.44 -4.19 -11.31
CA SER A 1212 43.47 -4.52 -12.73
C SER A 1212 42.07 -4.33 -13.29
N ALA A 1213 41.89 -3.29 -14.10
CA ALA A 1213 40.59 -2.97 -14.68
C ALA A 1213 40.33 -3.69 -16.00
N TYR A 1214 41.02 -4.80 -16.24
CA TYR A 1214 40.80 -5.55 -17.47
C TYR A 1214 39.36 -6.05 -17.51
N ALA A 1215 38.79 -6.07 -18.72
CA ALA A 1215 37.45 -6.61 -18.93
C ALA A 1215 37.22 -6.87 -20.42
N PHE A 1216 36.83 -8.09 -20.76
CA PHE A 1216 36.63 -8.47 -22.15
C PHE A 1216 35.53 -9.51 -22.21
N SER A 1217 34.61 -9.35 -23.15
CA SER A 1217 33.47 -10.24 -23.32
C SER A 1217 33.59 -10.91 -24.69
N HIS A 1218 34.02 -12.16 -24.71
CA HIS A 1218 34.18 -12.90 -25.96
C HIS A 1218 34.21 -14.39 -25.64
N GLN A 1219 33.95 -15.20 -26.65
CA GLN A 1219 33.88 -16.64 -26.52
C GLN A 1219 34.85 -17.30 -27.49
N ARG A 1220 35.44 -18.41 -27.06
CA ARG A 1220 36.37 -19.14 -27.89
C ARG A 1220 35.62 -19.89 -28.99
N GLY A 1221 36.22 -19.95 -30.18
CA GLY A 1221 35.67 -20.72 -31.27
C GLY A 1221 35.62 -20.00 -32.59
N TYR A 1222 35.44 -18.67 -32.56
CA TYR A 1222 35.28 -17.91 -33.80
C TYR A 1222 36.53 -17.99 -34.67
N ALA A 1223 37.72 -17.96 -34.04
CA ALA A 1223 38.95 -18.09 -34.80
C ALA A 1223 38.99 -19.42 -35.54
N ASP A 1224 38.49 -20.49 -34.90
CA ASP A 1224 38.43 -21.78 -35.58
C ASP A 1224 37.50 -21.73 -36.79
N LEU A 1225 36.36 -21.05 -36.65
CA LEU A 1225 35.45 -20.93 -37.79
C LEU A 1225 36.10 -20.18 -38.94
N ILE A 1226 36.76 -19.06 -38.64
CA ILE A 1226 37.31 -18.22 -39.70
C ILE A 1226 38.51 -18.90 -40.35
N SER A 1227 39.36 -19.55 -39.57
CA SER A 1227 40.52 -20.24 -40.15
C SER A 1227 40.07 -21.29 -41.15
N SER A 1228 39.04 -22.04 -40.82
CA SER A 1228 38.42 -22.94 -41.78
C SER A 1228 37.42 -22.16 -42.63
N GLY A 1229 36.78 -22.85 -43.57
CA GLY A 1229 35.82 -22.23 -44.46
C GLY A 1229 34.40 -22.22 -43.95
N ARG A 1230 34.17 -22.59 -42.69
CA ARG A 1230 32.82 -22.69 -42.17
C ARG A 1230 32.12 -21.33 -42.15
N SER A 1231 32.83 -20.29 -41.72
CA SER A 1231 32.23 -18.98 -41.52
C SER A 1231 32.35 -18.06 -42.74
N ILE A 1232 32.92 -18.55 -43.84
CA ILE A 1232 33.12 -17.75 -45.04
C ILE A 1232 32.10 -18.19 -46.08
N ARG A 1233 31.37 -17.22 -46.64
CA ARG A 1233 30.35 -17.50 -47.64
C ARG A 1233 30.88 -17.26 -49.04
N THR B 1 0.00 2.73 -24.78
CA THR B 1 1.02 3.53 -24.10
C THR B 1 1.10 4.92 -24.73
N ARG B 2 0.78 5.95 -23.94
CA ARG B 2 0.80 7.32 -24.40
C ARG B 2 1.07 8.23 -23.21
N ARG B 3 1.33 9.50 -23.51
CA ARG B 3 1.65 10.46 -22.47
C ARG B 3 0.43 10.69 -21.57
N PRO B 4 0.55 10.52 -20.26
CA PRO B 4 -0.60 10.81 -19.38
C PRO B 4 -0.97 12.28 -19.42
N ASP B 5 -2.25 12.54 -19.17
CA ASP B 5 -2.73 13.92 -19.17
C ASP B 5 -2.05 14.71 -18.05
N ASN B 6 -1.76 15.98 -18.34
CA ASN B 6 -1.15 16.88 -17.37
C ASN B 6 -2.28 17.69 -16.74
N THR B 7 -2.73 17.23 -15.57
CA THR B 7 -3.83 17.87 -14.85
C THR B 7 -3.47 17.98 -13.38
N ALA B 8 -4.09 18.95 -12.70
CA ALA B 8 -3.76 19.20 -11.30
C ALA B 8 -4.05 17.99 -10.43
N PHE B 9 -5.19 17.33 -10.65
CA PHE B 9 -5.54 16.18 -9.85
C PHE B 9 -4.63 14.99 -10.15
N LYS B 10 -4.44 14.69 -11.44
CA LYS B 10 -3.68 13.51 -11.82
C LYS B 10 -2.22 13.60 -11.37
N GLN B 11 -1.61 14.77 -11.55
CA GLN B 11 -0.19 14.95 -11.25
C GLN B 11 0.06 15.26 -9.78
N GLN B 12 -0.89 14.98 -8.89
CA GLN B 12 -0.71 15.16 -7.47
C GLN B 12 -0.27 16.59 -7.14
N ARG B 13 -0.86 17.56 -7.83
CA ARG B 13 -0.65 18.98 -7.51
C ARG B 13 -2.01 19.68 -7.63
N LEU B 14 -2.75 19.68 -6.53
CA LEU B 14 -4.00 20.43 -6.44
C LEU B 14 -3.80 21.64 -5.53
N PRO B 15 -4.31 22.81 -5.90
CA PRO B 15 -4.18 23.97 -5.01
C PRO B 15 -4.69 23.64 -3.62
N ALA B 16 -3.85 23.92 -2.62
CA ALA B 16 -4.12 23.46 -1.27
C ALA B 16 -3.52 24.41 -0.26
N TRP B 17 -3.93 24.23 1.00
CA TRP B 17 -3.49 25.04 2.12
C TRP B 17 -2.70 24.16 3.08
N GLN B 18 -1.63 24.72 3.66
CA GLN B 18 -0.70 23.98 4.51
C GLN B 18 -0.74 24.57 5.91
N PRO B 19 -1.64 24.08 6.79
CA PRO B 19 -1.77 24.66 8.12
C PRO B 19 -0.78 24.13 9.14
N ILE B 20 0.43 24.69 9.19
CA ILE B 20 1.34 24.36 10.28
C ILE B 20 0.82 24.97 11.57
N LEU B 21 0.80 24.16 12.64
CA LEU B 21 0.25 24.59 13.92
C LEU B 21 1.28 25.46 14.66
N THR B 22 1.57 26.62 14.06
CA THR B 22 2.56 27.52 14.63
C THR B 22 2.13 27.98 16.01
N ALA B 23 3.11 28.31 16.85
CA ALA B 23 2.83 28.73 18.21
C ALA B 23 1.94 29.97 18.27
N GLY B 24 1.89 30.74 17.20
CA GLY B 24 1.02 31.89 17.10
C GLY B 24 -0.35 31.59 16.53
N THR B 25 -0.69 30.32 16.33
CA THR B 25 -1.96 29.94 15.75
C THR B 25 -2.82 29.08 16.66
N VAL B 26 -2.28 28.55 17.75
CA VAL B 26 -3.03 27.73 18.69
C VAL B 26 -3.32 28.47 19.98
N LEU B 27 -2.39 29.31 20.45
CA LEU B 27 -2.68 30.13 21.62
C LEU B 27 -3.90 31.01 21.41
N PRO B 28 -4.09 31.67 20.25
CA PRO B 28 -5.27 32.51 20.08
C PRO B 28 -6.58 31.77 20.29
N ILE B 29 -6.70 30.53 19.80
CA ILE B 29 -7.97 29.81 19.97
C ILE B 29 -8.19 29.47 21.44
N PHE B 30 -7.14 29.10 22.16
CA PHE B 30 -7.29 28.83 23.59
C PHE B 30 -7.79 30.08 24.32
N PHE B 31 -7.14 31.22 24.08
CA PHE B 31 -7.54 32.43 24.78
C PHE B 31 -8.95 32.87 24.40
N ILE B 32 -9.29 32.76 23.10
CA ILE B 32 -10.63 33.14 22.65
C ILE B 32 -11.68 32.26 23.31
N ILE B 33 -11.41 30.94 23.35
CA ILE B 33 -12.37 30.03 23.96
C ILE B 33 -12.55 30.36 25.44
N GLY B 34 -11.46 30.62 26.15
CA GLY B 34 -11.58 30.98 27.55
C GLY B 34 -12.40 32.24 27.75
N LEU B 35 -12.08 33.29 27.00
CA LEU B 35 -12.74 34.57 27.17
C LEU B 35 -14.19 34.55 26.72
N ILE B 36 -14.57 33.61 25.84
CA ILE B 36 -15.96 33.51 25.42
C ILE B 36 -16.76 32.52 26.27
N PHE B 37 -16.08 31.60 26.95
CA PHE B 37 -16.77 30.64 27.80
C PHE B 37 -17.00 31.18 29.21
N ILE B 38 -16.06 31.96 29.75
CA ILE B 38 -16.24 32.49 31.10
C ILE B 38 -17.49 33.35 31.20
N PRO B 39 -17.70 34.37 30.35
CA PRO B 39 -18.92 35.17 30.47
C PRO B 39 -20.20 34.38 30.29
N ILE B 40 -20.21 33.41 29.37
CA ILE B 40 -21.42 32.61 29.17
C ILE B 40 -21.72 31.79 30.42
N GLY B 41 -20.70 31.18 31.02
CA GLY B 41 -20.91 30.45 32.25
C GLY B 41 -21.42 31.34 33.36
N ILE B 42 -20.84 32.53 33.49
CA ILE B 42 -21.30 33.46 34.54
C ILE B 42 -22.77 33.82 34.31
N GLY B 43 -23.12 34.13 33.07
CA GLY B 43 -24.50 34.51 32.79
C GLY B 43 -25.49 33.39 33.05
N ILE B 44 -25.15 32.17 32.62
CA ILE B 44 -26.05 31.04 32.83
C ILE B 44 -26.20 30.76 34.32
N PHE B 45 -25.10 30.81 35.07
CA PHE B 45 -25.19 30.58 36.52
C PHE B 45 -26.04 31.66 37.19
N VAL B 46 -25.87 32.91 36.78
CA VAL B 46 -26.65 34.00 37.37
C VAL B 46 -28.13 33.81 37.07
N THR B 47 -28.46 33.47 35.81
CA THR B 47 -29.86 33.26 35.46
C THR B 47 -30.45 32.09 36.24
N SER B 48 -29.69 31.00 36.39
CA SER B 48 -30.19 29.86 37.14
C SER B 48 -30.43 30.20 38.59
N ASN B 49 -29.52 30.97 39.20
CA ASN B 49 -29.68 31.33 40.61
C ASN B 49 -30.93 32.17 40.84
N ASN B 50 -31.38 32.91 39.83
CA ASN B 50 -32.48 33.84 39.97
C ASN B 50 -33.83 33.23 39.62
N ILE B 51 -33.99 31.92 39.82
CA ILE B 51 -35.23 31.21 39.53
C ILE B 51 -35.73 30.58 40.83
N ARG B 52 -36.99 30.85 41.16
CA ARG B 52 -37.60 30.34 42.38
C ARG B 52 -38.34 29.04 42.06
N GLU B 53 -37.87 27.94 42.62
CA GLU B 53 -38.46 26.62 42.39
C GLU B 53 -38.67 25.94 43.73
N ILE B 54 -39.81 25.25 43.87
CA ILE B 54 -40.13 24.53 45.09
C ILE B 54 -40.52 23.10 44.72
N GLU B 55 -39.85 22.13 45.33
CA GLU B 55 -40.10 20.71 45.08
C GLU B 55 -40.59 20.08 46.37
N ILE B 56 -41.73 19.39 46.29
CA ILE B 56 -42.35 18.75 47.45
C ILE B 56 -42.40 17.26 47.16
N ASP B 57 -41.80 16.46 48.04
CA ASP B 57 -41.79 15.01 47.91
C ASP B 57 -42.91 14.45 48.79
N TYR B 58 -43.88 13.79 48.15
CA TYR B 58 -45.06 13.28 48.85
C TYR B 58 -45.22 11.77 48.70
N THR B 59 -44.13 11.05 48.43
CA THR B 59 -44.24 9.61 48.28
C THR B 59 -44.74 8.95 49.57
N GLY B 60 -44.41 9.54 50.72
CA GLY B 60 -44.87 8.99 51.98
C GLY B 60 -44.15 7.74 52.42
N THR B 61 -42.99 7.44 51.86
CA THR B 61 -42.28 6.22 52.22
C THR B 61 -41.87 6.23 53.69
N GLU B 62 -41.27 7.33 54.14
CA GLU B 62 -40.82 7.40 55.51
C GLU B 62 -41.98 7.79 56.43
N PRO B 63 -42.10 7.17 57.62
CA PRO B 63 -43.21 7.52 58.51
C PRO B 63 -43.14 8.95 59.00
N SER B 64 -44.10 9.37 59.82
CA SER B 64 -44.16 10.73 60.36
C SER B 64 -44.42 11.75 59.26
N SER B 65 -45.06 11.32 58.17
CA SER B 65 -45.49 12.19 57.11
C SER B 65 -46.98 11.99 56.88
N PRO B 66 -47.72 13.05 56.51
CA PRO B 66 -49.17 12.90 56.40
C PRO B 66 -49.61 12.32 55.08
N CYS B 67 -48.90 11.29 54.61
CA CYS B 67 -49.35 10.51 53.47
C CYS B 67 -48.99 9.03 53.60
N ASN B 68 -48.40 8.61 54.71
CA ASN B 68 -48.00 7.21 54.86
C ASN B 68 -49.19 6.27 54.82
N LYS B 69 -50.37 6.75 55.23
CA LYS B 69 -51.54 5.89 55.27
C LYS B 69 -51.88 5.32 53.91
N CYS B 70 -51.42 5.95 52.82
CA CYS B 70 -51.72 5.50 51.47
C CYS B 70 -50.75 4.43 50.97
N LEU B 71 -49.77 4.03 51.78
CA LEU B 71 -48.94 2.90 51.39
C LEU B 71 -49.68 1.57 51.53
N SER B 72 -50.73 1.53 52.35
CA SER B 72 -51.61 0.36 52.47
C SER B 72 -53.05 0.85 52.36
N PRO B 73 -53.45 1.34 51.19
CA PRO B 73 -54.78 1.94 51.04
C PRO B 73 -55.90 0.91 50.96
N ASP B 74 -56.40 0.47 52.12
CA ASP B 74 -57.51 -0.49 52.11
C ASP B 74 -58.66 0.01 51.27
N VAL B 75 -58.93 1.32 51.31
CA VAL B 75 -59.95 1.95 50.49
C VAL B 75 -59.28 2.57 49.28
N THR B 76 -59.83 2.33 48.09
CA THR B 76 -59.18 2.79 46.87
C THR B 76 -58.94 4.30 46.87
N PRO B 77 -59.91 5.15 47.21
CA PRO B 77 -59.63 6.59 47.23
C PRO B 77 -58.88 6.98 48.50
N CYS B 78 -57.60 7.27 48.35
CA CYS B 78 -56.74 7.68 49.45
C CYS B 78 -56.31 9.12 49.23
N PHE B 79 -56.57 9.98 50.21
CA PHE B 79 -56.30 11.40 50.10
C PHE B 79 -55.27 11.82 51.14
N CYS B 80 -54.24 12.53 50.70
CA CYS B 80 -53.25 13.15 51.57
C CYS B 80 -53.36 14.66 51.45
N THR B 81 -52.57 15.37 52.25
CA THR B 81 -52.52 16.82 52.18
C THR B 81 -51.14 17.25 52.66
N ILE B 82 -50.48 18.15 51.91
CA ILE B 82 -49.14 18.60 52.25
C ILE B 82 -49.15 20.11 52.40
N ASN B 83 -48.66 20.59 53.55
CA ASN B 83 -48.60 22.02 53.82
C ASN B 83 -47.19 22.53 53.54
N PHE B 84 -47.08 23.55 52.70
CA PHE B 84 -45.79 24.17 52.41
C PHE B 84 -45.96 25.68 52.36
N THR B 85 -44.85 26.37 52.12
CA THR B 85 -44.84 27.83 52.14
C THR B 85 -44.02 28.37 50.97
N LEU B 86 -44.38 29.57 50.52
CA LEU B 86 -43.61 30.30 49.52
C LEU B 86 -43.17 31.62 50.16
N GLU B 87 -41.87 31.75 50.38
CA GLU B 87 -41.34 32.97 50.99
C GLU B 87 -41.45 34.14 50.03
N LYS B 88 -41.00 33.96 48.79
CA LYS B 88 -41.02 34.99 47.77
C LYS B 88 -42.04 34.64 46.70
N SER B 89 -42.93 35.58 46.41
CA SER B 89 -43.98 35.34 45.42
C SER B 89 -43.36 35.12 44.05
N PHE B 90 -43.95 34.21 43.27
CA PHE B 90 -43.53 33.98 41.91
C PHE B 90 -44.03 35.11 41.01
N GLU B 91 -43.74 35.00 39.72
CA GLU B 91 -44.16 36.01 38.76
C GLU B 91 -44.18 35.38 37.38
N GLY B 92 -45.08 35.86 36.53
CA GLY B 92 -45.22 35.30 35.20
C GLY B 92 -45.86 33.93 35.24
N ASN B 93 -45.80 33.26 34.10
CA ASN B 93 -46.36 31.91 34.00
C ASN B 93 -45.59 30.97 34.93
N VAL B 94 -46.33 30.03 35.54
CA VAL B 94 -45.75 29.06 36.45
C VAL B 94 -46.08 27.67 35.94
N PHE B 95 -45.12 26.76 36.07
CA PHE B 95 -45.25 25.41 35.56
C PHE B 95 -45.25 24.41 36.71
N MET B 96 -46.16 23.44 36.64
CA MET B 96 -46.33 22.42 37.67
C MET B 96 -46.06 21.06 37.04
N TYR B 97 -45.05 20.36 37.54
CA TYR B 97 -44.65 19.07 37.04
C TYR B 97 -44.85 18.00 38.10
N TYR B 98 -45.10 16.78 37.65
CA TYR B 98 -45.00 15.59 38.49
C TYR B 98 -43.78 14.80 38.06
N GLY B 99 -42.94 14.44 39.02
CA GLY B 99 -41.68 13.77 38.74
C GLY B 99 -41.61 12.42 39.42
N LEU B 100 -41.00 11.46 38.73
CA LEU B 100 -40.80 10.12 39.25
C LEU B 100 -39.31 9.81 39.29
N SER B 101 -38.87 9.18 40.37
CA SER B 101 -37.47 8.85 40.59
C SER B 101 -37.33 7.34 40.77
N ASN B 102 -36.27 6.79 40.17
CA ASN B 102 -36.04 5.35 40.11
C ASN B 102 -37.15 4.66 39.31
N PHE B 103 -37.50 5.26 38.18
CA PHE B 103 -38.53 4.76 37.28
C PHE B 103 -37.91 4.62 35.90
N TYR B 104 -37.45 3.42 35.58
CA TYR B 104 -36.74 3.16 34.33
C TYR B 104 -37.74 3.12 33.19
N GLN B 105 -37.98 4.28 32.57
CA GLN B 105 -38.79 4.37 31.37
C GLN B 105 -37.97 4.24 30.10
N ASN B 106 -36.67 4.04 30.21
CA ASN B 106 -35.79 3.82 29.07
C ASN B 106 -35.42 2.35 28.89
N HIS B 107 -36.07 1.45 29.61
CA HIS B 107 -35.81 0.03 29.45
C HIS B 107 -36.19 -0.42 28.04
N ARG B 108 -35.36 -1.29 27.46
CA ARG B 108 -35.64 -1.77 26.10
C ARG B 108 -36.94 -2.55 26.05
N ARG B 109 -37.17 -3.43 27.03
CA ARG B 109 -38.40 -4.20 27.08
C ARG B 109 -39.62 -3.32 27.27
N TYR B 110 -39.43 -2.08 27.71
CA TYR B 110 -40.51 -1.14 27.97
C TYR B 110 -40.69 -0.12 26.86
N VAL B 111 -39.59 0.32 26.25
CA VAL B 111 -39.69 1.34 25.19
C VAL B 111 -40.39 0.77 23.96
N LYS B 112 -40.14 -0.51 23.65
CA LYS B 112 -40.71 -1.10 22.45
C LYS B 112 -42.16 -1.54 22.65
N SER B 113 -42.67 -1.59 23.88
CA SER B 113 -44.03 -2.02 24.12
C SER B 113 -44.99 -0.91 23.71
N ARG B 114 -45.15 -0.72 22.40
CA ARG B 114 -45.91 0.40 21.87
C ARG B 114 -46.37 0.05 20.47
N ASP B 115 -47.43 0.73 20.03
CA ASP B 115 -48.00 0.52 18.69
C ASP B 115 -48.27 1.91 18.09
N ASP B 116 -47.28 2.45 17.40
CA ASP B 116 -47.42 3.76 16.79
C ASP B 116 -48.45 3.77 15.66
N SER B 117 -48.77 2.59 15.10
CA SER B 117 -49.80 2.54 14.07
C SER B 117 -51.19 2.75 14.66
N GLN B 118 -51.49 2.10 15.79
CA GLN B 118 -52.78 2.27 16.42
C GLN B 118 -52.98 3.70 16.91
N LEU B 119 -51.95 4.28 17.52
CA LEU B 119 -52.04 5.64 18.03
C LEU B 119 -52.15 6.68 16.92
N ASN B 120 -51.88 6.30 15.68
CA ASN B 120 -51.99 7.20 14.54
C ASN B 120 -53.41 7.28 13.99
N GLY B 121 -54.35 6.53 14.54
CA GLY B 121 -55.71 6.54 14.07
C GLY B 121 -55.89 5.71 12.81
N ASP B 122 -55.59 4.42 12.90
CA ASP B 122 -55.69 3.51 11.77
C ASP B 122 -56.75 2.47 12.08
N SER B 123 -57.72 2.34 11.17
CA SER B 123 -58.80 1.36 11.36
C SER B 123 -58.24 -0.07 11.37
N SER B 124 -57.31 -0.36 10.45
CA SER B 124 -56.74 -1.70 10.39
C SER B 124 -56.01 -2.05 11.68
N ALA B 125 -55.25 -1.10 12.23
CA ALA B 125 -54.50 -1.35 13.46
C ALA B 125 -55.35 -1.24 14.71
N LEU B 126 -56.47 -0.52 14.65
CA LEU B 126 -57.33 -0.39 15.83
C LEU B 126 -57.74 -1.76 16.35
N LEU B 127 -58.04 -2.70 15.45
CA LEU B 127 -58.21 -4.10 15.77
C LEU B 127 -57.01 -4.88 15.27
N ASN B 128 -56.74 -6.01 15.91
CA ASN B 128 -55.53 -6.77 15.61
C ASN B 128 -54.31 -5.87 15.84
N PRO B 129 -54.04 -5.47 17.08
CA PRO B 129 -52.90 -4.57 17.32
C PRO B 129 -51.58 -5.25 16.99
N SER B 130 -50.52 -4.45 17.05
CA SER B 130 -49.18 -4.96 16.74
C SER B 130 -48.76 -5.99 17.78
N LYS B 131 -47.93 -6.94 17.32
CA LYS B 131 -47.45 -8.01 18.19
C LYS B 131 -46.43 -7.52 19.21
N GLU B 132 -45.91 -6.30 19.06
CA GLU B 132 -44.91 -5.81 19.99
C GLU B 132 -45.48 -5.63 21.39
N CYS B 133 -46.72 -5.13 21.49
CA CYS B 133 -47.38 -4.96 22.78
C CYS B 133 -48.09 -6.24 23.21
N GLU B 134 -47.36 -7.36 23.16
CA GLU B 134 -48.00 -8.65 23.41
C GLU B 134 -48.51 -8.78 24.84
N PRO B 135 -47.76 -8.42 25.89
CA PRO B 135 -48.25 -8.67 27.25
C PRO B 135 -49.59 -8.02 27.54
N TYR B 136 -49.89 -6.89 26.90
CA TYR B 136 -51.14 -6.17 27.06
C TYR B 136 -51.79 -5.94 25.71
N ARG B 137 -51.86 -7.00 24.90
CA ARG B 137 -52.42 -6.91 23.56
C ARG B 137 -53.93 -7.11 23.56
N ARG B 138 -54.40 -8.17 24.22
CA ARG B 138 -55.82 -8.44 24.34
C ARG B 138 -56.13 -8.81 25.78
N ASN B 139 -57.26 -8.32 26.29
CA ASN B 139 -57.58 -8.52 27.70
C ASN B 139 -58.19 -9.90 27.94
N GLU B 140 -59.36 -10.15 27.35
CA GLU B 140 -59.99 -11.47 27.41
C GLU B 140 -60.34 -12.00 26.03
N ASP B 141 -61.06 -11.24 25.22
CA ASP B 141 -61.36 -11.66 23.86
C ASP B 141 -61.31 -10.51 22.87
N LYS B 142 -60.95 -9.30 23.29
CA LYS B 142 -60.99 -8.13 22.44
C LYS B 142 -59.68 -7.36 22.54
N PRO B 143 -59.33 -6.58 21.52
CA PRO B 143 -58.09 -5.81 21.58
C PRO B 143 -58.15 -4.73 22.64
N ILE B 144 -56.98 -4.39 23.17
CA ILE B 144 -56.82 -3.26 24.09
C ILE B 144 -56.45 -2.05 23.25
N ALA B 145 -57.23 -0.98 23.36
CA ALA B 145 -57.06 0.15 22.46
C ALA B 145 -55.67 0.76 22.62
N PRO B 146 -55.31 1.38 23.77
CA PRO B 146 -53.86 1.67 23.94
C PRO B 146 -53.07 0.47 24.44
N CYS B 147 -52.67 -0.40 23.52
CA CYS B 147 -51.91 -1.58 23.92
C CYS B 147 -50.51 -1.17 24.39
N GLY B 148 -49.87 -2.07 25.10
CA GLY B 148 -48.49 -1.91 25.49
C GLY B 148 -48.35 -1.62 26.97
N ALA B 149 -47.13 -1.81 27.47
CA ALA B 149 -46.82 -1.50 28.85
C ALA B 149 -46.70 -0.01 29.10
N ILE B 150 -46.47 0.78 28.06
CA ILE B 150 -46.34 2.23 28.24
C ILE B 150 -47.68 2.84 28.61
N ALA B 151 -48.75 2.42 27.93
CA ALA B 151 -50.06 3.01 28.19
C ALA B 151 -50.61 2.59 29.55
N ASN B 152 -50.45 1.32 29.91
CA ASN B 152 -50.99 0.83 31.17
C ASN B 152 -50.33 1.54 32.35
N SER B 153 -49.00 1.57 32.37
CA SER B 153 -48.26 2.27 33.42
C SER B 153 -48.34 3.78 33.12
N MET B 154 -49.48 4.36 33.48
CA MET B 154 -49.73 5.79 33.29
C MET B 154 -50.03 6.42 34.64
N PHE B 155 -49.57 7.65 34.81
CA PHE B 155 -49.68 8.32 36.11
C PHE B 155 -51.13 8.43 36.53
N ASN B 156 -51.51 7.70 37.59
CA ASN B 156 -52.86 7.73 38.15
C ASN B 156 -52.75 8.47 39.48
N ASP B 157 -52.87 9.80 39.41
CA ASP B 157 -52.79 10.67 40.58
C ASP B 157 -53.32 12.06 40.25
N THR B 158 -54.24 12.57 41.07
CA THR B 158 -54.74 13.92 40.90
C THR B 158 -54.15 14.84 41.95
N LEU B 159 -53.68 16.01 41.52
CA LEU B 159 -53.07 16.99 42.41
C LEU B 159 -53.80 18.32 42.26
N GLU B 160 -54.04 18.98 43.40
CA GLU B 160 -54.69 20.28 43.42
C GLU B 160 -54.02 21.16 44.47
N LEU B 161 -54.07 22.47 44.24
CA LEU B 161 -53.40 23.45 45.08
C LEU B 161 -54.41 24.40 45.68
N PHE B 162 -54.20 24.77 46.95
CA PHE B 162 -55.02 25.77 47.61
C PHE B 162 -54.13 26.74 48.36
N LEU B 163 -54.57 28.00 48.40
CA LEU B 163 -53.85 29.06 49.10
C LEU B 163 -54.55 29.38 50.41
N ILE B 164 -53.79 29.44 51.50
CA ILE B 164 -54.34 29.77 52.81
C ILE B 164 -54.29 31.30 52.94
N GLY B 165 -55.43 31.94 52.74
CA GLY B 165 -55.51 33.38 52.80
C GLY B 165 -55.70 33.89 54.22
N ASN B 166 -55.92 35.20 54.33
CA ASN B 166 -56.14 35.82 55.63
C ASN B 166 -57.48 35.45 56.24
N ASP B 167 -58.39 34.90 55.43
CA ASP B 167 -59.71 34.51 55.91
C ASP B 167 -59.76 33.07 56.43
N SER B 168 -58.62 32.38 56.45
CA SER B 168 -58.56 30.99 56.93
C SER B 168 -59.47 30.08 56.12
N TYR B 169 -59.70 30.42 54.85
CA TYR B 169 -60.51 29.61 53.95
C TYR B 169 -59.66 29.30 52.73
N PRO B 170 -59.41 28.02 52.41
CA PRO B 170 -58.59 27.71 51.24
C PRO B 170 -59.16 28.32 49.97
N ILE B 171 -58.29 28.94 49.19
CA ILE B 171 -58.65 29.55 47.91
C ILE B 171 -58.16 28.63 46.80
N PRO B 172 -59.03 28.09 45.95
CA PRO B 172 -58.55 27.26 44.84
C PRO B 172 -57.76 28.08 43.84
N ILE B 173 -56.84 27.40 43.16
CA ILE B 173 -56.02 27.99 42.11
C ILE B 173 -56.34 27.26 40.81
N ALA B 174 -56.75 28.03 39.80
CA ALA B 174 -57.05 27.44 38.50
C ALA B 174 -55.78 26.87 37.88
N LEU B 175 -55.90 25.68 37.33
CA LEU B 175 -54.80 25.00 36.66
C LEU B 175 -55.23 24.66 35.24
N LYS B 176 -54.47 25.14 34.26
CA LYS B 176 -54.77 24.84 32.86
C LYS B 176 -54.19 23.49 32.48
N LYS B 177 -55.02 22.64 31.88
CA LYS B 177 -54.62 21.29 31.47
C LYS B 177 -54.46 21.18 29.96
N LYS B 178 -54.27 22.30 29.27
CA LYS B 178 -54.11 22.30 27.82
C LYS B 178 -52.81 23.00 27.46
N GLY B 179 -52.28 22.65 26.28
CA GLY B 179 -51.03 23.21 25.81
C GLY B 179 -49.83 22.80 26.64
N ILE B 180 -49.77 21.53 27.04
CA ILE B 180 -48.64 20.99 27.78
C ILE B 180 -47.94 19.87 27.00
N ALA B 181 -48.19 19.79 25.70
CA ALA B 181 -47.60 18.75 24.86
C ALA B 181 -47.12 19.38 23.56
N TRP B 182 -46.20 18.69 22.90
CA TRP B 182 -45.67 19.18 21.64
C TRP B 182 -46.79 19.34 20.62
N TRP B 183 -46.71 20.41 19.83
CA TRP B 183 -47.73 20.64 18.82
C TRP B 183 -47.78 19.50 17.81
N THR B 184 -46.62 19.02 17.36
CA THR B 184 -46.59 17.92 16.40
C THR B 184 -47.18 16.66 17.00
N ASP B 185 -46.87 16.38 18.27
CA ASP B 185 -47.38 15.17 18.91
C ASP B 185 -48.90 15.17 18.93
N LYS B 186 -49.50 16.31 19.30
CA LYS B 186 -50.95 16.37 19.43
C LYS B 186 -51.65 16.47 18.08
N ASN B 187 -51.01 17.09 17.08
CA ASN B 187 -51.66 17.36 15.81
C ASN B 187 -51.23 16.41 14.69
N VAL B 188 -50.13 15.69 14.85
CA VAL B 188 -49.64 14.80 13.80
C VAL B 188 -49.45 13.39 14.35
N LYS B 189 -48.64 13.26 15.40
CA LYS B 189 -48.26 11.94 15.88
C LYS B 189 -49.47 11.15 16.37
N PHE B 190 -50.36 11.79 17.11
CA PHE B 190 -51.50 11.13 17.73
C PHE B 190 -52.80 11.62 17.10
N ARG B 191 -53.69 10.69 16.79
CA ARG B 191 -54.99 11.03 16.23
C ARG B 191 -55.99 9.94 16.57
N ASN B 192 -57.27 10.31 16.61
CA ASN B 192 -58.32 9.37 16.94
C ASN B 192 -58.65 8.48 15.75
N PRO B 193 -59.29 7.34 15.98
CA PRO B 193 -59.67 6.48 14.86
C PRO B 193 -60.60 7.21 13.92
N PRO B 194 -60.50 6.93 12.62
CA PRO B 194 -61.33 7.66 11.65
C PRO B 194 -62.79 7.24 11.72
N GLY B 195 -63.64 8.12 11.22
CA GLY B 195 -65.06 7.82 11.08
C GLY B 195 -65.87 8.20 12.30
N GLY B 196 -67.13 8.55 12.06
CA GLY B 196 -68.06 8.85 13.12
C GLY B 196 -67.84 10.22 13.73
N ASP B 197 -68.80 10.61 14.57
CA ASP B 197 -68.73 11.86 15.33
C ASP B 197 -68.70 11.65 16.83
N ASN B 198 -69.21 10.52 17.32
CA ASN B 198 -69.21 10.22 18.74
C ASN B 198 -68.09 9.24 19.06
N LEU B 199 -67.24 9.61 20.02
CA LEU B 199 -66.13 8.73 20.39
C LEU B 199 -66.63 7.37 20.85
N GLU B 200 -67.85 7.31 21.39
CA GLU B 200 -68.38 6.04 21.88
C GLU B 200 -68.36 4.98 20.79
N GLU B 201 -68.88 5.31 19.62
CA GLU B 201 -68.99 4.32 18.55
C GLU B 201 -67.70 4.17 17.76
N ARG B 202 -66.74 5.09 17.92
CA ARG B 202 -65.48 4.97 17.19
C ARG B 202 -64.69 3.75 17.66
N PHE B 203 -64.51 3.61 18.98
CA PHE B 203 -63.83 2.45 19.54
C PHE B 203 -64.85 1.34 19.82
N LYS B 204 -65.34 0.74 18.74
CA LYS B 204 -66.29 -0.35 18.82
C LYS B 204 -65.55 -1.67 18.71
N GLY B 205 -65.69 -2.52 19.71
CA GLY B 205 -64.99 -3.79 19.75
C GLY B 205 -63.63 -3.74 20.39
N THR B 206 -63.31 -2.68 21.14
CA THR B 206 -62.03 -2.56 21.82
C THR B 206 -62.28 -2.20 23.27
N THR B 207 -61.64 -2.92 24.19
CA THR B 207 -61.81 -2.67 25.61
C THR B 207 -60.82 -1.62 26.08
N LYS B 208 -60.72 -1.43 27.39
CA LYS B 208 -59.77 -0.52 28.01
C LYS B 208 -58.54 -1.28 28.47
N PRO B 209 -57.41 -0.60 28.63
CA PRO B 209 -56.24 -1.27 29.20
C PRO B 209 -56.57 -1.84 30.58
N VAL B 210 -55.98 -3.01 30.87
CA VAL B 210 -56.38 -3.77 32.05
C VAL B 210 -56.25 -2.92 33.32
N ASN B 211 -55.33 -1.96 33.33
CA ASN B 211 -55.10 -1.17 34.54
C ASN B 211 -55.95 0.09 34.60
N TRP B 212 -56.32 0.66 33.45
CA TRP B 212 -57.07 1.91 33.46
C TRP B 212 -58.42 1.72 34.13
N LEU B 213 -58.76 2.64 35.03
CA LEU B 213 -60.04 2.58 35.72
C LEU B 213 -61.20 2.77 34.75
N LYS B 214 -61.07 3.71 33.82
CA LYS B 214 -62.11 4.03 32.86
C LYS B 214 -61.53 3.99 31.45
N PRO B 215 -62.37 3.71 30.44
CA PRO B 215 -61.84 3.57 29.09
C PRO B 215 -61.33 4.88 28.52
N VAL B 216 -60.88 4.84 27.26
CA VAL B 216 -60.36 6.04 26.62
C VAL B 216 -61.45 7.09 26.45
N TYR B 217 -62.72 6.71 26.60
CA TYR B 217 -63.82 7.64 26.35
C TYR B 217 -63.83 8.76 27.37
N MET B 218 -63.78 8.42 28.66
CA MET B 218 -63.98 9.37 29.74
C MET B 218 -62.68 10.01 30.21
N LEU B 219 -61.65 10.01 29.37
CA LEU B 219 -60.40 10.70 29.73
C LEU B 219 -60.65 12.20 29.90
N ASP B 220 -61.47 12.78 29.02
CA ASP B 220 -61.82 14.19 29.12
C ASP B 220 -63.19 14.40 28.49
N SER B 221 -63.95 15.34 29.04
CA SER B 221 -65.27 15.63 28.52
C SER B 221 -65.21 16.42 27.21
N ASP B 222 -64.20 17.26 27.05
CA ASP B 222 -64.07 18.03 25.82
C ASP B 222 -63.84 17.07 24.65
N PRO B 223 -64.51 17.28 23.50
CA PRO B 223 -64.27 16.39 22.35
C PRO B 223 -62.97 16.66 21.63
N ASP B 224 -62.26 17.74 21.97
CA ASP B 224 -60.98 18.07 21.37
C ASP B 224 -59.79 17.67 22.25
N ASN B 225 -60.05 17.08 23.43
CA ASN B 225 -58.98 16.71 24.33
C ASN B 225 -59.23 15.33 24.94
N ASN B 226 -59.90 14.45 24.21
CA ASN B 226 -60.11 13.09 24.65
C ASN B 226 -59.87 12.14 23.49
N GLY B 227 -59.54 10.90 23.82
CA GLY B 227 -59.16 9.93 22.81
C GLY B 227 -57.67 9.64 22.87
N PHE B 228 -57.04 9.54 21.70
CA PHE B 228 -55.58 9.42 21.65
C PHE B 228 -54.89 10.78 21.63
N ILE B 229 -55.64 11.88 21.57
CA ILE B 229 -55.07 13.21 21.58
C ILE B 229 -55.03 13.82 22.98
N ASN B 230 -55.43 13.08 24.00
CA ASN B 230 -55.39 13.60 25.37
C ASN B 230 -53.96 14.00 25.71
N GLU B 231 -53.81 15.21 26.25
CA GLU B 231 -52.47 15.74 26.50
C GLU B 231 -51.83 15.09 27.72
N ASP B 232 -52.62 14.78 28.75
CA ASP B 232 -52.09 14.05 29.89
C ASP B 232 -51.61 12.66 29.48
N PHE B 233 -52.10 12.15 28.35
CA PHE B 233 -51.68 10.86 27.80
C PHE B 233 -50.46 11.01 26.89
N ILE B 234 -50.47 12.03 26.03
CA ILE B 234 -49.34 12.28 25.16
C ILE B 234 -48.08 12.58 25.97
N VAL B 235 -48.23 13.39 27.02
CA VAL B 235 -47.09 13.77 27.83
C VAL B 235 -46.44 12.53 28.45
N TRP B 236 -47.26 11.57 28.89
CA TRP B 236 -46.71 10.36 29.49
C TRP B 236 -46.10 9.45 28.44
N MET B 237 -46.76 9.32 27.28
CA MET B 237 -46.25 8.40 26.27
C MET B 237 -44.87 8.77 25.76
N ARG B 238 -44.47 10.03 25.90
CA ARG B 238 -43.16 10.50 25.45
C ARG B 238 -42.13 10.01 26.47
N THR B 239 -41.57 8.83 26.22
CA THR B 239 -40.70 8.19 27.20
C THR B 239 -39.50 9.08 27.53
N ALA B 240 -39.12 9.08 28.80
CA ALA B 240 -37.98 9.86 29.26
C ALA B 240 -36.68 9.18 28.86
N ALA B 241 -35.56 9.80 29.25
CA ALA B 241 -34.23 9.33 28.88
C ALA B 241 -33.44 8.74 30.04
N LEU B 242 -33.80 9.05 31.27
CA LEU B 242 -33.04 8.59 32.43
C LEU B 242 -33.98 8.11 33.52
N PRO B 243 -33.48 7.43 34.55
CA PRO B 243 -34.39 6.93 35.60
C PRO B 243 -35.21 8.00 36.26
N THR B 244 -34.65 9.20 36.45
CA THR B 244 -35.34 10.31 37.09
C THR B 244 -35.75 11.32 36.01
N PHE B 245 -37.03 11.69 36.00
CA PHE B 245 -37.54 12.59 34.97
C PHE B 245 -38.66 13.43 35.54
N ARG B 246 -38.94 14.53 34.85
CA ARG B 246 -40.05 15.42 35.19
C ARG B 246 -40.93 15.58 33.97
N LYS B 247 -42.23 15.37 34.14
CA LYS B 247 -43.21 15.50 33.07
C LYS B 247 -44.17 16.62 33.39
N LEU B 248 -44.38 17.51 32.43
CA LEU B 248 -45.24 18.66 32.66
C LEU B 248 -46.66 18.20 32.98
N TYR B 249 -47.27 18.84 33.98
CA TYR B 249 -48.60 18.49 34.45
C TYR B 249 -49.60 19.61 34.23
N ARG B 250 -49.31 20.83 34.69
CA ARG B 250 -50.27 21.91 34.63
C ARG B 250 -49.56 23.24 34.42
N LEU B 251 -50.31 24.20 33.89
CA LEU B 251 -49.84 25.57 33.69
C LEU B 251 -50.70 26.50 34.53
N ILE B 252 -50.04 27.37 35.29
CA ILE B 252 -50.72 28.41 36.05
C ILE B 252 -50.40 29.73 35.36
N GLU B 253 -51.44 30.35 34.78
CA GLU B 253 -51.26 31.55 33.99
C GLU B 253 -51.20 32.78 34.89
N ARG B 254 -50.30 33.70 34.57
CA ARG B 254 -50.17 34.92 35.33
C ARG B 254 -51.44 35.75 35.22
N LYS B 255 -51.95 36.21 36.37
CA LYS B 255 -53.13 37.05 36.38
C LYS B 255 -52.85 38.38 35.72
N SER B 256 -53.83 38.89 34.97
CA SER B 256 -53.66 40.19 34.32
C SER B 256 -53.43 41.30 35.34
N ASP B 257 -53.85 41.11 36.58
CA ASP B 257 -53.61 42.11 37.61
C ASP B 257 -52.13 42.15 37.99
N LEU B 258 -51.72 43.28 38.57
CA LEU B 258 -50.33 43.47 38.96
C LEU B 258 -49.89 42.54 40.07
N HIS B 259 -50.81 41.88 40.76
CA HIS B 259 -50.45 41.02 41.88
C HIS B 259 -49.67 39.81 41.37
N PRO B 260 -48.82 39.22 42.21
CA PRO B 260 -48.07 38.04 41.79
C PRO B 260 -49.00 36.88 41.45
N THR B 261 -48.55 36.05 40.51
CA THR B 261 -49.35 34.90 40.11
C THR B 261 -49.56 33.95 41.29
N LEU B 262 -48.51 33.72 42.08
CA LEU B 262 -48.58 32.91 43.30
C LEU B 262 -48.06 33.74 44.45
N PRO B 263 -48.91 34.56 45.08
CA PRO B 263 -48.43 35.42 46.16
C PRO B 263 -47.82 34.62 47.30
N ALA B 264 -46.78 35.18 47.90
CA ALA B 264 -46.08 34.49 48.98
C ALA B 264 -47.02 34.22 50.15
N GLY B 265 -46.85 33.07 50.78
CA GLY B 265 -47.70 32.69 51.89
C GLY B 265 -47.67 31.20 52.17
N ARG B 266 -48.82 30.65 52.55
CA ARG B 266 -48.95 29.23 52.88
C ARG B 266 -49.87 28.54 51.89
N TYR B 267 -49.51 27.32 51.51
CA TYR B 267 -50.22 26.57 50.50
C TYR B 267 -50.43 25.14 50.95
N SER B 268 -51.50 24.53 50.43
CA SER B 268 -51.83 23.14 50.71
C SER B 268 -51.95 22.39 49.39
N LEU B 269 -51.40 21.18 49.36
CA LEU B 269 -51.44 20.30 48.19
C LEU B 269 -52.39 19.15 48.50
N ASN B 270 -53.36 18.95 47.61
CA ASN B 270 -54.44 17.97 47.76
C ASN B 270 -54.18 16.87 46.73
N VAL B 271 -53.58 15.78 47.17
CA VAL B 271 -53.15 14.70 46.28
C VAL B 271 -54.04 13.49 46.52
N THR B 272 -54.59 12.94 45.44
CA THR B 272 -55.33 11.69 45.49
C THR B 272 -54.36 10.56 45.16
N TYR B 273 -53.91 9.85 46.19
CA TYR B 273 -52.87 8.83 46.01
C TYR B 273 -53.46 7.59 45.36
N ASN B 274 -53.09 7.35 44.10
CA ASN B 274 -53.52 6.15 43.38
C ASN B 274 -52.40 5.43 42.65
N TYR B 275 -51.26 6.06 42.39
CA TYR B 275 -50.18 5.46 41.63
C TYR B 275 -49.15 4.87 42.60
N PRO B 276 -48.99 3.55 42.66
CA PRO B 276 -48.01 2.97 43.61
C PRO B 276 -46.62 2.91 43.00
N VAL B 277 -45.63 3.45 43.73
CA VAL B 277 -44.24 3.38 43.33
C VAL B 277 -43.31 2.96 44.46
N HIS B 278 -43.85 2.63 45.63
CA HIS B 278 -43.00 2.32 46.78
C HIS B 278 -42.44 0.89 46.73
N TYR B 279 -42.91 0.05 45.82
CA TYR B 279 -42.44 -1.33 45.79
C TYR B 279 -40.98 -1.41 45.37
N PHE B 280 -40.56 -0.59 44.40
CA PHE B 280 -39.21 -0.63 43.87
C PHE B 280 -38.41 0.62 44.23
N ASP B 281 -38.64 1.17 45.41
CA ASP B 281 -37.87 2.30 45.93
C ASP B 281 -37.98 3.52 45.02
N GLY B 282 -39.11 3.66 44.32
CA GLY B 282 -39.36 4.86 43.55
C GLY B 282 -39.80 6.01 44.44
N ARG B 283 -39.80 7.20 43.85
CA ARG B 283 -40.27 8.38 44.58
C ARG B 283 -41.09 9.27 43.66
N LYS B 284 -42.06 9.96 44.26
CA LYS B 284 -42.95 10.87 43.54
C LYS B 284 -42.78 12.27 44.10
N ARG B 285 -42.67 13.25 43.21
CA ARG B 285 -42.48 14.63 43.61
C ARG B 285 -43.39 15.54 42.79
N MET B 286 -43.72 16.69 43.37
CA MET B 286 -44.41 17.76 42.68
C MET B 286 -43.52 18.99 42.65
N ILE B 287 -43.30 19.55 41.47
CA ILE B 287 -42.36 20.65 41.28
C ILE B 287 -43.11 21.86 40.75
N LEU B 288 -42.95 23.00 41.43
CA LEU B 288 -43.45 24.28 40.97
C LEU B 288 -42.26 25.13 40.56
N SER B 289 -42.24 25.57 39.32
CA SER B 289 -41.12 26.34 38.81
C SER B 289 -41.64 27.55 38.03
N THR B 290 -40.80 28.57 37.92
CA THR B 290 -41.12 29.77 37.17
C THR B 290 -40.36 29.79 35.85
N ILE B 291 -40.81 30.66 34.95
CA ILE B 291 -40.28 30.69 33.59
C ILE B 291 -39.01 31.52 33.56
N SER B 292 -38.06 31.08 32.73
CA SER B 292 -36.84 31.82 32.45
C SER B 292 -36.83 32.21 30.98
N TRP B 293 -36.17 33.32 30.67
CA TRP B 293 -35.99 33.74 29.28
C TRP B 293 -34.73 33.17 28.66
N MET B 294 -34.01 32.30 29.37
CA MET B 294 -32.99 31.42 28.80
C MET B 294 -33.23 30.03 29.38
N GLY B 295 -33.98 29.21 28.66
CA GLY B 295 -34.20 27.84 29.10
C GLY B 295 -34.81 27.79 30.48
N GLY B 296 -34.14 27.11 31.40
CA GLY B 296 -34.59 27.00 32.77
C GLY B 296 -33.43 26.93 33.73
N LYS B 297 -33.65 26.28 34.87
CA LYS B 297 -32.65 26.22 35.94
C LYS B 297 -31.67 25.10 35.65
N ASN B 298 -30.50 25.43 35.12
CA ASN B 298 -29.46 24.46 34.76
C ASN B 298 -28.11 24.94 35.29
N PRO B 299 -27.86 24.78 36.59
CA PRO B 299 -26.54 25.18 37.12
C PRO B 299 -25.37 24.38 36.54
N PHE B 300 -25.63 23.14 36.09
CA PHE B 300 -24.53 22.31 35.61
C PHE B 300 -23.84 22.95 34.41
N LEU B 301 -24.61 23.45 33.45
CA LEU B 301 -24.00 24.05 32.27
C LEU B 301 -23.16 25.27 32.63
N GLY B 302 -23.68 26.11 33.54
CA GLY B 302 -22.91 27.28 33.93
C GLY B 302 -21.60 26.91 34.62
N ILE B 303 -21.67 25.97 35.56
CA ILE B 303 -20.45 25.57 36.26
C ILE B 303 -19.46 24.95 35.30
N ALA B 304 -19.94 24.10 34.39
CA ALA B 304 -19.06 23.47 33.42
C ALA B 304 -18.41 24.50 32.51
N TYR B 305 -19.18 25.50 32.08
CA TYR B 305 -18.59 26.54 31.23
C TYR B 305 -17.53 27.33 31.98
N ILE B 306 -17.79 27.67 33.25
CA ILE B 306 -16.79 28.37 34.04
C ILE B 306 -15.52 27.54 34.12
N ALA B 307 -15.66 26.24 34.45
CA ALA B 307 -14.49 25.39 34.61
C ALA B 307 -13.72 25.24 33.32
N VAL B 308 -14.42 25.06 32.20
CA VAL B 308 -13.75 24.87 30.92
C VAL B 308 -13.04 26.14 30.49
N GLY B 309 -13.66 27.30 30.72
CA GLY B 309 -12.99 28.55 30.40
C GLY B 309 -11.72 28.72 31.21
N SER B 310 -11.79 28.45 32.52
CA SER B 310 -10.60 28.58 33.35
C SER B 310 -9.51 27.61 32.91
N ILE B 311 -9.89 26.37 32.61
CA ILE B 311 -8.90 25.38 32.19
C ILE B 311 -8.28 25.76 30.86
N SER B 312 -9.09 26.30 29.93
CA SER B 312 -8.55 26.72 28.65
C SER B 312 -7.57 27.86 28.82
N PHE B 313 -7.89 28.83 29.67
CA PHE B 313 -6.95 29.92 29.92
C PHE B 313 -5.65 29.40 30.52
N LEU B 314 -5.75 28.51 31.51
CA LEU B 314 -4.56 27.96 32.13
C LEU B 314 -3.73 27.17 31.13
N LEU B 315 -4.39 26.38 30.27
CA LEU B 315 -3.68 25.63 29.24
C LEU B 315 -2.98 26.57 28.27
N GLY B 316 -3.63 27.67 27.89
CA GLY B 316 -2.98 28.64 27.03
C GLY B 316 -1.72 29.19 27.68
N VAL B 317 -1.81 29.55 28.96
CA VAL B 317 -0.64 30.09 29.66
C VAL B 317 0.48 29.05 29.70
N VAL B 318 0.15 27.81 30.05
CA VAL B 318 1.15 26.77 30.17
C VAL B 318 1.80 26.48 28.83
N LEU B 319 1.00 26.43 27.76
CA LEU B 319 1.54 26.19 26.43
C LEU B 319 2.44 27.34 25.99
N LEU B 320 2.07 28.58 26.32
CA LEU B 320 2.96 29.70 26.01
C LEU B 320 4.29 29.56 26.74
N VAL B 321 4.25 29.19 28.01
CA VAL B 321 5.48 29.01 28.77
C VAL B 321 6.34 27.91 28.16
N ILE B 322 5.72 26.78 27.80
CA ILE B 322 6.47 25.68 27.21
C ILE B 322 7.07 26.09 25.87
N ASN B 323 6.30 26.80 25.05
CA ASN B 323 6.81 27.27 23.78
C ASN B 323 8.01 28.18 23.97
N HIS B 324 7.94 29.10 24.94
CA HIS B 324 9.09 29.96 25.21
C HIS B 324 10.29 29.16 25.67
N LYS B 325 10.07 28.15 26.53
CA LYS B 325 11.19 27.42 27.11
C LYS B 325 11.85 26.50 26.09
N TYR B 326 11.10 26.02 25.10
CA TYR B 326 11.63 25.15 24.05
C TYR B 326 11.62 25.85 22.69
N ARG B 327 11.73 27.18 22.68
CA ARG B 327 11.74 27.94 21.44
C ARG B 327 13.11 27.82 20.76
C1 NAG C . -53.98 3.30 37.99
C2 NAG C . -52.80 2.98 38.90
C3 NAG C . -53.32 2.36 40.19
C4 NAG C . -54.44 1.38 39.87
C5 NAG C . -55.61 2.14 39.25
C6 NAG C . -56.72 2.41 40.23
C7 NAG C . -51.60 2.12 36.94
C8 NAG C . -50.64 1.08 36.44
N2 NAG C . -51.88 2.08 38.24
O3 NAG C . -53.80 3.37 41.06
O4 NAG C . -53.90 0.45 38.93
O5 NAG C . -55.18 3.41 38.77
O6 NAG C . -57.13 3.77 40.19
O7 NAG C . -52.09 2.96 36.19
C1 NAG C . -54.57 -0.83 38.69
C2 NAG C . -53.83 -1.91 39.47
C3 NAG C . -54.40 -3.28 39.12
C4 NAG C . -55.92 -3.28 39.36
C5 NAG C . -56.60 -2.08 38.70
C6 NAG C . -58.06 -1.96 39.07
C7 NAG C . -51.45 -2.03 40.14
C8 NAG C . -51.94 -2.26 41.55
N2 NAG C . -52.40 -1.87 39.20
O3 NAG C . -53.75 -4.27 39.90
O4 NAG C . -56.54 -4.44 38.80
O5 NAG C . -55.97 -0.85 39.07
O6 NAG C . -58.68 -0.88 38.38
O7 NAG C . -50.26 -2.00 39.87
C1 BMA C . -55.97 -5.74 39.02
C2 BMA C . -55.95 -6.11 40.51
C3 BMA C . -55.50 -7.56 40.64
C4 BMA C . -56.44 -8.48 39.87
C5 BMA C . -56.46 -8.07 38.39
C6 BMA C . -57.53 -8.83 37.61
O2 BMA C . -57.24 -6.02 41.07
O3 BMA C . -55.43 -7.97 42.01
O4 BMA C . -56.00 -9.83 40.00
O5 BMA C . -56.76 -6.66 38.26
O6 BMA C . -57.89 -8.06 36.47
MG MG D . 18.97 -8.08 -17.71
BE BEF E . 21.25 -9.91 -15.45
F1 BEF E . 22.68 -9.42 -15.62
F2 BEF E . 21.16 -11.48 -15.37
F3 BEF E . 20.38 -9.46 -16.64
CAA Y01 F . -10.20 14.52 28.27
CBA Y01 F . -10.68 15.23 29.54
CAB Y01 F . -9.76 16.42 29.84
CAN Y01 F . -10.65 14.25 30.71
CAJ Y01 F . -12.01 13.57 30.87
CAO Y01 F . -13.00 14.54 31.51
CBB Y01 F . -13.97 13.75 32.41
CAC Y01 F . -13.29 13.58 33.76
CBE Y01 F . -15.30 14.52 32.55
CAP Y01 F . -16.02 14.58 31.18
CAQ Y01 F . -17.54 14.42 31.48
CBG Y01 F . -17.59 14.65 32.99
CBI Y01 F . -16.34 13.87 33.47
CAE Y01 F . -16.41 12.36 33.20
CAU Y01 F . -16.19 14.14 34.96
CAS Y01 F . -17.46 13.67 35.70
CBF Y01 F . -18.71 14.38 35.19
CBD Y01 F . -18.87 14.18 33.67
CAK Y01 F . -20.00 15.11 33.20
CAI Y01 F . -21.23 14.90 34.02
CAZ Y01 F . -21.22 14.40 35.23
CAV Y01 F . -22.56 14.28 35.94
CBH Y01 F . -19.98 13.95 35.93
CAD Y01 F . -20.02 12.43 36.06
CAT Y01 F . -19.96 14.54 37.34
CAR Y01 F . -21.28 14.28 38.08
CBC Y01 F . -22.44 14.92 37.32
OAW Y01 F . -23.66 14.70 38.07
CAY Y01 F . -24.54 15.70 38.22
OAG Y01 F . -24.42 16.73 37.59
CAM Y01 F . -25.69 15.55 39.17
CAL Y01 F . -25.16 15.31 40.58
CAX Y01 F . -26.31 14.95 41.50
OAH Y01 F . -27.39 15.74 41.57
OAF Y01 F . -26.25 13.95 42.18
CAA Y01 G . -9.05 11.83 33.50
CBA Y01 G . -9.58 10.41 33.36
CAB Y01 G . -9.80 10.08 31.89
CAN Y01 G . -10.91 10.29 34.12
CAJ Y01 G . -11.27 8.82 34.33
CAO Y01 G . -12.47 8.73 35.28
CBB Y01 G . -13.48 7.69 34.79
CAC Y01 G . -12.93 6.30 35.11
CBE Y01 G . -14.82 7.92 35.49
CAP Y01 G . -15.44 9.27 35.04
CAQ Y01 G . -16.97 9.05 34.92
CBG Y01 G . -17.15 7.74 35.68
CBI Y01 G . -15.93 6.91 35.15
CAE Y01 G . -15.98 6.66 33.64
CAU Y01 G . -15.91 5.59 35.90
CAS Y01 G . -17.26 4.86 35.69
CBF Y01 G . -18.44 5.70 36.19
CBD Y01 G . -18.48 7.04 35.45
CAK Y01 G . -19.56 7.92 36.08
CAI Y01 G . -20.84 7.18 36.28
CAZ Y01 G . -20.93 5.88 36.29
CAV Y01 G . -22.31 5.29 36.52
CBH Y01 G . -19.77 4.96 36.11
CAD Y01 G . -19.90 4.29 34.73
CAT Y01 G . -19.80 3.84 37.16
CAR Y01 G . -21.19 3.22 37.27
CBC Y01 G . -22.20 4.29 37.68
OAW Y01 G . -23.48 3.69 37.95
CAY Y01 G . -24.34 4.39 38.73
OAG Y01 G . -24.01 5.45 39.19
CAM Y01 G . -25.72 3.85 38.99
CAL Y01 G . -26.48 3.70 37.66
CAX Y01 G . -27.96 3.65 37.93
OAH Y01 G . -28.61 4.74 38.36
OAF Y01 G . -28.56 2.62 37.75
CAA Y01 H . -12.52 -4.97 30.10
CBA Y01 H . -12.99 -5.84 31.27
CAB Y01 H . -13.25 -7.27 30.79
CAN Y01 H . -14.25 -5.27 31.92
CAJ Y01 H . -15.29 -4.85 30.87
CAO Y01 H . -16.70 -5.28 31.30
CBB Y01 H . -17.17 -4.54 32.56
CAC Y01 H . -17.78 -3.21 32.10
CBE Y01 H . -18.20 -5.41 33.29
CAP Y01 H . -17.51 -6.68 33.86
CAQ Y01 H . -18.18 -6.96 35.23
CBG Y01 H . -19.44 -6.08 35.17
CBI Y01 H . -18.87 -4.78 34.52
CAE Y01 H . -17.82 -4.07 35.39
CAU Y01 H . -20.05 -3.87 34.26
CAS Y01 H . -20.77 -3.56 35.58
CBF Y01 H . -21.25 -4.83 36.30
CBD Y01 H . -20.11 -5.84 36.51
CAK Y01 H . -20.72 -7.16 36.96
CAI Y01 H . -21.80 -6.97 38.00
CAZ Y01 H . -22.34 -5.82 38.29
CAV Y01 H . -23.41 -5.80 39.37
CBH Y01 H . -21.94 -4.53 37.62
CAD Y01 H . -21.01 -3.81 38.60
CAT Y01 H . -23.15 -3.62 37.37
CAR Y01 H . -24.10 -3.59 38.56
CBC Y01 H . -24.60 -5.01 38.82
OAW Y01 H . -25.70 -5.02 39.78
CAY Y01 H . -25.79 -4.01 40.65
OAG Y01 H . -25.04 -3.97 41.61
CAM Y01 H . -26.82 -2.93 40.47
CAL Y01 H . -28.17 -3.43 40.97
CAX Y01 H . -28.79 -2.42 41.89
OAH Y01 H . -29.54 -2.82 42.93
OAF Y01 H . -28.63 -1.23 41.70
CAA Y01 I . -8.86 20.32 28.51
CBA Y01 I . -10.37 20.16 28.65
CAB Y01 I . -11.06 21.45 28.19
CAN Y01 I . -10.72 19.89 30.11
CAJ Y01 I . -12.06 19.17 30.19
CAO Y01 I . -12.36 18.77 31.63
CBB Y01 I . -13.81 19.15 31.99
CAC Y01 I . -14.76 18.27 31.17
CBE Y01 I . -14.08 18.92 33.49
CAP Y01 I . -13.11 19.77 34.34
CAQ Y01 I . -13.90 20.28 35.56
CBG Y01 I . -15.19 19.45 35.51
CBI Y01 I . -15.46 19.39 33.98
CAE Y01 I . -15.80 20.75 33.36
CAU Y01 I . -16.62 18.42 33.79
CAS Y01 I . -17.84 18.92 34.56
CBF Y01 I . -17.57 19.12 36.05
CBD Y01 I . -16.37 20.04 36.28
CAK Y01 I . -16.02 20.02 37.76
CAI Y01 I . -17.23 20.35 38.59
CAZ Y01 I . -18.44 20.17 38.18
CAV Y01 I . -19.58 20.55 39.13
CBH Y01 I . -18.79 19.64 36.82
CAD Y01 I . -19.47 20.75 36.01
CAT Y01 I . -19.79 18.49 37.00
CAR Y01 I . -21.01 18.97 37.79
CBC Y01 I . -20.60 19.40 39.20
OAW Y01 I . -21.78 19.88 39.89
CAY Y01 I . -21.96 19.46 41.16
OAG Y01 I . -22.16 18.30 41.40
CAM Y01 I . -21.91 20.46 42.29
CAL Y01 I . -23.34 20.87 42.67
CAX Y01 I . -23.92 21.77 41.62
OAH Y01 I . -24.02 21.34 40.35
OAF Y01 I . -24.29 22.89 41.91
C1 NAG J . -59.15 18.19 49.24
C2 NAG J . -59.80 16.83 49.05
C3 NAG J . -60.41 16.35 50.37
C4 NAG J . -60.95 17.51 51.20
C5 NAG J . -59.86 18.56 51.45
C6 NAG J . -59.33 18.53 52.87
C7 NAG J . -61.49 15.81 47.58
C8 NAG J . -62.49 16.06 46.50
N2 NAG J . -60.82 16.89 48.01
O3 NAG J . -59.43 15.65 51.11
O4 NAG J . -62.03 18.13 50.52
O5 NAG J . -58.75 18.34 50.59
O6 NAG J . -60.37 18.67 53.82
O7 NAG J . -61.29 14.69 48.04
C1 NAG K . -52.15 21.71 57.22
C2 NAG K . -52.38 20.31 57.80
C3 NAG K . -53.83 20.14 58.20
C4 NAG K . -54.27 21.27 59.13
C5 NAG K . -53.97 22.62 58.50
C6 NAG K . -54.25 23.78 59.41
C7 NAG K . -50.81 18.62 56.91
C8 NAG K . -49.86 18.99 58.01
N2 NAG K . -51.98 19.28 56.86
O3 NAG K . -54.01 18.89 58.85
O4 NAG K . -55.67 21.18 59.38
O5 NAG K . -52.58 22.70 58.15
O6 NAG K . -55.45 23.58 60.16
O7 NAG K . -50.54 17.75 56.08
#